data_7YRT
#
_entry.id   7YRT
#
_cell.length_a   212.644
_cell.length_b   49.556
_cell.length_c   146.830
_cell.angle_alpha   90.00
_cell.angle_beta   92.53
_cell.angle_gamma   90.00
#
_symmetry.space_group_name_H-M   'C 1 2 1'
#
loop_
_entity.id
_entity.type
_entity.pdbx_description
1 polymer 'histidine kinase'
2 water water
#
_entity_poly.entity_id   1
_entity_poly.type   'polypeptide(L)'
_entity_poly.pdbx_seq_one_letter_code
;MGSSHHHHHHSSGLVPRGSHMQEQHSHLDSLEDQVERYKQVLDVMPAGVILLDTQGIVREANPEAQRLLDVPLVGEKWYS
VIQIAFAPRDDDGHEISLRNGRKVRLAISASTTGQLILITDLTETRLLQSRISDLQRL
;
_entity_poly.pdbx_strand_id   A,B,C,D,E,F,G,H,I,J,K,L
#
# COMPACT_ATOMS: atom_id res chain seq x y z
N GLN A 24 21.38 3.66 -1.01
CA GLN A 24 21.78 3.67 0.40
C GLN A 24 23.27 3.99 0.62
N HIS A 25 23.57 4.90 1.55
CA HIS A 25 24.95 5.33 1.83
C HIS A 25 25.20 5.60 3.31
N SER A 26 26.47 5.54 3.73
CA SER A 26 26.84 5.94 5.09
C SER A 26 28.20 6.66 5.14
N HIS A 27 28.39 7.54 6.13
CA HIS A 27 29.67 8.28 6.22
C HIS A 27 30.81 7.33 6.59
N LEU A 28 30.45 6.15 7.09
CA LEU A 28 31.43 5.13 7.43
C LEU A 28 31.66 4.14 6.30
N ASP A 29 31.21 4.45 5.10
CA ASP A 29 31.35 3.47 4.01
C ASP A 29 32.80 3.36 3.56
N SER A 30 33.56 4.44 3.79
CA SER A 30 34.97 4.45 3.46
C SER A 30 35.69 5.53 4.24
N LEU A 31 37.01 5.45 4.24
CA LEU A 31 37.84 6.43 4.88
C LEU A 31 37.55 7.80 4.31
N GLU A 32 37.34 7.83 2.99
CA GLU A 32 37.15 9.08 2.26
C GLU A 32 35.78 9.71 2.57
N ASP A 33 34.74 8.89 2.70
CA ASP A 33 33.43 9.43 3.06
C ASP A 33 33.46 9.95 4.49
N GLN A 34 34.33 9.36 5.29
CA GLN A 34 34.40 9.65 6.73
C GLN A 34 34.99 11.02 7.00
N VAL A 35 36.15 11.30 6.41
CA VAL A 35 36.73 12.63 6.49
C VAL A 35 35.75 13.65 6.00
N GLU A 36 35.09 13.31 4.89
CA GLU A 36 34.12 14.18 4.25
C GLU A 36 33.08 14.65 5.26
N ARG A 37 32.45 13.71 5.95
CA ARG A 37 31.43 14.08 6.94
C ARG A 37 32.05 14.86 8.11
N TYR A 38 33.28 14.51 8.52
CA TYR A 38 33.88 15.24 9.65
C TYR A 38 34.21 16.67 9.25
N LYS A 39 34.68 16.87 8.02
CA LYS A 39 34.90 18.22 7.50
C LYS A 39 33.64 19.07 7.57
N GLN A 40 32.49 18.47 7.24
CA GLN A 40 31.22 19.19 7.28
C GLN A 40 30.95 19.64 8.72
N VAL A 41 31.22 18.76 9.67
CA VAL A 41 31.04 19.07 11.07
C VAL A 41 31.89 20.27 11.47
N LEU A 42 33.19 20.22 11.20
CA LEU A 42 34.06 21.37 11.47
C LEU A 42 33.55 22.63 10.80
N ASP A 43 33.16 22.52 9.54
CA ASP A 43 32.69 23.67 8.79
C ASP A 43 31.46 24.35 9.41
N VAL A 44 30.48 23.59 9.88
CA VAL A 44 29.23 24.23 10.34
C VAL A 44 29.13 24.35 11.87
N MET A 45 30.11 23.80 12.57
CA MET A 45 30.20 23.88 14.04
C MET A 45 30.06 25.28 14.56
N PRO A 46 29.15 25.48 15.53
CA PRO A 46 29.04 26.76 16.24
C PRO A 46 30.13 26.95 17.32
N ALA A 47 31.31 26.36 17.10
CA ALA A 47 32.50 26.56 17.94
C ALA A 47 33.72 26.67 17.06
N GLY A 48 34.69 27.50 17.45
CA GLY A 48 35.91 27.60 16.69
C GLY A 48 36.81 26.40 16.91
N VAL A 49 37.52 26.00 15.86
CA VAL A 49 38.46 24.88 15.96
C VAL A 49 39.77 25.28 15.33
N ILE A 50 40.83 25.29 16.14
CA ILE A 50 42.18 25.61 15.67
C ILE A 50 43.01 24.35 15.75
N LEU A 51 43.63 23.97 14.64
CA LEU A 51 44.44 22.77 14.56
C LEU A 51 45.93 23.10 14.39
N LEU A 52 46.73 22.87 15.42
CA LEU A 52 48.17 23.07 15.29
C LEU A 52 48.90 21.79 14.91
N ASP A 53 49.94 21.93 14.11
CA ASP A 53 50.91 20.86 13.91
C ASP A 53 51.91 20.85 15.10
N THR A 54 52.99 20.09 15.00
CA THR A 54 53.82 19.84 16.15
C THR A 54 54.86 20.94 16.34
N GLN A 55 54.92 21.87 15.40
CA GLN A 55 55.74 23.07 15.56
C GLN A 55 54.85 24.25 15.96
N GLY A 56 53.62 23.96 16.36
CA GLY A 56 52.72 25.02 16.79
C GLY A 56 52.31 26.00 15.68
N ILE A 57 52.23 25.49 14.47
CA ILE A 57 51.79 26.28 13.33
C ILE A 57 50.32 25.95 13.04
N VAL A 58 49.51 26.98 12.78
CA VAL A 58 48.10 26.76 12.50
C VAL A 58 47.95 26.12 11.14
N ARG A 59 47.57 24.85 11.13
CA ARG A 59 47.51 24.13 9.86
C ARG A 59 46.09 24.15 9.28
N GLU A 60 45.09 24.16 10.15
CA GLU A 60 43.71 24.33 9.72
C GLU A 60 42.96 25.18 10.73
N ALA A 61 41.96 25.92 10.24
CA ALA A 61 41.10 26.75 11.09
C ALA A 61 39.67 26.84 10.50
N ASN A 62 38.67 26.38 11.25
CA ASN A 62 37.31 26.34 10.73
C ASN A 62 36.67 27.72 10.64
N PRO A 63 35.53 27.85 9.93
CA PRO A 63 35.00 29.21 9.75
C PRO A 63 34.67 29.95 11.07
N GLU A 64 34.18 29.26 12.09
CA GLU A 64 33.82 29.96 13.32
C GLU A 64 35.10 30.52 13.99
N ALA A 65 36.16 29.74 13.98
CA ALA A 65 37.42 30.20 14.53
C ALA A 65 37.87 31.44 13.77
N GLN A 66 37.84 31.31 12.45
CA GLN A 66 38.20 32.42 11.58
C GLN A 66 37.36 33.65 11.84
N ARG A 67 36.09 33.43 12.16
CA ARG A 67 35.17 34.54 12.38
C ARG A 67 35.41 35.21 13.73
N LEU A 68 35.36 34.41 14.79
CA LEU A 68 35.66 34.86 16.15
C LEU A 68 37.00 35.61 16.25
N LEU A 69 38.08 34.96 15.84
CA LEU A 69 39.42 35.53 16.03
C LEU A 69 39.70 36.67 15.04
N ASP A 70 39.29 36.47 13.80
CA ASP A 70 39.29 37.50 12.76
C ASP A 70 40.65 38.07 12.41
N VAL A 71 41.69 37.26 12.53
CA VAL A 71 43.02 37.63 12.08
C VAL A 71 43.50 36.51 11.17
N PRO A 72 44.56 36.76 10.38
CA PRO A 72 45.16 35.69 9.58
C PRO A 72 45.59 34.50 10.44
N LEU A 73 45.13 33.31 10.10
CA LEU A 73 45.35 32.13 10.94
C LEU A 73 46.24 31.06 10.30
N VAL A 74 45.82 30.50 9.17
CA VAL A 74 46.52 29.35 8.59
C VAL A 74 47.94 29.67 8.10
N GLY A 75 48.90 28.83 8.47
CA GLY A 75 50.29 29.05 8.14
C GLY A 75 51.02 29.96 9.11
N GLU A 76 50.32 30.38 10.16
CA GLU A 76 50.88 31.25 11.20
C GLU A 76 51.26 30.48 12.44
N LYS A 77 52.39 30.86 13.05
CA LYS A 77 52.72 30.43 14.40
C LYS A 77 51.57 30.82 15.30
N TRP A 78 51.09 29.86 16.09
CA TRP A 78 50.02 30.17 17.03
C TRP A 78 50.47 31.24 18.03
N TYR A 79 51.71 31.14 18.52
CA TYR A 79 52.19 32.12 19.49
C TYR A 79 52.26 33.51 18.88
N SER A 80 52.36 33.60 17.55
CA SER A 80 52.24 34.88 16.83
C SER A 80 50.79 35.39 16.90
N VAL A 81 49.85 34.54 16.51
CA VAL A 81 48.43 34.86 16.53
C VAL A 81 48.03 35.38 17.90
N ILE A 82 48.58 34.77 18.94
CA ILE A 82 48.18 35.11 20.30
C ILE A 82 48.47 36.59 20.54
N GLN A 83 49.47 37.11 19.84
CA GLN A 83 49.91 38.47 20.12
C GLN A 83 49.03 39.54 19.48
N ILE A 84 48.23 39.15 18.49
CA ILE A 84 47.40 40.13 17.82
C ILE A 84 45.91 39.84 17.98
N ALA A 85 45.55 38.58 18.17
CA ALA A 85 44.12 38.22 18.27
C ALA A 85 43.58 38.50 19.67
N PHE A 86 44.43 38.35 20.68
CA PHE A 86 43.95 38.51 22.05
C PHE A 86 44.37 39.82 22.66
N ALA A 87 43.59 40.25 23.65
CA ALA A 87 43.88 41.46 24.38
C ALA A 87 43.37 41.29 25.81
N PRO A 88 44.13 40.56 26.64
CA PRO A 88 43.65 40.21 27.97
C PRO A 88 43.27 41.42 28.85
N ARG A 89 42.19 41.24 29.61
CA ARG A 89 41.65 42.23 30.52
C ARG A 89 41.64 41.61 31.93
N ASP A 90 41.80 42.44 32.96
CA ASP A 90 41.92 41.89 34.32
C ASP A 90 40.71 41.07 34.73
N ASP A 91 39.53 41.49 34.31
CA ASP A 91 38.29 40.79 34.65
C ASP A 91 37.94 39.60 33.76
N ASP A 92 38.94 38.96 33.14
CA ASP A 92 38.64 37.93 32.14
C ASP A 92 38.22 36.61 32.76
N GLY A 93 38.71 36.33 33.97
CA GLY A 93 38.34 35.11 34.68
C GLY A 93 38.65 33.86 33.89
N HIS A 94 37.64 32.99 33.75
CA HIS A 94 37.80 31.71 33.06
C HIS A 94 37.86 31.89 31.55
N GLU A 95 37.55 33.11 31.11
CA GLU A 95 37.62 33.45 29.68
C GLU A 95 38.85 34.30 29.40
N ILE A 96 39.04 34.60 28.13
CA ILE A 96 40.08 35.52 27.71
C ILE A 96 39.50 36.42 26.64
N SER A 97 39.87 37.71 26.64
CA SER A 97 39.29 38.65 25.68
C SER A 97 40.04 38.74 24.35
N LEU A 98 39.28 38.93 23.27
CA LEU A 98 39.83 39.18 21.94
C LEU A 98 40.02 40.67 21.79
N ARG A 99 40.84 41.09 20.83
CA ARG A 99 41.11 42.51 20.69
C ARG A 99 39.87 43.21 20.19
N ASN A 100 38.96 42.43 19.61
CA ASN A 100 37.73 42.98 19.05
C ASN A 100 36.62 43.10 20.09
N GLY A 101 36.93 42.71 21.33
CA GLY A 101 36.04 42.92 22.45
C GLY A 101 35.34 41.66 22.92
N ARG A 102 35.40 40.61 22.11
CA ARG A 102 34.72 39.38 22.47
C ARG A 102 35.40 38.69 23.63
N LYS A 103 34.62 37.93 24.39
CA LYS A 103 35.15 37.11 25.47
C LYS A 103 34.91 35.66 25.11
N VAL A 104 35.99 34.89 25.04
CA VAL A 104 35.92 33.50 24.60
C VAL A 104 36.56 32.59 25.61
N ARG A 105 36.26 31.31 25.49
CA ARG A 105 36.88 30.32 26.34
C ARG A 105 37.67 29.37 25.47
N LEU A 106 38.93 29.13 25.86
CA LEU A 106 39.78 28.18 25.15
C LEU A 106 39.74 26.83 25.83
N ALA A 107 39.72 25.79 25.02
CA ALA A 107 39.90 24.44 25.50
C ALA A 107 41.00 23.76 24.69
N ILE A 108 42.19 23.74 25.26
CA ILE A 108 43.39 23.25 24.59
C ILE A 108 43.63 21.80 24.97
N SER A 109 43.90 20.95 23.99
CA SER A 109 44.26 19.56 24.27
C SER A 109 45.40 19.13 23.35
N ALA A 110 46.14 18.11 23.78
CA ALA A 110 47.21 17.57 22.97
C ALA A 110 46.66 16.61 21.92
N SER A 111 47.23 16.69 20.72
CA SER A 111 46.91 15.79 19.62
C SER A 111 48.12 14.95 19.34
N THR A 112 47.91 13.78 18.73
CA THR A 112 49.00 12.91 18.33
C THR A 112 49.96 13.60 17.37
N THR A 113 49.43 14.58 16.62
CA THR A 113 50.20 15.25 15.59
C THR A 113 50.19 16.76 15.80
N GLY A 114 49.97 17.20 17.03
CA GLY A 114 50.10 18.61 17.33
C GLY A 114 49.21 19.02 18.49
N GLN A 115 48.35 20.01 18.27
CA GLN A 115 47.42 20.48 19.29
C GLN A 115 46.07 20.89 18.73
N LEU A 116 45.06 20.77 19.57
CA LEU A 116 43.72 21.20 19.24
C LEU A 116 43.24 22.29 20.19
N ILE A 117 42.72 23.37 19.62
CA ILE A 117 42.11 24.42 20.41
C ILE A 117 40.64 24.63 20.07
N LEU A 118 39.78 24.44 21.07
CA LEU A 118 38.38 24.74 20.89
C LEU A 118 38.07 26.07 21.51
N ILE A 119 37.34 26.87 20.77
CA ILE A 119 37.02 28.23 21.17
C ILE A 119 35.52 28.43 21.18
N THR A 120 34.95 28.55 22.37
CA THR A 120 33.53 28.84 22.49
C THR A 120 33.32 30.30 22.89
N ASP A 121 32.37 30.94 22.26
CA ASP A 121 32.12 32.35 22.45
C ASP A 121 31.22 32.53 23.67
N LEU A 122 31.70 33.22 24.68
CA LEU A 122 30.92 33.41 25.89
C LEU A 122 30.54 34.85 26.08
N THR A 123 30.72 35.65 25.04
CA THR A 123 30.35 37.06 25.07
C THR A 123 28.93 37.33 25.58
N GLU A 124 27.95 36.61 25.03
CA GLU A 124 26.54 36.83 25.38
C GLU A 124 26.30 36.46 26.85
N THR A 125 26.72 35.26 27.22
CA THR A 125 26.62 34.77 28.59
C THR A 125 27.19 35.79 29.59
N ARG A 126 28.43 36.23 29.33
CA ARG A 126 29.09 37.18 30.22
C ARG A 126 28.30 38.46 30.32
N LEU A 127 27.83 38.93 29.18
CA LEU A 127 26.97 40.10 29.14
C LEU A 127 25.71 39.92 29.98
N LEU A 128 24.98 38.84 29.70
CA LEU A 128 23.77 38.55 30.47
C LEU A 128 24.12 38.44 31.95
N GLN A 129 25.27 37.84 32.24
CA GLN A 129 25.69 37.71 33.63
C GLN A 129 25.98 39.08 34.23
N SER A 130 26.63 39.95 33.46
CA SER A 130 26.95 41.27 33.97
C SER A 130 25.69 42.07 34.23
N ARG A 131 24.72 41.96 33.33
CA ARG A 131 23.45 42.68 33.48
C ARG A 131 22.81 42.28 34.80
N ILE A 132 22.85 40.98 35.10
CA ILE A 132 22.35 40.47 36.36
C ILE A 132 23.09 41.07 37.55
N SER A 133 24.42 41.07 37.51
CA SER A 133 25.19 41.66 38.61
C SER A 133 24.82 43.13 38.83
N ASP A 134 24.57 43.85 37.74
CA ASP A 134 24.19 45.26 37.83
C ASP A 134 22.79 45.46 38.44
N LEU A 135 21.88 44.51 38.24
CA LEU A 135 20.52 44.67 38.74
C LEU A 135 20.38 44.31 40.21
N GLN A 136 21.25 43.43 40.69
CA GLN A 136 21.19 43.02 42.09
C GLN A 136 21.89 44.02 43.01
N ARG A 137 22.46 45.08 42.42
CA ARG A 137 23.13 46.14 43.19
C ARG A 137 22.22 47.37 43.38
N LEU A 138 21.09 47.37 42.69
CA LEU A 138 20.13 48.45 42.87
C LEU A 138 19.30 48.24 44.14
N GLN B 24 47.32 -21.55 37.90
CA GLN B 24 46.44 -20.90 36.91
C GLN B 24 45.41 -21.86 36.29
N HIS B 25 44.20 -21.34 36.04
CA HIS B 25 43.11 -22.18 35.52
C HIS B 25 42.08 -21.42 34.67
N SER B 26 41.24 -22.19 33.97
CA SER B 26 40.24 -21.66 33.04
C SER B 26 39.13 -22.69 32.82
N HIS B 27 37.92 -22.25 32.47
CA HIS B 27 36.82 -23.18 32.24
C HIS B 27 37.12 -24.06 31.02
N LEU B 28 37.91 -23.51 30.10
CA LEU B 28 38.28 -24.20 28.87
C LEU B 28 39.47 -25.13 29.01
N ASP B 29 39.92 -25.41 30.22
CA ASP B 29 41.06 -26.31 30.40
C ASP B 29 40.72 -27.74 29.97
N SER B 30 39.52 -28.19 30.30
CA SER B 30 39.09 -29.54 30.00
C SER B 30 37.59 -29.57 29.73
N LEU B 31 37.09 -30.72 29.28
CA LEU B 31 35.67 -30.84 29.01
C LEU B 31 34.88 -30.80 30.30
N GLU B 32 35.46 -31.36 31.36
CA GLU B 32 34.81 -31.38 32.68
C GLU B 32 34.77 -29.97 33.32
N ASP B 33 35.86 -29.24 33.22
CA ASP B 33 35.88 -27.85 33.68
C ASP B 33 34.93 -26.97 32.88
N GLN B 34 34.73 -27.33 31.62
CA GLN B 34 33.86 -26.56 30.77
C GLN B 34 32.42 -26.76 31.20
N VAL B 35 32.03 -28.02 31.42
CA VAL B 35 30.62 -28.29 31.71
C VAL B 35 30.29 -27.70 33.07
N GLU B 36 31.26 -27.73 33.98
CA GLU B 36 31.03 -27.22 35.32
C GLU B 36 30.74 -25.72 35.28
N ARG B 37 31.44 -24.98 34.44
CA ARG B 37 31.18 -23.55 34.35
C ARG B 37 29.83 -23.28 33.70
N TYR B 38 29.53 -24.01 32.63
CA TYR B 38 28.30 -23.76 31.89
C TYR B 38 27.13 -24.05 32.80
N LYS B 39 27.25 -25.12 33.57
CA LYS B 39 26.21 -25.49 34.52
C LYS B 39 25.98 -24.35 35.50
N GLN B 40 27.07 -23.77 36.01
CA GLN B 40 26.95 -22.61 36.87
C GLN B 40 26.14 -21.50 36.17
N VAL B 41 26.36 -21.33 34.87
CA VAL B 41 25.67 -20.27 34.12
C VAL B 41 24.16 -20.54 34.14
N LEU B 42 23.79 -21.79 33.85
CA LEU B 42 22.40 -22.21 33.91
C LEU B 42 21.84 -22.02 35.30
N ASP B 43 22.65 -22.38 36.29
CA ASP B 43 22.23 -22.27 37.67
C ASP B 43 21.88 -20.84 38.07
N VAL B 44 22.65 -19.87 37.59
CA VAL B 44 22.47 -18.51 38.15
C VAL B 44 21.82 -17.53 37.18
N MET B 45 21.68 -17.94 35.92
CA MET B 45 20.95 -17.21 34.91
C MET B 45 19.63 -16.62 35.37
N PRO B 46 19.40 -15.34 35.08
CA PRO B 46 18.10 -14.71 35.35
C PRO B 46 17.02 -15.12 34.32
N ALA B 47 17.25 -16.17 33.56
CA ALA B 47 16.26 -16.68 32.61
C ALA B 47 16.01 -18.18 32.78
N GLY B 48 14.76 -18.60 32.60
CA GLY B 48 14.41 -20.00 32.66
C GLY B 48 14.92 -20.81 31.48
N VAL B 49 15.42 -22.00 31.79
CA VAL B 49 15.91 -22.92 30.77
C VAL B 49 15.20 -24.26 30.93
N ILE B 50 14.54 -24.70 29.85
CA ILE B 50 13.93 -26.03 29.83
C ILE B 50 14.62 -26.88 28.81
N LEU B 51 15.11 -28.04 29.22
CA LEU B 51 15.83 -28.91 28.31
C LEU B 51 15.09 -30.23 28.05
N LEU B 52 14.62 -30.40 26.82
CA LEU B 52 13.93 -31.64 26.43
C LEU B 52 14.89 -32.61 25.76
N ASP B 53 14.65 -33.90 25.95
CA ASP B 53 15.26 -34.90 25.09
C ASP B 53 14.40 -35.09 23.82
N THR B 54 14.79 -36.03 22.96
CA THR B 54 14.10 -36.25 21.69
C THR B 54 12.71 -36.84 21.83
N GLN B 55 12.34 -37.20 23.06
CA GLN B 55 11.05 -37.83 23.36
C GLN B 55 10.09 -36.80 23.95
N GLY B 56 10.52 -35.53 23.95
CA GLY B 56 9.70 -34.45 24.45
C GLY B 56 9.52 -34.38 25.95
N ILE B 57 10.42 -35.02 26.69
CA ILE B 57 10.26 -35.03 28.13
C ILE B 57 11.39 -34.21 28.75
N VAL B 58 11.04 -33.49 29.81
CA VAL B 58 11.96 -32.55 30.47
C VAL B 58 13.05 -33.28 31.21
N ARG B 59 14.29 -33.08 30.79
CA ARG B 59 15.40 -33.75 31.44
C ARG B 59 16.15 -32.81 32.39
N GLU B 60 16.01 -31.52 32.17
CA GLU B 60 16.69 -30.57 33.04
C GLU B 60 15.93 -29.28 33.04
N ALA B 61 15.82 -28.66 34.20
CA ALA B 61 15.26 -27.32 34.28
C ALA B 61 16.02 -26.52 35.32
N ASN B 62 16.58 -25.39 34.90
CA ASN B 62 17.40 -24.57 35.78
C ASN B 62 16.51 -23.91 36.85
N PRO B 63 17.13 -23.26 37.85
CA PRO B 63 16.27 -22.76 38.94
C PRO B 63 15.31 -21.63 38.56
N GLU B 64 15.70 -20.73 37.67
CA GLU B 64 14.77 -19.67 37.31
C GLU B 64 13.54 -20.26 36.56
N ALA B 65 13.76 -21.32 35.78
CA ALA B 65 12.64 -22.03 35.15
C ALA B 65 11.71 -22.62 36.20
N GLN B 66 12.30 -23.25 37.21
CA GLN B 66 11.51 -23.89 38.25
C GLN B 66 10.69 -22.85 39.01
N ARG B 67 11.28 -21.68 39.25
CA ARG B 67 10.61 -20.61 39.98
C ARG B 67 9.40 -20.06 39.22
N LEU B 68 9.64 -19.62 37.99
CA LEU B 68 8.57 -19.03 37.14
C LEU B 68 7.39 -19.95 36.91
N LEU B 69 7.67 -21.17 36.48
CA LEU B 69 6.62 -22.13 36.13
C LEU B 69 5.92 -22.71 37.38
N ASP B 70 6.69 -22.99 38.43
CA ASP B 70 6.17 -23.34 39.75
C ASP B 70 5.32 -24.62 39.73
N VAL B 71 5.67 -25.53 38.83
CA VAL B 71 5.06 -26.87 38.80
C VAL B 71 6.18 -27.88 38.61
N PRO B 72 5.90 -29.16 38.91
CA PRO B 72 6.84 -30.25 38.58
C PRO B 72 7.30 -30.23 37.12
N LEU B 73 8.60 -30.39 36.89
CA LEU B 73 9.15 -30.25 35.56
C LEU B 73 9.95 -31.47 35.11
N VAL B 74 11.05 -31.74 35.80
CA VAL B 74 11.95 -32.81 35.39
C VAL B 74 11.24 -34.16 35.45
N GLY B 75 11.34 -34.92 34.35
CA GLY B 75 10.76 -36.24 34.29
C GLY B 75 9.34 -36.17 33.76
N GLU B 76 8.89 -34.96 33.47
CA GLU B 76 7.54 -34.79 32.96
C GLU B 76 7.57 -34.54 31.45
N LYS B 77 6.54 -35.01 30.76
CA LYS B 77 6.41 -34.71 29.35
C LYS B 77 6.13 -33.22 29.23
N TRP B 78 6.85 -32.54 28.35
CA TRP B 78 6.64 -31.11 28.17
C TRP B 78 5.20 -30.77 27.76
N TYR B 79 4.60 -31.55 26.86
CA TYR B 79 3.25 -31.19 26.40
C TYR B 79 2.25 -31.28 27.56
N SER B 80 2.50 -32.18 28.49
CA SER B 80 1.68 -32.28 29.70
C SER B 80 1.93 -31.15 30.70
N VAL B 81 3.15 -30.62 30.75
CA VAL B 81 3.43 -29.48 31.65
C VAL B 81 2.70 -28.24 31.14
N ILE B 82 2.68 -28.08 29.82
CA ILE B 82 2.04 -26.92 29.17
C ILE B 82 0.60 -26.80 29.64
N GLN B 83 0.00 -27.93 29.95
CA GLN B 83 -1.43 -27.95 30.20
C GLN B 83 -1.82 -27.43 31.58
N ILE B 84 -0.87 -27.48 32.52
CA ILE B 84 -1.14 -26.94 33.84
C ILE B 84 -0.34 -25.67 34.12
N ALA B 85 0.81 -25.51 33.46
CA ALA B 85 1.67 -24.37 33.73
C ALA B 85 1.10 -23.08 33.13
N PHE B 86 0.42 -23.22 32.00
CA PHE B 86 0.00 -22.04 31.27
C PHE B 86 -1.50 -21.78 31.35
N ALA B 87 -1.84 -20.52 31.14
CA ALA B 87 -3.22 -20.12 31.03
C ALA B 87 -3.26 -18.96 30.06
N PRO B 88 -3.13 -19.24 28.75
CA PRO B 88 -3.14 -18.18 27.74
C PRO B 88 -4.36 -17.28 27.88
N ARG B 89 -4.12 -15.98 27.85
CA ARG B 89 -5.18 -14.97 27.91
C ARG B 89 -5.15 -14.19 26.59
N ASP B 90 -6.33 -13.77 26.10
CA ASP B 90 -6.44 -13.26 24.74
C ASP B 90 -5.55 -12.04 24.48
N ASP B 91 -5.17 -11.33 25.52
CA ASP B 91 -4.30 -10.18 25.37
C ASP B 91 -2.81 -10.51 25.62
N ASP B 92 -2.38 -11.73 25.31
CA ASP B 92 -1.00 -12.13 25.63
C ASP B 92 0.07 -11.55 24.68
N GLY B 93 -0.30 -11.24 23.44
CA GLY B 93 0.66 -10.72 22.48
C GLY B 93 1.86 -11.63 22.21
N HIS B 94 3.07 -11.08 22.35
CA HIS B 94 4.29 -11.86 22.17
C HIS B 94 4.62 -12.72 23.38
N GLU B 95 3.86 -12.58 24.44
CA GLU B 95 4.11 -13.35 25.65
C GLU B 95 3.07 -14.43 25.77
N ILE B 96 3.11 -15.18 26.86
CA ILE B 96 2.04 -16.11 27.18
C ILE B 96 1.92 -16.20 28.69
N SER B 97 0.69 -16.13 29.19
CA SER B 97 0.48 -16.11 30.62
C SER B 97 0.63 -17.48 31.26
N LEU B 98 1.11 -17.47 32.50
CA LEU B 98 1.18 -18.66 33.31
C LEU B 98 -0.04 -18.71 34.22
N ARG B 99 -0.25 -19.87 34.83
CA ARG B 99 -1.38 -20.08 35.70
C ARG B 99 -1.33 -19.11 36.88
N ASN B 100 -0.11 -18.73 37.27
CA ASN B 100 0.10 -17.85 38.43
C ASN B 100 0.01 -16.37 38.09
N GLY B 101 -0.36 -16.06 36.86
CA GLY B 101 -0.58 -14.69 36.45
C GLY B 101 0.59 -14.04 35.73
N ARG B 102 1.78 -14.62 35.86
CA ARG B 102 2.97 -14.14 35.17
C ARG B 102 2.80 -14.10 33.65
N LYS B 103 3.45 -13.13 33.02
CA LYS B 103 3.52 -13.10 31.56
C LYS B 103 4.96 -13.32 31.11
N VAL B 104 5.21 -14.43 30.44
CA VAL B 104 6.56 -14.77 30.06
C VAL B 104 6.73 -14.88 28.55
N ARG B 105 7.97 -14.76 28.09
CA ARG B 105 8.25 -14.91 26.68
C ARG B 105 9.08 -16.16 26.47
N LEU B 106 8.66 -16.96 25.50
CA LEU B 106 9.27 -18.23 25.20
C LEU B 106 10.14 -18.13 23.96
N ALA B 107 11.34 -18.71 24.03
CA ALA B 107 12.19 -18.78 22.86
C ALA B 107 12.54 -20.23 22.69
N ILE B 108 12.02 -20.84 21.63
CA ILE B 108 12.20 -22.27 21.42
C ILE B 108 13.21 -22.52 20.30
N SER B 109 14.15 -23.42 20.54
CA SER B 109 15.15 -23.81 19.56
C SER B 109 15.32 -25.32 19.49
N ALA B 110 15.52 -25.83 18.29
CA ALA B 110 15.77 -27.24 18.12
C ALA B 110 17.16 -27.56 18.62
N SER B 111 17.30 -28.73 19.22
CA SER B 111 18.61 -29.23 19.63
C SER B 111 18.92 -30.51 18.89
N THR B 112 20.19 -30.89 18.85
CA THR B 112 20.57 -32.15 18.24
C THR B 112 20.04 -33.33 19.06
N THR B 113 19.62 -33.09 20.31
CA THR B 113 19.24 -34.20 21.18
C THR B 113 17.93 -33.93 21.90
N GLY B 114 17.19 -32.96 21.40
CA GLY B 114 15.86 -32.68 21.92
C GLY B 114 15.44 -31.27 21.55
N GLN B 115 15.23 -30.45 22.57
CA GLN B 115 14.73 -29.10 22.37
C GLN B 115 15.13 -28.23 23.54
N LEU B 116 15.26 -26.94 23.26
CA LEU B 116 15.61 -25.98 24.27
C LEU B 116 14.58 -24.87 24.31
N ILE B 117 14.03 -24.59 25.50
CA ILE B 117 13.08 -23.49 25.68
C ILE B 117 13.58 -22.46 26.68
N LEU B 118 13.83 -21.25 26.21
CA LEU B 118 14.18 -20.14 27.10
C LEU B 118 12.90 -19.50 27.61
N ILE B 119 12.89 -19.12 28.88
CA ILE B 119 11.71 -18.51 29.46
C ILE B 119 12.14 -17.21 30.12
N THR B 120 11.51 -16.11 29.72
CA THR B 120 11.88 -14.79 30.18
C THR B 120 10.69 -14.15 30.87
N ASP B 121 10.87 -13.70 32.11
CA ASP B 121 9.79 -13.02 32.82
C ASP B 121 9.65 -11.63 32.21
N LEU B 122 8.43 -11.23 31.96
CA LEU B 122 8.16 -9.95 31.33
C LEU B 122 7.02 -9.28 32.04
N THR B 123 6.60 -9.91 33.13
CA THR B 123 5.52 -9.39 33.94
C THR B 123 5.73 -7.92 34.26
N GLU B 124 6.94 -7.56 34.68
CA GLU B 124 7.23 -6.18 35.09
C GLU B 124 7.21 -5.23 33.89
N THR B 125 7.82 -5.64 32.79
CA THR B 125 7.77 -4.88 31.55
C THR B 125 6.33 -4.60 31.11
N ARG B 126 5.50 -5.64 31.07
CA ARG B 126 4.12 -5.50 30.61
C ARG B 126 3.30 -4.63 31.57
N LEU B 127 3.60 -4.69 32.87
CA LEU B 127 2.88 -3.86 33.85
C LEU B 127 3.24 -2.40 33.69
N LEU B 128 4.50 -2.12 33.37
CA LEU B 128 4.92 -0.75 33.09
C LEU B 128 4.22 -0.21 31.84
N GLN B 129 4.22 -1.01 30.77
CA GLN B 129 3.62 -0.57 29.51
C GLN B 129 2.11 -0.33 29.67
N SER B 130 1.48 -1.18 30.46
CA SER B 130 0.06 -1.06 30.75
C SER B 130 -0.25 0.25 31.48
N ARG B 131 0.55 0.54 32.51
CA ARG B 131 0.47 1.81 33.23
C ARG B 131 0.46 2.99 32.27
N ILE B 132 1.45 2.99 31.38
CA ILE B 132 1.59 4.02 30.36
C ILE B 132 0.33 4.16 29.51
N SER B 133 -0.14 3.03 28.98
CA SER B 133 -1.39 3.02 28.21
C SER B 133 -2.54 3.68 28.98
N ASP B 134 -2.60 3.41 30.29
CA ASP B 134 -3.65 3.98 31.13
C ASP B 134 -3.51 5.49 31.37
N LEU B 135 -2.28 6.00 31.36
CA LEU B 135 -2.08 7.44 31.55
C LEU B 135 -2.59 8.22 30.33
N GLN B 136 -2.45 7.63 29.16
CA GLN B 136 -2.76 8.28 27.89
C GLN B 136 -4.26 8.34 27.56
N ARG B 137 -5.01 7.36 28.05
CA ARG B 137 -6.46 7.32 27.80
C ARG B 137 -7.20 8.39 28.58
N LEU B 138 -6.65 8.82 29.71
CA LEU B 138 -7.29 9.82 30.54
C LEU B 138 -7.56 11.11 29.77
N MET C 21 17.99 37.71 17.79
CA MET C 21 18.92 38.25 16.79
C MET C 21 19.11 37.29 15.62
N GLN C 22 18.79 36.01 15.85
CA GLN C 22 18.93 34.94 14.84
C GLN C 22 18.05 35.13 13.63
N GLU C 23 18.66 35.15 12.44
CA GLU C 23 17.85 35.39 11.24
C GLU C 23 17.27 34.10 10.66
N GLN C 24 15.94 34.05 10.57
CA GLN C 24 15.25 32.86 10.11
C GLN C 24 14.57 33.05 8.78
N HIS C 25 14.27 31.95 8.10
CA HIS C 25 13.67 31.99 6.76
C HIS C 25 12.60 30.91 6.53
N SER C 26 11.72 31.17 5.57
CA SER C 26 10.59 30.30 5.22
C SER C 26 10.28 30.42 3.72
N HIS C 27 9.84 29.34 3.07
CA HIS C 27 9.60 29.42 1.62
C HIS C 27 8.54 30.47 1.29
N LEU C 28 7.66 30.74 2.23
CA LEU C 28 6.62 31.75 2.05
C LEU C 28 7.09 33.20 2.22
N ASP C 29 8.38 33.43 2.49
CA ASP C 29 8.91 34.79 2.69
C ASP C 29 8.75 35.63 1.44
N SER C 30 8.68 34.97 0.29
CA SER C 30 8.75 35.68 -0.97
C SER C 30 8.10 34.88 -2.09
N LEU C 31 7.84 35.55 -3.21
CA LEU C 31 7.40 34.84 -4.38
C LEU C 31 8.53 33.96 -4.89
N GLU C 32 9.71 34.54 -5.08
CA GLU C 32 10.86 33.79 -5.59
C GLU C 32 11.18 32.59 -4.70
N ASP C 33 11.07 32.79 -3.40
CA ASP C 33 11.30 31.71 -2.43
C ASP C 33 10.23 30.64 -2.50
N GLN C 34 8.96 31.05 -2.58
CA GLN C 34 7.86 30.11 -2.75
C GLN C 34 8.08 29.24 -3.99
N VAL C 35 8.47 29.88 -5.08
CA VAL C 35 8.64 29.19 -6.35
C VAL C 35 9.77 28.20 -6.27
N GLU C 36 10.89 28.65 -5.70
CA GLU C 36 12.09 27.83 -5.60
C GLU C 36 11.78 26.54 -4.86
N ARG C 37 11.05 26.70 -3.76
CA ARG C 37 10.68 25.56 -2.95
C ARG C 37 9.74 24.61 -3.67
N TYR C 38 8.75 25.15 -4.40
CA TYR C 38 7.84 24.28 -5.15
C TYR C 38 8.63 23.58 -6.26
N LYS C 39 9.51 24.31 -6.91
CA LYS C 39 10.36 23.72 -7.94
C LYS C 39 11.10 22.48 -7.41
N GLN C 40 11.66 22.60 -6.21
CA GLN C 40 12.34 21.49 -5.55
C GLN C 40 11.41 20.31 -5.28
N VAL C 41 10.15 20.59 -4.93
CA VAL C 41 9.21 19.49 -4.69
C VAL C 41 8.99 18.70 -5.99
N LEU C 42 8.86 19.42 -7.09
CA LEU C 42 8.69 18.76 -8.38
C LEU C 42 9.94 17.99 -8.76
N ASP C 43 11.09 18.55 -8.40
CA ASP C 43 12.33 17.96 -8.82
C ASP C 43 12.53 16.59 -8.19
N VAL C 44 12.10 16.44 -6.95
CA VAL C 44 12.37 15.20 -6.24
C VAL C 44 11.12 14.36 -5.88
N MET C 45 9.92 14.79 -6.29
CA MET C 45 8.74 13.95 -6.01
C MET C 45 8.77 12.63 -6.79
N PRO C 46 8.30 11.55 -6.16
CA PRO C 46 8.24 10.22 -6.77
C PRO C 46 7.01 10.00 -7.67
N ALA C 47 6.48 11.08 -8.22
CA ALA C 47 5.46 11.03 -9.25
C ALA C 47 5.87 11.92 -10.41
N GLY C 48 5.57 11.49 -11.64
CA GLY C 48 5.89 12.25 -12.83
C GLY C 48 4.98 13.46 -13.01
N VAL C 49 5.58 14.57 -13.43
CA VAL C 49 4.79 15.78 -13.64
C VAL C 49 5.06 16.35 -15.02
N ILE C 50 4.01 16.42 -15.83
CA ILE C 50 4.14 16.98 -17.17
C ILE C 50 3.33 18.25 -17.23
N LEU C 51 3.95 19.35 -17.67
CA LEU C 51 3.20 20.60 -17.77
C LEU C 51 3.05 21.08 -19.19
N LEU C 52 1.80 21.14 -19.65
CA LEU C 52 1.54 21.55 -21.02
C LEU C 52 1.15 23.01 -21.06
N ASP C 53 1.48 23.66 -22.17
CA ASP C 53 0.96 25.00 -22.42
C ASP C 53 -0.38 24.86 -23.14
N THR C 54 -1.04 25.97 -23.42
CA THR C 54 -2.37 25.97 -24.02
C THR C 54 -2.42 25.33 -25.42
N GLN C 55 -1.27 24.99 -25.99
CA GLN C 55 -1.21 24.37 -27.31
C GLN C 55 -0.81 22.90 -27.27
N GLY C 56 -0.76 22.29 -26.09
CA GLY C 56 -0.50 20.85 -26.02
C GLY C 56 0.98 20.51 -26.10
N ILE C 57 1.80 21.52 -25.89
CA ILE C 57 3.23 21.34 -25.97
C ILE C 57 3.84 21.29 -24.56
N VAL C 58 4.70 20.30 -24.33
CA VAL C 58 5.34 20.12 -23.05
C VAL C 58 6.36 21.22 -22.85
N ARG C 59 6.09 22.09 -21.89
CA ARG C 59 7.01 23.18 -21.58
C ARG C 59 7.89 22.82 -20.38
N GLU C 60 7.45 21.85 -19.58
CA GLU C 60 8.25 21.40 -18.44
C GLU C 60 7.93 19.95 -18.05
N ALA C 61 8.98 19.17 -17.81
CA ALA C 61 8.78 17.82 -17.27
C ALA C 61 9.78 17.58 -16.14
N ASN C 62 9.29 17.02 -15.03
CA ASN C 62 10.18 16.79 -13.88
C ASN C 62 10.96 15.51 -14.14
N PRO C 63 11.97 15.19 -13.30
CA PRO C 63 12.80 14.01 -13.61
C PRO C 63 12.06 12.67 -13.57
N GLU C 64 11.05 12.52 -12.71
CA GLU C 64 10.28 11.28 -12.69
C GLU C 64 9.50 11.07 -14.00
N ALA C 65 8.94 12.15 -14.55
CA ALA C 65 8.20 12.01 -15.80
C ALA C 65 9.16 11.52 -16.87
N GLN C 66 10.36 12.11 -16.88
CA GLN C 66 11.35 11.74 -17.88
C GLN C 66 11.77 10.30 -17.71
N ARG C 67 11.85 9.85 -16.47
CA ARG C 67 12.35 8.52 -16.18
C ARG C 67 11.32 7.48 -16.60
N LEU C 68 10.08 7.71 -16.19
CA LEU C 68 9.00 6.77 -16.46
C LEU C 68 8.77 6.57 -17.95
N LEU C 69 8.55 7.68 -18.66
CA LEU C 69 8.18 7.63 -20.08
C LEU C 69 9.30 7.30 -21.06
N ASP C 70 10.55 7.52 -20.64
CA ASP C 70 11.74 7.17 -21.42
C ASP C 70 11.82 7.70 -22.86
N VAL C 71 11.07 8.75 -23.21
CA VAL C 71 11.23 9.38 -24.53
C VAL C 71 11.46 10.87 -24.35
N PRO C 72 11.93 11.57 -25.41
CA PRO C 72 11.97 13.04 -25.34
C PRO C 72 10.60 13.64 -24.99
N LEU C 73 10.56 14.43 -23.92
CA LEU C 73 9.33 15.07 -23.46
C LEU C 73 9.31 16.60 -23.74
N VAL C 74 10.28 17.32 -23.18
CA VAL C 74 10.23 18.77 -23.24
C VAL C 74 10.29 19.30 -24.66
N GLY C 75 9.44 20.26 -24.96
CA GLY C 75 9.36 20.82 -26.30
C GLY C 75 8.53 20.01 -27.29
N GLU C 76 8.06 18.83 -26.90
CA GLU C 76 7.27 17.98 -27.79
C GLU C 76 5.78 18.21 -27.66
N LYS C 77 5.05 18.01 -28.75
CA LYS C 77 3.60 17.95 -28.67
C LYS C 77 3.20 16.72 -27.87
N TRP C 78 2.25 16.88 -26.95
CA TRP C 78 1.81 15.75 -26.14
C TRP C 78 1.25 14.61 -26.99
N TYR C 79 0.52 14.95 -28.04
CA TYR C 79 -0.10 13.94 -28.88
C TYR C 79 0.95 13.13 -29.60
N SER C 80 2.09 13.74 -29.92
CA SER C 80 3.23 12.98 -30.46
C SER C 80 3.80 12.04 -29.43
N VAL C 81 3.93 12.56 -28.20
CA VAL C 81 4.55 11.78 -27.12
C VAL C 81 3.73 10.53 -26.84
N ILE C 82 2.41 10.67 -26.97
CA ILE C 82 1.48 9.58 -26.72
C ILE C 82 1.71 8.45 -27.70
N GLN C 83 2.05 8.81 -28.93
CA GLN C 83 2.20 7.87 -30.01
C GLN C 83 3.41 6.99 -29.79
N ILE C 84 4.40 7.53 -29.11
CA ILE C 84 5.67 6.85 -28.98
C ILE C 84 5.80 6.17 -27.62
N ALA C 85 5.32 6.82 -26.57
CA ALA C 85 5.63 6.42 -25.20
C ALA C 85 4.73 5.31 -24.68
N PHE C 86 3.46 5.31 -25.12
CA PHE C 86 2.49 4.34 -24.64
C PHE C 86 2.24 3.20 -25.62
N ALA C 87 1.83 2.08 -25.08
CA ALA C 87 1.44 0.93 -25.90
C ALA C 87 0.23 0.27 -25.27
N PRO C 88 -0.95 0.88 -25.43
CA PRO C 88 -2.21 0.45 -24.83
C PRO C 88 -2.49 -1.04 -24.98
N ARG C 89 -2.80 -1.71 -23.88
CA ARG C 89 -3.29 -3.09 -23.91
C ARG C 89 -4.76 -3.07 -23.53
N ASP C 90 -5.44 -4.18 -23.72
CA ASP C 90 -6.87 -4.19 -23.43
C ASP C 90 -7.15 -4.50 -21.96
N ASP C 91 -6.11 -4.89 -21.23
CA ASP C 91 -6.26 -5.09 -19.81
C ASP C 91 -5.63 -3.96 -18.99
N ASP C 92 -5.54 -2.76 -19.57
CA ASP C 92 -5.01 -1.62 -18.83
C ASP C 92 -6.00 -1.16 -17.75
N GLY C 93 -7.30 -1.16 -18.07
CA GLY C 93 -8.31 -0.67 -17.15
C GLY C 93 -8.16 0.81 -16.83
N HIS C 94 -8.00 1.14 -15.54
CA HIS C 94 -7.75 2.51 -15.08
C HIS C 94 -6.32 2.99 -15.35
N GLU C 95 -5.46 2.07 -15.74
CA GLU C 95 -4.08 2.43 -16.05
C GLU C 95 -3.89 2.49 -17.56
N ILE C 96 -2.69 2.84 -18.00
CA ILE C 96 -2.35 2.74 -19.41
C ILE C 96 -0.92 2.17 -19.57
N SER C 97 -0.75 1.22 -20.47
CA SER C 97 0.54 0.57 -20.59
C SER C 97 1.53 1.45 -21.34
N LEU C 98 2.76 1.46 -20.85
CA LEU C 98 3.89 2.07 -21.55
C LEU C 98 4.53 1.10 -22.54
N ARG C 99 5.28 1.68 -23.47
CA ARG C 99 6.06 0.93 -24.44
C ARG C 99 6.99 -0.05 -23.72
N ASN C 100 7.56 0.42 -22.62
CA ASN C 100 8.52 -0.35 -21.84
C ASN C 100 7.89 -1.27 -20.82
N GLY C 101 6.61 -1.59 -20.96
CA GLY C 101 5.96 -2.60 -20.13
C GLY C 101 5.25 -2.11 -18.87
N ARG C 102 5.74 -1.00 -18.30
CA ARG C 102 5.11 -0.40 -17.14
C ARG C 102 3.63 -0.12 -17.34
N LYS C 103 2.88 -0.19 -16.24
CA LYS C 103 1.51 0.29 -16.22
C LYS C 103 1.44 1.54 -15.33
N VAL C 104 1.03 2.66 -15.90
CA VAL C 104 0.97 3.88 -15.12
C VAL C 104 -0.44 4.43 -15.09
N ARG C 105 -0.71 5.24 -14.07
CA ARG C 105 -1.97 5.95 -13.97
C ARG C 105 -1.73 7.42 -14.26
N LEU C 106 -2.54 7.97 -15.15
CA LEU C 106 -2.50 9.37 -15.53
C LEU C 106 -3.63 10.14 -14.89
N ALA C 107 -3.30 11.21 -14.18
CA ALA C 107 -4.33 12.10 -13.67
C ALA C 107 -4.17 13.41 -14.41
N ILE C 108 -5.14 13.68 -15.29
CA ILE C 108 -5.10 14.83 -16.20
C ILE C 108 -6.03 15.91 -15.72
N SER C 109 -5.53 17.13 -15.63
CA SER C 109 -6.35 18.27 -15.28
C SER C 109 -5.96 19.52 -16.04
N ALA C 110 -6.90 20.46 -16.08
CA ALA C 110 -6.74 21.68 -16.83
C ALA C 110 -6.09 22.72 -15.93
N SER C 111 -5.35 23.62 -16.54
CA SER C 111 -4.67 24.66 -15.80
C SER C 111 -5.03 25.96 -16.47
N THR C 112 -4.85 27.07 -15.76
CA THR C 112 -5.10 28.38 -16.32
C THR C 112 -4.33 28.58 -17.61
N THR C 113 -3.11 28.07 -17.61
CA THR C 113 -2.21 28.25 -18.73
C THR C 113 -1.88 26.92 -19.41
N GLY C 114 -2.79 25.97 -19.39
CA GLY C 114 -2.53 24.71 -20.07
C GLY C 114 -3.17 23.49 -19.44
N GLN C 115 -2.36 22.45 -19.28
CA GLN C 115 -2.83 21.20 -18.72
C GLN C 115 -1.76 20.58 -17.85
N LEU C 116 -2.20 19.89 -16.83
CA LEU C 116 -1.31 19.17 -15.94
C LEU C 116 -1.60 17.68 -16.04
N ILE C 117 -0.51 16.92 -16.06
CA ILE C 117 -0.59 15.47 -16.10
C ILE C 117 0.31 14.89 -15.04
N LEU C 118 -0.31 14.25 -14.05
CA LEU C 118 0.40 13.47 -13.05
C LEU C 118 0.53 12.02 -13.48
N ILE C 119 1.73 11.48 -13.38
CA ILE C 119 1.96 10.11 -13.75
C ILE C 119 2.47 9.34 -12.56
N THR C 120 1.75 8.27 -12.19
CA THR C 120 2.20 7.42 -11.10
C THR C 120 2.32 5.98 -11.60
N ASP C 121 3.43 5.34 -11.23
CA ASP C 121 3.72 3.98 -11.65
C ASP C 121 2.90 3.01 -10.82
N LEU C 122 2.08 2.21 -11.48
CA LEU C 122 1.28 1.22 -10.78
C LEU C 122 1.62 -0.18 -11.18
N THR C 123 2.74 -0.34 -11.89
CA THR C 123 3.23 -1.67 -12.27
C THR C 123 3.26 -2.65 -11.11
N GLU C 124 3.78 -2.21 -9.97
CA GLU C 124 3.94 -3.09 -8.83
C GLU C 124 2.58 -3.45 -8.26
N THR C 125 1.72 -2.44 -8.13
CA THR C 125 0.39 -2.63 -7.58
C THR C 125 -0.41 -3.62 -8.43
N ARG C 126 -0.41 -3.42 -9.74
CA ARG C 126 -1.19 -4.28 -10.63
C ARG C 126 -0.65 -5.71 -10.63
N LEU C 127 0.68 -5.84 -10.63
CA LEU C 127 1.31 -7.15 -10.54
C LEU C 127 0.79 -7.90 -9.31
N LEU C 128 0.75 -7.22 -8.17
CA LEU C 128 0.25 -7.83 -6.95
C LEU C 128 -1.23 -8.18 -7.06
N GLN C 129 -2.03 -7.27 -7.60
CA GLN C 129 -3.45 -7.52 -7.82
C GLN C 129 -3.68 -8.71 -8.75
N SER C 130 -2.76 -8.92 -9.69
CA SER C 130 -2.86 -10.04 -10.62
C SER C 130 -2.54 -11.39 -9.97
N ARG C 131 -1.52 -11.42 -9.10
CA ARG C 131 -1.23 -12.64 -8.33
C ARG C 131 -2.46 -13.05 -7.51
N ILE C 132 -3.09 -12.06 -6.86
CA ILE C 132 -4.28 -12.27 -6.05
C ILE C 132 -5.45 -12.83 -6.87
N SER C 133 -5.58 -12.37 -8.12
CA SER C 133 -6.64 -12.86 -8.98
C SER C 133 -6.37 -14.31 -9.36
N ASP C 134 -5.12 -14.61 -9.69
CA ASP C 134 -4.74 -15.95 -10.09
C ASP C 134 -5.01 -16.97 -9.00
N LEU C 135 -4.70 -16.58 -7.77
CA LEU C 135 -4.92 -17.43 -6.61
C LEU C 135 -6.40 -17.76 -6.41
N GLN C 136 -7.27 -16.80 -6.72
CA GLN C 136 -8.69 -16.92 -6.39
C GLN C 136 -9.53 -17.61 -7.46
N ARG C 137 -8.95 -17.84 -8.63
CA ARG C 137 -9.66 -18.54 -9.69
C ARG C 137 -9.29 -20.02 -9.64
N LEU C 138 -9.46 -20.72 -10.75
CA LEU C 138 -9.26 -22.16 -10.78
C LEU C 138 -8.22 -22.60 -11.83
N MET D 21 -74.17 -2.70 -22.51
CA MET D 21 -73.27 -2.36 -21.41
C MET D 21 -71.96 -3.15 -21.48
N GLN D 22 -70.92 -2.68 -20.78
CA GLN D 22 -69.62 -3.32 -20.86
C GLN D 22 -68.87 -3.33 -19.51
N GLU D 23 -68.79 -4.51 -18.90
CA GLU D 23 -68.22 -4.70 -17.58
C GLU D 23 -66.70 -4.49 -17.58
N GLN D 24 -66.24 -3.36 -17.08
CA GLN D 24 -64.82 -3.05 -17.13
C GLN D 24 -64.09 -3.31 -15.81
N HIS D 25 -62.84 -3.74 -15.92
CA HIS D 25 -62.03 -4.01 -14.74
C HIS D 25 -60.67 -3.35 -14.86
N SER D 26 -59.99 -3.20 -13.72
CA SER D 26 -58.69 -2.58 -13.65
C SER D 26 -57.95 -3.11 -12.43
N HIS D 27 -56.62 -3.08 -12.44
CA HIS D 27 -55.88 -3.68 -11.33
C HIS D 27 -56.08 -2.86 -10.04
N LEU D 28 -56.53 -1.62 -10.18
CA LEU D 28 -56.83 -0.76 -9.03
C LEU D 28 -58.28 -0.87 -8.50
N ASP D 29 -59.00 -1.91 -8.91
CA ASP D 29 -60.39 -2.09 -8.47
C ASP D 29 -60.52 -2.52 -7.01
N SER D 30 -59.44 -3.07 -6.45
CA SER D 30 -59.42 -3.56 -5.09
C SER D 30 -58.00 -3.99 -4.70
N LEU D 31 -57.79 -4.22 -3.40
CA LEU D 31 -56.48 -4.65 -2.91
C LEU D 31 -56.12 -6.02 -3.48
N GLU D 32 -57.13 -6.87 -3.60
CA GLU D 32 -56.96 -8.21 -4.12
C GLU D 32 -56.43 -8.13 -5.54
N ASP D 33 -57.18 -7.43 -6.39
CA ASP D 33 -56.78 -7.23 -7.78
C ASP D 33 -55.41 -6.58 -7.91
N GLN D 34 -55.10 -5.71 -6.95
CA GLN D 34 -53.86 -4.94 -7.02
C GLN D 34 -52.64 -5.80 -6.70
N VAL D 35 -52.76 -6.62 -5.65
CA VAL D 35 -51.68 -7.54 -5.30
C VAL D 35 -51.42 -8.49 -6.47
N GLU D 36 -52.51 -8.94 -7.10
CA GLU D 36 -52.43 -9.90 -8.18
C GLU D 36 -51.55 -9.37 -9.31
N ARG D 37 -51.81 -8.15 -9.71
CA ARG D 37 -51.10 -7.60 -10.85
C ARG D 37 -49.62 -7.34 -10.49
N TYR D 38 -49.35 -6.96 -9.25
CA TYR D 38 -47.96 -6.79 -8.83
C TYR D 38 -47.26 -8.15 -8.76
N LYS D 39 -47.91 -9.11 -8.13
CA LYS D 39 -47.36 -10.47 -8.04
C LYS D 39 -46.96 -10.96 -9.44
N GLN D 40 -47.78 -10.68 -10.44
CA GLN D 40 -47.46 -11.07 -11.81
C GLN D 40 -46.20 -10.38 -12.32
N VAL D 41 -46.01 -9.13 -11.91
CA VAL D 41 -44.83 -8.38 -12.34
C VAL D 41 -43.60 -9.05 -11.79
N LEU D 42 -43.70 -9.44 -10.53
CA LEU D 42 -42.60 -10.10 -9.86
C LEU D 42 -42.28 -11.42 -10.52
N ASP D 43 -43.31 -12.14 -10.96
CA ASP D 43 -43.10 -13.49 -11.43
C ASP D 43 -42.42 -13.52 -12.80
N VAL D 44 -42.63 -12.47 -13.60
CA VAL D 44 -42.09 -12.48 -14.95
C VAL D 44 -40.98 -11.44 -15.23
N MET D 45 -40.73 -10.55 -14.29
CA MET D 45 -39.67 -9.56 -14.49
C MET D 45 -38.28 -10.20 -14.66
N PRO D 46 -37.49 -9.65 -15.60
CA PRO D 46 -36.17 -10.21 -15.94
C PRO D 46 -35.11 -9.95 -14.87
N ALA D 47 -35.52 -9.56 -13.66
CA ALA D 47 -34.58 -9.35 -12.58
C ALA D 47 -34.95 -10.17 -11.34
N GLY D 48 -33.93 -10.59 -10.59
CA GLY D 48 -34.15 -11.30 -9.34
C GLY D 48 -34.72 -10.42 -8.25
N VAL D 49 -35.71 -10.94 -7.54
CA VAL D 49 -36.31 -10.24 -6.42
C VAL D 49 -36.30 -11.18 -5.23
N ILE D 50 -35.67 -10.74 -4.15
CA ILE D 50 -35.58 -11.51 -2.92
C ILE D 50 -36.21 -10.68 -1.80
N LEU D 51 -37.24 -11.22 -1.16
CA LEU D 51 -37.91 -10.47 -0.11
C LEU D 51 -37.62 -11.10 1.26
N LEU D 52 -36.91 -10.35 2.10
CA LEU D 52 -36.60 -10.83 3.44
C LEU D 52 -37.64 -10.35 4.42
N ASP D 53 -37.81 -11.06 5.52
CA ASP D 53 -38.58 -10.50 6.63
C ASP D 53 -37.60 -9.78 7.57
N THR D 54 -38.05 -9.46 8.79
CA THR D 54 -37.24 -8.65 9.68
C THR D 54 -36.20 -9.47 10.48
N GLN D 55 -36.21 -10.79 10.30
CA GLN D 55 -35.20 -11.66 10.89
C GLN D 55 -34.20 -12.07 9.82
N GLY D 56 -34.33 -11.53 8.61
CA GLY D 56 -33.38 -11.82 7.54
C GLY D 56 -33.65 -13.12 6.83
N ILE D 57 -34.86 -13.63 6.97
CA ILE D 57 -35.19 -14.87 6.30
C ILE D 57 -35.93 -14.58 4.97
N VAL D 58 -35.49 -15.27 3.90
CA VAL D 58 -36.16 -15.18 2.61
C VAL D 58 -37.58 -15.67 2.77
N ARG D 59 -38.55 -14.76 2.67
CA ARG D 59 -39.96 -15.14 2.78
C ARG D 59 -40.59 -15.31 1.39
N GLU D 60 -39.96 -14.74 0.37
CA GLU D 60 -40.38 -14.94 -1.02
C GLU D 60 -39.24 -14.64 -1.98
N ALA D 61 -39.15 -15.43 -3.05
CA ALA D 61 -38.21 -15.15 -4.13
C ALA D 61 -38.86 -15.45 -5.49
N ASN D 62 -38.74 -14.54 -6.43
CA ASN D 62 -39.34 -14.70 -7.75
C ASN D 62 -38.54 -15.71 -8.58
N PRO D 63 -39.09 -16.17 -9.71
CA PRO D 63 -38.36 -17.22 -10.44
C PRO D 63 -36.96 -16.80 -10.88
N GLU D 64 -36.78 -15.54 -11.27
CA GLU D 64 -35.48 -15.14 -11.79
C GLU D 64 -34.40 -15.14 -10.68
N ALA D 65 -34.77 -14.73 -9.46
CA ALA D 65 -33.85 -14.83 -8.33
C ALA D 65 -33.41 -16.27 -8.14
N GLN D 66 -34.36 -17.19 -8.22
CA GLN D 66 -34.08 -18.61 -8.02
C GLN D 66 -33.16 -19.12 -9.11
N ARG D 67 -33.29 -18.56 -10.30
CA ARG D 67 -32.54 -19.05 -11.45
C ARG D 67 -31.09 -18.54 -11.39
N LEU D 68 -30.94 -17.29 -10.99
CA LEU D 68 -29.62 -16.68 -10.94
C LEU D 68 -28.74 -17.27 -9.84
N LEU D 69 -29.28 -17.50 -8.63
CA LEU D 69 -28.48 -17.99 -7.52
C LEU D 69 -28.29 -19.52 -7.46
N ASP D 70 -29.27 -20.26 -7.98
CA ASP D 70 -29.21 -21.73 -8.06
C ASP D 70 -29.03 -22.46 -6.73
N VAL D 71 -29.57 -21.93 -5.65
CA VAL D 71 -29.57 -22.63 -4.36
C VAL D 71 -30.97 -22.52 -3.75
N PRO D 72 -31.28 -23.32 -2.71
CA PRO D 72 -32.55 -23.04 -2.05
C PRO D 72 -32.57 -21.64 -1.41
N LEU D 73 -33.61 -20.88 -1.71
CA LEU D 73 -33.74 -19.51 -1.21
C LEU D 73 -34.84 -19.37 -0.17
N VAL D 74 -36.06 -19.75 -0.56
CA VAL D 74 -37.24 -19.54 0.27
C VAL D 74 -37.14 -20.32 1.58
N GLY D 75 -37.44 -19.66 2.67
CA GLY D 75 -37.32 -20.28 3.96
C GLY D 75 -35.95 -20.09 4.55
N GLU D 76 -34.95 -19.78 3.74
CA GLU D 76 -33.56 -19.73 4.24
C GLU D 76 -33.18 -18.38 4.86
N LYS D 77 -32.20 -18.44 5.75
CA LYS D 77 -31.54 -17.25 6.30
C LYS D 77 -30.65 -16.62 5.24
N TRP D 78 -30.78 -15.32 5.02
CA TRP D 78 -30.09 -14.70 3.91
C TRP D 78 -28.57 -14.77 4.06
N TYR D 79 -28.09 -14.54 5.29
CA TYR D 79 -26.66 -14.61 5.59
C TYR D 79 -26.15 -16.03 5.35
N SER D 80 -27.04 -16.99 5.56
CA SER D 80 -26.76 -18.39 5.26
C SER D 80 -26.70 -18.64 3.74
N VAL D 81 -27.55 -17.95 2.98
CA VAL D 81 -27.53 -18.06 1.52
C VAL D 81 -26.26 -17.41 0.96
N ILE D 82 -25.81 -16.34 1.60
CA ILE D 82 -24.61 -15.62 1.19
C ILE D 82 -23.35 -16.52 1.21
N GLN D 83 -23.23 -17.36 2.22
CA GLN D 83 -22.09 -18.27 2.30
C GLN D 83 -22.12 -19.33 1.21
N ILE D 84 -23.29 -19.56 0.64
CA ILE D 84 -23.46 -20.65 -0.30
C ILE D 84 -23.51 -20.18 -1.75
N ALA D 85 -24.23 -19.10 -2.01
CA ALA D 85 -24.49 -18.68 -3.38
C ALA D 85 -23.38 -17.82 -3.94
N PHE D 86 -22.70 -17.08 -3.08
CA PHE D 86 -21.74 -16.09 -3.55
C PHE D 86 -20.29 -16.56 -3.44
N ALA D 87 -19.45 -16.03 -4.33
CA ALA D 87 -18.02 -16.29 -4.25
C ALA D 87 -17.23 -15.03 -4.63
N PRO D 88 -17.16 -14.06 -3.71
CA PRO D 88 -16.54 -12.77 -4.02
C PRO D 88 -15.07 -12.90 -4.43
N ARG D 89 -14.68 -12.11 -5.44
CA ARG D 89 -13.30 -11.98 -5.85
C ARG D 89 -12.87 -10.55 -5.56
N ASP D 90 -11.57 -10.32 -5.39
CA ASP D 90 -11.06 -8.98 -5.14
C ASP D 90 -11.21 -8.06 -6.35
N ASP D 91 -11.38 -8.64 -7.53
CA ASP D 91 -11.60 -7.84 -8.74
C ASP D 91 -13.07 -7.89 -9.18
N ASP D 92 -13.97 -8.04 -8.20
CA ASP D 92 -15.41 -8.02 -8.47
C ASP D 92 -15.87 -6.64 -8.88
N GLY D 93 -15.37 -5.63 -8.17
CA GLY D 93 -15.72 -4.24 -8.45
C GLY D 93 -17.11 -3.89 -7.98
N HIS D 94 -17.95 -3.42 -8.90
CA HIS D 94 -19.34 -3.07 -8.62
C HIS D 94 -20.16 -4.34 -8.41
N GLU D 95 -19.63 -5.44 -8.92
CA GLU D 95 -20.40 -6.66 -8.91
C GLU D 95 -20.01 -7.55 -7.75
N ILE D 96 -20.57 -8.75 -7.76
CA ILE D 96 -20.17 -9.78 -6.85
C ILE D 96 -20.31 -11.11 -7.59
N SER D 97 -19.24 -11.91 -7.56
CA SER D 97 -19.18 -13.17 -8.29
C SER D 97 -20.00 -14.23 -7.58
N LEU D 98 -20.73 -15.02 -8.37
CA LEU D 98 -21.50 -16.14 -7.84
C LEU D 98 -20.70 -17.42 -7.88
N ARG D 99 -21.09 -18.37 -7.04
CA ARG D 99 -20.54 -19.71 -7.06
C ARG D 99 -20.58 -20.31 -8.47
N ASN D 100 -21.66 -20.01 -9.19
CA ASN D 100 -21.89 -20.60 -10.51
C ASN D 100 -21.32 -19.80 -11.66
N GLY D 101 -20.30 -18.98 -11.41
CA GLY D 101 -19.61 -18.27 -12.46
C GLY D 101 -20.21 -16.93 -12.82
N ARG D 102 -21.49 -16.74 -12.51
CA ARG D 102 -22.17 -15.49 -12.85
C ARG D 102 -21.57 -14.29 -12.12
N LYS D 103 -21.76 -13.11 -12.69
CA LYS D 103 -21.50 -11.86 -11.99
C LYS D 103 -22.77 -11.04 -12.00
N VAL D 104 -23.26 -10.72 -10.81
CA VAL D 104 -24.52 -10.02 -10.66
C VAL D 104 -24.31 -8.71 -9.93
N ARG D 105 -25.31 -7.84 -9.99
CA ARG D 105 -25.26 -6.60 -9.25
C ARG D 105 -26.43 -6.54 -8.28
N LEU D 106 -26.15 -6.22 -7.02
CA LEU D 106 -27.17 -6.25 -5.98
C LEU D 106 -27.61 -4.86 -5.59
N ALA D 107 -28.92 -4.64 -5.58
CA ALA D 107 -29.49 -3.40 -5.06
C ALA D 107 -30.30 -3.77 -3.84
N ILE D 108 -29.88 -3.23 -2.70
CA ILE D 108 -30.45 -3.63 -1.42
C ILE D 108 -31.18 -2.46 -0.81
N SER D 109 -32.44 -2.68 -0.45
CA SER D 109 -33.28 -1.63 0.09
C SER D 109 -33.93 -2.09 1.37
N ALA D 110 -34.11 -1.16 2.30
CA ALA D 110 -34.78 -1.48 3.53
C ALA D 110 -36.27 -1.43 3.27
N SER D 111 -36.99 -2.35 3.88
CA SER D 111 -38.43 -2.34 3.77
C SER D 111 -39.00 -2.13 5.15
N THR D 112 -40.22 -1.61 5.16
CA THR D 112 -40.94 -1.41 6.40
C THR D 112 -41.08 -2.73 7.17
N THR D 113 -41.14 -3.84 6.44
CA THR D 113 -41.33 -5.15 7.05
C THR D 113 -40.20 -6.08 6.68
N GLY D 114 -39.02 -5.52 6.43
CA GLY D 114 -37.89 -6.34 6.05
C GLY D 114 -36.86 -5.63 5.20
N GLN D 115 -36.44 -6.31 4.16
CA GLN D 115 -35.32 -5.92 3.32
C GLN D 115 -35.62 -6.38 1.89
N LEU D 116 -35.29 -5.56 0.91
CA LEU D 116 -35.46 -5.95 -0.49
C LEU D 116 -34.14 -6.06 -1.20
N ILE D 117 -33.96 -7.14 -1.94
CA ILE D 117 -32.78 -7.30 -2.78
C ILE D 117 -33.14 -7.52 -4.26
N LEU D 118 -32.76 -6.55 -5.08
CA LEU D 118 -32.91 -6.66 -6.51
C LEU D 118 -31.64 -7.20 -7.13
N ILE D 119 -31.73 -8.33 -7.82
CA ILE D 119 -30.55 -8.90 -8.45
C ILE D 119 -30.57 -8.74 -9.96
N THR D 120 -29.60 -8.00 -10.47
CA THR D 120 -29.38 -7.82 -11.89
C THR D 120 -28.27 -8.73 -12.41
N ASP D 121 -28.55 -9.52 -13.44
CA ASP D 121 -27.53 -10.37 -14.03
C ASP D 121 -26.64 -9.57 -14.97
N LEU D 122 -25.34 -9.68 -14.78
CA LEU D 122 -24.40 -8.95 -15.61
C LEU D 122 -23.46 -9.88 -16.34
N THR D 123 -23.74 -11.18 -16.25
CA THR D 123 -22.91 -12.18 -16.90
C THR D 123 -22.82 -11.90 -18.40
N GLU D 124 -23.97 -11.73 -19.05
CA GLU D 124 -23.98 -11.50 -20.49
C GLU D 124 -23.26 -10.19 -20.86
N THR D 125 -23.45 -9.15 -20.06
CA THR D 125 -22.80 -7.86 -20.31
C THR D 125 -21.29 -7.99 -20.17
N ARG D 126 -20.85 -8.50 -19.02
CA ARG D 126 -19.42 -8.64 -18.73
C ARG D 126 -18.76 -9.52 -19.78
N LEU D 127 -19.51 -10.49 -20.30
CA LEU D 127 -19.01 -11.38 -21.35
C LEU D 127 -18.80 -10.64 -22.66
N LEU D 128 -19.83 -9.92 -23.11
CA LEU D 128 -19.74 -9.15 -24.35
C LEU D 128 -18.54 -8.21 -24.35
N GLN D 129 -18.23 -7.64 -23.19
CA GLN D 129 -17.08 -6.76 -23.05
C GLN D 129 -15.76 -7.49 -23.28
N SER D 130 -15.65 -8.72 -22.77
CA SER D 130 -14.44 -9.50 -22.92
C SER D 130 -14.33 -10.10 -24.32
N ARG D 131 -15.47 -10.36 -24.96
CA ARG D 131 -15.47 -10.85 -26.34
C ARG D 131 -15.17 -9.70 -27.30
N ILE D 132 -15.17 -8.48 -26.78
CA ILE D 132 -14.67 -7.33 -27.52
C ILE D 132 -13.15 -7.28 -27.40
N SER D 133 -12.67 -7.51 -26.18
CA SER D 133 -11.23 -7.53 -25.89
C SER D 133 -10.50 -8.63 -26.64
N ASP D 134 -11.01 -9.85 -26.55
CA ASP D 134 -10.38 -11.01 -27.17
C ASP D 134 -10.49 -10.91 -28.70
N LEU D 135 -11.49 -10.17 -29.17
CA LEU D 135 -11.65 -9.89 -30.59
C LEU D 135 -10.78 -8.71 -31.02
N GLN D 136 -9.86 -8.33 -30.15
CA GLN D 136 -8.90 -7.26 -30.43
C GLN D 136 -7.47 -7.71 -30.18
N ARG D 137 -7.18 -8.97 -30.55
CA ARG D 137 -5.83 -9.51 -30.50
C ARG D 137 -5.64 -10.60 -31.57
N GLN E 22 64.46 14.33 15.01
CA GLN E 22 63.53 15.43 15.28
C GLN E 22 62.43 15.49 14.22
N GLU E 23 61.50 14.55 14.27
CA GLU E 23 60.49 14.48 13.23
C GLU E 23 59.28 15.39 13.52
N GLN E 24 58.73 15.95 12.45
CA GLN E 24 57.63 16.88 12.53
C GLN E 24 56.38 16.28 11.88
N HIS E 25 55.22 16.49 12.50
CA HIS E 25 53.98 15.88 12.05
C HIS E 25 52.85 16.91 11.96
N SER E 26 51.80 16.54 11.22
CA SER E 26 50.68 17.41 10.91
C SER E 26 49.45 16.54 10.69
N HIS E 27 48.26 17.04 11.03
CA HIS E 27 47.06 16.24 10.84
C HIS E 27 46.73 16.10 9.36
N LEU E 28 47.33 16.97 8.55
CA LEU E 28 47.10 16.95 7.11
C LEU E 28 48.13 16.12 6.35
N ASP E 29 48.95 15.37 7.09
CA ASP E 29 50.02 14.57 6.48
C ASP E 29 49.49 13.47 5.58
N SER E 30 48.32 12.96 5.92
CA SER E 30 47.71 11.87 5.20
C SER E 30 46.22 11.84 5.54
N LEU E 31 45.46 11.05 4.80
CA LEU E 31 44.04 10.91 5.10
C LEU E 31 43.89 10.29 6.49
N GLU E 32 44.67 9.24 6.74
CA GLU E 32 44.62 8.52 8.01
C GLU E 32 44.86 9.46 9.21
N ASP E 33 45.79 10.41 9.08
CA ASP E 33 46.05 11.39 10.14
C ASP E 33 44.94 12.43 10.21
N GLN E 34 44.31 12.71 9.07
CA GLN E 34 43.27 13.73 9.02
C GLN E 34 42.09 13.29 9.87
N VAL E 35 41.63 12.05 9.62
CA VAL E 35 40.50 11.48 10.35
C VAL E 35 40.77 11.42 11.84
N GLU E 36 41.99 11.01 12.19
CA GLU E 36 42.43 10.94 13.58
C GLU E 36 42.20 12.24 14.30
N ARG E 37 42.60 13.35 13.68
CA ARG E 37 42.44 14.63 14.34
C ARG E 37 40.97 15.02 14.42
N TYR E 38 40.24 14.77 13.34
CA TYR E 38 38.85 15.21 13.26
C TYR E 38 38.02 14.41 14.24
N LYS E 39 38.32 13.12 14.36
CA LYS E 39 37.69 12.30 15.40
C LYS E 39 37.87 12.94 16.75
N GLN E 40 39.09 13.38 17.06
CA GLN E 40 39.39 13.96 18.37
C GLN E 40 38.50 15.14 18.59
N VAL E 41 38.35 15.97 17.55
CA VAL E 41 37.49 17.16 17.58
C VAL E 41 36.06 16.79 17.95
N LEU E 42 35.52 15.76 17.30
CA LEU E 42 34.16 15.33 17.59
C LEU E 42 34.10 14.87 19.03
N ASP E 43 35.16 14.18 19.44
CA ASP E 43 35.17 13.57 20.75
C ASP E 43 35.08 14.61 21.88
N VAL E 44 35.76 15.75 21.73
CA VAL E 44 35.85 16.69 22.83
C VAL E 44 35.07 18.00 22.65
N MET E 45 34.55 18.25 21.45
CA MET E 45 33.73 19.45 21.24
C MET E 45 32.53 19.53 22.19
N PRO E 46 32.23 20.74 22.69
CA PRO E 46 31.15 21.02 23.64
C PRO E 46 29.76 21.06 22.99
N ALA E 47 29.60 20.39 21.87
CA ALA E 47 28.30 20.28 21.22
C ALA E 47 28.09 18.83 20.81
N GLY E 48 26.84 18.40 20.84
CA GLY E 48 26.52 17.07 20.37
C GLY E 48 26.46 16.99 18.86
N VAL E 49 26.88 15.85 18.33
CA VAL E 49 26.92 15.64 16.90
C VAL E 49 26.23 14.32 16.64
N ILE E 50 25.09 14.35 15.94
CA ILE E 50 24.45 13.13 15.48
C ILE E 50 24.71 12.96 14.00
N LEU E 51 25.33 11.85 13.60
CA LEU E 51 25.49 11.60 12.17
C LEU E 51 24.51 10.52 11.70
N LEU E 52 23.64 10.86 10.76
CA LEU E 52 22.73 9.87 10.19
C LEU E 52 23.24 9.35 8.86
N ASP E 53 22.90 8.10 8.51
CA ASP E 53 23.12 7.65 7.14
C ASP E 53 21.88 8.05 6.29
N THR E 54 21.77 7.54 5.07
CA THR E 54 20.74 8.01 4.14
C THR E 54 19.37 7.38 4.40
N GLN E 55 19.32 6.49 5.38
CA GLN E 55 18.08 5.89 5.84
C GLN E 55 17.72 6.46 7.21
N GLY E 56 18.33 7.58 7.57
CA GLY E 56 17.98 8.23 8.82
C GLY E 56 18.19 7.35 10.06
N ILE E 57 19.25 6.54 10.06
CA ILE E 57 19.63 5.75 11.22
C ILE E 57 20.95 6.26 11.79
N VAL E 58 20.99 6.55 13.09
CA VAL E 58 22.23 7.04 13.72
C VAL E 58 23.36 6.01 13.55
N ARG E 59 24.40 6.41 12.82
CA ARG E 59 25.56 5.55 12.58
C ARG E 59 26.73 6.02 13.44
N GLU E 60 26.61 7.24 13.97
CA GLU E 60 27.61 7.74 14.91
C GLU E 60 27.05 8.92 15.70
N ALA E 61 27.46 9.00 16.97
CA ALA E 61 27.11 10.07 17.90
C ALA E 61 28.33 10.39 18.76
N ASN E 62 28.64 11.67 18.96
CA ASN E 62 29.80 12.02 19.79
C ASN E 62 29.41 11.98 21.26
N PRO E 63 30.42 11.97 22.16
CA PRO E 63 30.17 11.91 23.60
C PRO E 63 29.17 12.95 24.10
N GLU E 64 29.23 14.17 23.59
CA GLU E 64 28.29 15.17 24.08
C GLU E 64 26.84 14.87 23.67
N ALA E 65 26.64 14.32 22.47
CA ALA E 65 25.31 13.92 22.01
C ALA E 65 24.76 12.81 22.90
N GLN E 66 25.61 11.84 23.16
CA GLN E 66 25.27 10.68 23.95
C GLN E 66 24.90 11.11 25.36
N ARG E 67 25.50 12.22 25.83
CA ARG E 67 25.27 12.71 27.19
C ARG E 67 23.95 13.45 27.33
N LEU E 68 23.74 14.44 26.46
CA LEU E 68 22.50 15.20 26.46
C LEU E 68 21.27 14.31 26.22
N LEU E 69 21.32 13.42 25.24
CA LEU E 69 20.15 12.60 24.91
C LEU E 69 19.90 11.40 25.86
N ASP E 70 20.97 10.83 26.42
CA ASP E 70 20.88 9.80 27.46
C ASP E 70 20.12 8.53 27.05
N VAL E 71 19.91 8.34 25.76
CA VAL E 71 19.31 7.09 25.26
C VAL E 71 20.23 6.41 24.25
N PRO E 72 19.99 5.12 23.98
CA PRO E 72 20.74 4.50 22.88
C PRO E 72 20.59 5.31 21.60
N LEU E 73 21.70 5.54 20.92
CA LEU E 73 21.67 6.34 19.70
C LEU E 73 22.10 5.52 18.51
N VAL E 74 23.34 5.06 18.55
CA VAL E 74 23.92 4.34 17.41
C VAL E 74 23.08 3.10 17.06
N GLY E 75 22.58 3.08 15.83
CA GLY E 75 21.79 1.95 15.37
C GLY E 75 20.29 2.22 15.41
N GLU E 76 19.88 3.25 16.14
CA GLU E 76 18.47 3.61 16.23
C GLU E 76 18.01 4.53 15.09
N LYS E 77 16.75 4.39 14.67
CA LYS E 77 16.17 5.36 13.75
C LYS E 77 16.05 6.69 14.48
N TRP E 78 16.49 7.76 13.81
CA TRP E 78 16.41 9.09 14.39
C TRP E 78 15.00 9.45 14.79
N TYR E 79 14.00 8.94 14.07
CA TYR E 79 12.64 9.30 14.42
C TYR E 79 12.23 8.59 15.71
N SER E 80 12.69 7.36 15.92
CA SER E 80 12.51 6.69 17.20
C SER E 80 13.07 7.54 18.34
N VAL E 81 14.31 8.00 18.15
CA VAL E 81 15.01 8.75 19.18
C VAL E 81 14.23 10.01 19.55
N ILE E 82 13.63 10.63 18.54
CA ILE E 82 12.87 11.87 18.73
C ILE E 82 11.70 11.63 19.68
N GLN E 83 11.14 10.43 19.65
CA GLN E 83 9.99 10.13 20.48
C GLN E 83 10.39 9.81 21.92
N ILE E 84 11.63 9.44 22.14
CA ILE E 84 12.04 9.05 23.49
C ILE E 84 12.86 10.15 24.18
N ALA E 85 13.66 10.87 23.41
CA ALA E 85 14.64 11.80 23.96
C ALA E 85 14.18 13.26 24.07
N PHE E 86 13.15 13.63 23.33
CA PHE E 86 12.66 15.00 23.38
C PHE E 86 11.34 15.11 24.11
N ALA E 87 11.10 16.29 24.67
CA ALA E 87 9.85 16.58 25.36
C ALA E 87 9.45 18.04 25.16
N PRO E 88 9.00 18.38 23.94
CA PRO E 88 8.71 19.77 23.57
C PRO E 88 7.64 20.42 24.44
N ARG E 89 7.99 21.56 25.05
CA ARG E 89 7.05 22.36 25.83
C ARG E 89 6.66 23.60 25.04
N ASP E 90 5.48 24.14 25.32
CA ASP E 90 4.96 25.30 24.60
C ASP E 90 5.91 26.50 24.61
N ASP E 91 6.81 26.56 25.60
CA ASP E 91 7.70 27.71 25.75
C ASP E 91 9.12 27.40 25.30
N ASP E 92 9.24 26.65 24.21
CA ASP E 92 10.55 26.26 23.74
C ASP E 92 11.14 27.27 22.76
N GLY E 93 10.30 27.89 21.94
CA GLY E 93 10.75 28.86 20.97
C GLY E 93 11.74 28.28 19.97
N HIS E 94 12.95 28.84 19.97
CA HIS E 94 14.01 28.46 19.02
C HIS E 94 14.73 27.16 19.37
N GLU E 95 14.48 26.65 20.57
CA GLU E 95 15.08 25.41 20.99
C GLU E 95 14.01 24.35 21.26
N ILE E 96 14.45 23.20 21.72
CA ILE E 96 13.54 22.12 22.01
C ILE E 96 13.96 21.48 23.35
N SER E 97 13.00 21.00 24.12
CA SER E 97 13.28 20.51 25.47
C SER E 97 13.53 19.01 25.49
N LEU E 98 14.46 18.58 26.34
CA LEU E 98 14.73 17.15 26.52
C LEU E 98 13.94 16.57 27.69
N ARG E 99 13.95 15.25 27.84
CA ARG E 99 13.39 14.59 29.01
C ARG E 99 13.81 15.30 30.29
N ASN E 100 15.12 15.41 30.50
CA ASN E 100 15.65 15.97 31.73
C ASN E 100 15.35 17.45 31.90
N GLY E 101 14.69 18.05 30.91
CA GLY E 101 14.29 19.44 31.03
C GLY E 101 15.30 20.44 30.48
N ARG E 102 16.44 19.95 29.97
CA ARG E 102 17.38 20.83 29.29
C ARG E 102 16.75 21.42 28.03
N LYS E 103 17.11 22.65 27.68
CA LYS E 103 16.63 23.21 26.44
C LYS E 103 17.79 23.33 25.47
N VAL E 104 17.68 22.66 24.31
CA VAL E 104 18.76 22.60 23.33
C VAL E 104 18.36 23.09 21.93
N ARG E 105 19.34 23.63 21.23
CA ARG E 105 19.14 24.08 19.86
C ARG E 105 19.66 23.05 18.87
N LEU E 106 18.89 22.83 17.78
CA LEU E 106 19.25 21.84 16.78
C LEU E 106 19.63 22.48 15.47
N ALA E 107 20.84 22.19 14.98
CA ALA E 107 21.28 22.64 13.67
C ALA E 107 21.36 21.47 12.69
N ILE E 108 20.36 21.38 11.82
CA ILE E 108 20.20 20.22 10.96
C ILE E 108 20.67 20.49 9.53
N SER E 109 21.65 19.72 9.08
CA SER E 109 22.14 19.91 7.72
C SER E 109 22.11 18.60 6.95
N ALA E 110 22.11 18.71 5.62
CA ALA E 110 22.10 17.53 4.77
C ALA E 110 23.54 17.11 4.51
N SER E 111 23.73 15.82 4.31
CA SER E 111 25.05 15.28 4.05
C SER E 111 25.06 14.50 2.76
N THR E 112 26.26 14.36 2.19
CA THR E 112 26.45 13.56 0.99
C THR E 112 25.91 12.15 1.23
N THR E 113 26.07 11.67 2.46
CA THR E 113 25.73 10.30 2.78
C THR E 113 24.73 10.24 3.92
N GLY E 114 23.93 11.29 4.06
CA GLY E 114 22.88 11.32 5.06
C GLY E 114 22.61 12.71 5.61
N GLN E 115 22.71 12.85 6.94
CA GLN E 115 22.33 14.06 7.65
C GLN E 115 23.18 14.30 8.87
N LEU E 116 23.44 15.56 9.13
CA LEU E 116 24.18 15.95 10.31
C LEU E 116 23.27 16.76 11.21
N ILE E 117 23.29 16.43 12.50
CA ILE E 117 22.55 17.21 13.50
C ILE E 117 23.50 17.68 14.59
N LEU E 118 23.67 18.99 14.71
CA LEU E 118 24.45 19.60 15.78
C LEU E 118 23.51 19.88 16.93
N ILE E 119 23.93 19.58 18.15
CA ILE E 119 23.10 19.83 19.32
C ILE E 119 23.83 20.67 20.34
N THR E 120 23.37 21.91 20.56
CA THR E 120 24.01 22.78 21.53
C THR E 120 23.07 23.11 22.68
N ASP E 121 23.60 23.05 23.90
CA ASP E 121 22.79 23.29 25.10
C ASP E 121 22.60 24.78 25.37
N LEU E 122 21.36 25.20 25.54
CA LEU E 122 21.08 26.61 25.78
C LEU E 122 20.35 26.79 27.09
N THR E 123 20.32 25.74 27.89
CA THR E 123 19.67 25.80 29.20
C THR E 123 20.16 27.00 30.02
N GLU E 124 21.47 27.12 30.23
CA GLU E 124 21.98 28.18 31.09
C GLU E 124 21.68 29.55 30.50
N THR E 125 21.87 29.69 29.20
CA THR E 125 21.60 30.98 28.55
C THR E 125 20.14 31.36 28.75
N ARG E 126 19.25 30.40 28.52
CA ARG E 126 17.81 30.54 28.78
C ARG E 126 17.47 30.92 30.24
N LEU E 127 18.20 30.36 31.20
CA LEU E 127 17.97 30.69 32.60
C LEU E 127 18.39 32.14 32.89
N LEU E 128 19.54 32.53 32.36
CA LEU E 128 20.04 33.88 32.59
C LEU E 128 19.05 34.93 32.12
N GLN E 129 18.45 34.70 30.96
CA GLN E 129 17.53 35.67 30.41
C GLN E 129 16.24 35.74 31.22
N SER E 130 15.74 34.59 31.67
CA SER E 130 14.61 34.53 32.60
C SER E 130 14.90 35.35 33.84
N ARG E 131 16.00 35.00 34.51
CA ARG E 131 16.46 35.69 35.71
C ARG E 131 16.43 37.21 35.52
N ILE E 132 16.99 37.66 34.41
CA ILE E 132 16.98 39.07 34.05
C ILE E 132 15.57 39.65 33.95
N SER E 133 14.66 38.91 33.32
CA SER E 133 13.29 39.40 33.18
C SER E 133 12.61 39.49 34.54
N ASP E 134 12.81 38.47 35.36
CA ASP E 134 12.20 38.42 36.68
C ASP E 134 12.78 39.50 37.59
N LEU E 135 14.08 39.78 37.46
CA LEU E 135 14.72 40.79 38.28
C LEU E 135 14.33 42.20 37.85
N GLN E 136 13.80 42.33 36.63
CA GLN E 136 13.32 43.63 36.14
C GLN E 136 11.89 43.91 36.60
N ARG E 137 11.43 43.18 37.62
CA ARG E 137 10.09 43.36 38.17
C ARG E 137 10.14 43.67 39.67
N GLU F 23 14.81 -44.23 18.11
CA GLU F 23 16.03 -44.16 18.93
C GLU F 23 16.19 -42.80 19.62
N GLN F 24 16.23 -42.80 20.96
CA GLN F 24 16.11 -41.58 21.76
C GLN F 24 17.43 -41.04 22.31
N HIS F 25 17.68 -39.76 22.12
CA HIS F 25 18.88 -39.13 22.68
C HIS F 25 18.50 -38.05 23.68
N SER F 26 19.44 -37.76 24.57
CA SER F 26 19.25 -36.77 25.62
C SER F 26 20.54 -35.99 25.77
N HIS F 27 20.45 -34.73 26.16
CA HIS F 27 21.65 -33.95 26.38
C HIS F 27 22.50 -34.54 27.52
N LEU F 28 21.91 -35.45 28.29
CA LEU F 28 22.58 -36.06 29.42
C LEU F 28 23.14 -37.45 29.12
N ASP F 29 23.10 -37.87 27.87
CA ASP F 29 23.58 -39.21 27.53
C ASP F 29 25.07 -39.38 27.79
N SER F 30 25.79 -38.27 27.71
CA SER F 30 27.22 -38.24 27.90
C SER F 30 27.69 -36.81 28.14
N LEU F 31 28.90 -36.67 28.67
CA LEU F 31 29.50 -35.38 28.90
C LEU F 31 29.52 -34.57 27.59
N GLU F 32 29.84 -35.24 26.50
CA GLU F 32 29.99 -34.58 25.21
C GLU F 32 28.64 -34.03 24.72
N ASP F 33 27.56 -34.77 24.98
CA ASP F 33 26.23 -34.30 24.63
C ASP F 33 25.85 -33.14 25.54
N GLN F 34 26.38 -33.14 26.76
CA GLN F 34 26.02 -32.13 27.76
C GLN F 34 26.50 -30.73 27.37
N VAL F 35 27.81 -30.61 27.12
CA VAL F 35 28.40 -29.35 26.65
C VAL F 35 27.72 -28.82 25.42
N GLU F 36 27.48 -29.72 24.46
CA GLU F 36 26.80 -29.37 23.23
C GLU F 36 25.51 -28.64 23.51
N ARG F 37 24.74 -29.13 24.48
CA ARG F 37 23.46 -28.51 24.78
C ARG F 37 23.64 -27.19 25.51
N TYR F 38 24.59 -27.14 26.43
CA TYR F 38 24.84 -25.98 27.26
C TYR F 38 25.46 -24.85 26.43
N LYS F 39 26.31 -25.23 25.49
CA LYS F 39 26.82 -24.31 24.46
C LYS F 39 25.67 -23.58 23.75
N GLN F 40 24.65 -24.33 23.35
CA GLN F 40 23.52 -23.75 22.63
C GLN F 40 22.75 -22.77 23.53
N VAL F 41 22.61 -23.10 24.82
CA VAL F 41 21.96 -22.19 25.77
C VAL F 41 22.70 -20.86 25.81
N LEU F 42 23.99 -20.91 26.06
CA LEU F 42 24.78 -19.69 26.12
C LEU F 42 24.67 -18.93 24.80
N ASP F 43 24.69 -19.66 23.70
CA ASP F 43 24.61 -19.04 22.38
C ASP F 43 23.31 -18.28 22.11
N VAL F 44 22.18 -18.76 22.63
CA VAL F 44 20.89 -18.13 22.33
C VAL F 44 20.28 -17.34 23.50
N MET F 45 20.91 -17.40 24.67
CA MET F 45 20.49 -16.62 25.85
C MET F 45 20.26 -15.13 25.61
N PRO F 46 19.11 -14.61 26.06
CA PRO F 46 18.80 -13.18 26.04
C PRO F 46 19.47 -12.42 27.20
N ALA F 47 20.53 -12.98 27.74
CA ALA F 47 21.38 -12.27 28.68
C ALA F 47 22.81 -12.46 28.21
N GLY F 48 23.67 -11.48 28.46
CA GLY F 48 25.08 -11.65 28.14
C GLY F 48 25.84 -12.44 29.20
N VAL F 49 26.80 -13.24 28.77
CA VAL F 49 27.59 -14.02 29.71
C VAL F 49 29.06 -13.77 29.47
N ILE F 50 29.77 -13.43 30.53
CA ILE F 50 31.19 -13.18 30.40
C ILE F 50 31.93 -14.17 31.28
N LEU F 51 32.77 -15.00 30.68
CA LEU F 51 33.50 -16.02 31.43
C LEU F 51 34.97 -15.66 31.55
N LEU F 52 35.43 -15.48 32.78
CA LEU F 52 36.84 -15.15 33.03
C LEU F 52 37.63 -16.36 33.52
N ASP F 53 38.93 -16.35 33.26
CA ASP F 53 39.83 -17.30 33.88
C ASP F 53 40.40 -16.70 35.19
N THR F 54 41.29 -17.43 35.83
CA THR F 54 41.82 -16.99 37.12
C THR F 54 42.79 -15.82 36.98
N GLN F 55 43.06 -15.39 35.75
CA GLN F 55 43.86 -14.20 35.51
C GLN F 55 42.96 -13.01 35.24
N GLY F 56 41.65 -13.17 35.42
CA GLY F 56 40.71 -12.11 35.13
C GLY F 56 40.68 -11.71 33.66
N ILE F 57 40.88 -12.70 32.79
CA ILE F 57 40.86 -12.49 31.35
C ILE F 57 39.61 -13.11 30.73
N VAL F 58 38.93 -12.35 29.86
CA VAL F 58 37.75 -12.86 29.17
C VAL F 58 38.15 -13.99 28.25
N ARG F 59 37.71 -15.20 28.60
CA ARG F 59 38.04 -16.40 27.84
C ARG F 59 36.90 -16.78 26.93
N GLU F 60 35.72 -16.32 27.29
CA GLU F 60 34.57 -16.57 26.47
C GLU F 60 33.51 -15.52 26.75
N ALA F 61 32.89 -15.04 25.68
CA ALA F 61 31.72 -14.19 25.83
C ALA F 61 30.67 -14.69 24.84
N ASN F 62 29.41 -14.64 25.26
CA ASN F 62 28.35 -15.13 24.42
C ASN F 62 27.87 -14.00 23.52
N PRO F 63 27.13 -14.33 22.45
CA PRO F 63 26.68 -13.33 21.48
C PRO F 63 26.02 -12.10 22.07
N GLU F 64 25.11 -12.28 23.03
CA GLU F 64 24.39 -11.15 23.62
C GLU F 64 25.32 -10.29 24.48
N ALA F 65 26.40 -10.88 24.97
CA ALA F 65 27.41 -10.09 25.66
C ALA F 65 28.07 -9.18 24.62
N GLN F 66 28.40 -9.72 23.46
CA GLN F 66 29.03 -8.92 22.42
C GLN F 66 28.12 -7.81 21.90
N ARG F 67 26.81 -8.07 21.81
CA ARG F 67 25.86 -7.05 21.36
C ARG F 67 25.66 -5.94 22.40
N LEU F 68 25.39 -6.31 23.66
CA LEU F 68 25.18 -5.32 24.71
C LEU F 68 26.41 -4.43 24.90
N LEU F 69 27.58 -5.05 25.02
CA LEU F 69 28.80 -4.31 25.30
C LEU F 69 29.35 -3.61 24.07
N ASP F 70 29.40 -4.32 22.95
CA ASP F 70 29.79 -3.75 21.65
C ASP F 70 31.28 -3.35 21.63
N VAL F 71 32.12 -4.10 22.35
CA VAL F 71 33.56 -3.89 22.30
C VAL F 71 34.32 -5.23 22.15
N PRO F 72 35.63 -5.18 21.83
CA PRO F 72 36.39 -6.44 21.75
C PRO F 72 36.55 -7.10 23.11
N LEU F 73 35.94 -8.28 23.28
CA LEU F 73 35.86 -8.91 24.58
C LEU F 73 36.84 -10.07 24.78
N VAL F 74 36.74 -11.11 23.97
CA VAL F 74 37.58 -12.31 24.13
C VAL F 74 39.06 -11.96 24.14
N GLY F 75 39.82 -12.63 25.02
CA GLY F 75 41.26 -12.42 25.11
C GLY F 75 41.68 -11.11 25.78
N GLU F 76 40.70 -10.30 26.16
CA GLU F 76 40.96 -9.03 26.81
C GLU F 76 40.88 -9.18 28.33
N LYS F 77 41.73 -8.48 29.05
CA LYS F 77 41.64 -8.46 30.50
C LYS F 77 40.37 -7.70 30.86
N TRP F 78 39.59 -8.29 31.78
CA TRP F 78 38.30 -7.73 32.13
C TRP F 78 38.39 -6.29 32.58
N TYR F 79 39.46 -5.96 33.28
CA TYR F 79 39.61 -4.63 33.81
C TYR F 79 39.85 -3.63 32.66
N SER F 80 40.52 -4.08 31.58
CA SER F 80 40.70 -3.25 30.38
C SER F 80 39.34 -2.91 29.79
N VAL F 81 38.54 -3.94 29.60
CA VAL F 81 37.18 -3.81 29.07
C VAL F 81 36.34 -2.83 29.88
N ILE F 82 36.54 -2.82 31.20
CA ILE F 82 35.73 -1.96 32.07
C ILE F 82 35.94 -0.48 31.79
N GLN F 83 37.18 -0.10 31.49
CA GLN F 83 37.49 1.29 31.20
C GLN F 83 36.92 1.70 29.84
N ILE F 84 36.60 0.70 29.03
CA ILE F 84 36.25 0.96 27.65
C ILE F 84 34.76 0.83 27.39
N ALA F 85 34.16 -0.24 27.89
CA ALA F 85 32.74 -0.51 27.65
C ALA F 85 31.84 0.36 28.50
N PHE F 86 32.21 0.58 29.75
CA PHE F 86 31.31 1.27 30.68
C PHE F 86 31.56 2.77 30.77
N ALA F 87 30.49 3.51 31.03
CA ALA F 87 30.58 4.94 31.25
C ALA F 87 29.58 5.33 32.34
N PRO F 88 29.91 5.03 33.60
CA PRO F 88 28.95 5.20 34.70
C PRO F 88 28.53 6.64 34.85
N ARG F 89 27.22 6.85 35.05
CA ARG F 89 26.68 8.16 35.36
C ARG F 89 26.31 8.18 36.83
N ASP F 90 26.09 9.35 37.38
CA ASP F 90 25.76 9.47 38.80
C ASP F 90 24.38 8.89 39.11
N ASP F 91 23.55 8.70 38.09
CA ASP F 91 22.18 8.22 38.31
C ASP F 91 21.99 6.75 37.98
N ASP F 92 23.08 5.99 37.98
CA ASP F 92 23.05 4.60 37.56
C ASP F 92 22.38 3.67 38.56
N GLY F 93 22.57 3.96 39.85
CA GLY F 93 22.00 3.17 40.91
C GLY F 93 22.29 1.69 40.77
N HIS F 94 21.23 0.87 40.80
CA HIS F 94 21.37 -0.59 40.79
C HIS F 94 21.92 -1.09 39.46
N GLU F 95 21.99 -0.21 38.48
CA GLU F 95 22.49 -0.54 37.16
C GLU F 95 23.77 0.21 36.85
N ILE F 96 24.32 0.00 35.66
CA ILE F 96 25.50 0.73 35.25
C ILE F 96 25.48 1.02 33.74
N SER F 97 25.77 2.26 33.37
CA SER F 97 25.64 2.71 31.98
C SER F 97 26.79 2.25 31.08
N LEU F 98 26.46 2.08 29.80
CA LEU F 98 27.44 1.67 28.80
C LEU F 98 27.80 2.86 27.91
N ARG F 99 28.90 2.70 27.17
CA ARG F 99 29.41 3.76 26.30
C ARG F 99 28.38 4.13 25.24
N ASN F 100 27.44 3.21 25.00
CA ASN F 100 26.44 3.38 23.96
C ASN F 100 25.07 3.74 24.53
N GLY F 101 25.00 3.95 25.85
CA GLY F 101 23.78 4.45 26.46
C GLY F 101 22.75 3.43 26.91
N ARG F 102 23.09 2.15 26.84
CA ARG F 102 22.31 1.14 27.53
C ARG F 102 22.65 1.14 29.01
N LYS F 103 21.64 0.97 29.85
CA LYS F 103 21.85 0.79 31.27
C LYS F 103 21.60 -0.69 31.52
N VAL F 104 22.61 -1.35 32.06
CA VAL F 104 22.57 -2.79 32.26
C VAL F 104 22.75 -3.15 33.72
N ARG F 105 22.45 -4.40 34.06
CA ARG F 105 22.68 -4.89 35.41
C ARG F 105 23.69 -6.02 35.38
N LEU F 106 24.67 -5.97 36.30
CA LEU F 106 25.71 -6.99 36.39
C LEU F 106 25.55 -7.90 37.61
N ALA F 107 25.55 -9.20 37.37
CA ALA F 107 25.60 -10.20 38.44
C ALA F 107 26.93 -10.95 38.36
N ILE F 108 27.77 -10.74 39.37
CA ILE F 108 29.15 -11.21 39.38
C ILE F 108 29.36 -12.36 40.36
N SER F 109 29.64 -13.55 39.86
CA SER F 109 29.90 -14.66 40.76
C SER F 109 31.28 -15.30 40.54
N ALA F 110 31.87 -15.79 41.64
CA ALA F 110 33.16 -16.46 41.54
C ALA F 110 32.96 -17.84 40.91
N SER F 111 34.02 -18.37 40.31
CA SER F 111 33.97 -19.67 39.70
C SER F 111 35.16 -20.47 40.17
N THR F 112 35.00 -21.79 40.13
CA THR F 112 36.07 -22.72 40.45
C THR F 112 37.31 -22.43 39.61
N THR F 113 37.11 -21.95 38.39
CA THR F 113 38.21 -21.70 37.48
C THR F 113 38.19 -20.27 36.99
N GLY F 114 37.63 -19.37 37.78
CA GLY F 114 37.64 -17.97 37.41
C GLY F 114 36.42 -17.23 37.89
N GLN F 115 35.81 -16.47 36.99
CA GLN F 115 34.65 -15.67 37.31
C GLN F 115 33.60 -15.70 36.22
N LEU F 116 32.37 -15.46 36.63
CA LEU F 116 31.26 -15.36 35.73
C LEU F 116 30.52 -14.04 35.93
N ILE F 117 30.18 -13.37 34.82
CA ILE F 117 29.42 -12.13 34.87
C ILE F 117 28.20 -12.20 33.98
N LEU F 118 27.04 -12.04 34.58
CA LEU F 118 25.79 -12.01 33.83
C LEU F 118 25.35 -10.57 33.63
N ILE F 119 24.96 -10.25 32.41
CA ILE F 119 24.55 -8.90 32.03
C ILE F 119 23.13 -8.87 31.51
N THR F 120 22.26 -8.09 32.15
CA THR F 120 20.90 -7.95 31.66
C THR F 120 20.60 -6.50 31.27
N ASP F 121 20.03 -6.34 30.08
CA ASP F 121 19.67 -5.02 29.58
C ASP F 121 18.45 -4.50 30.33
N LEU F 122 18.62 -3.38 31.03
CA LEU F 122 17.51 -2.74 31.70
C LEU F 122 17.16 -1.41 31.04
N THR F 123 17.72 -1.18 29.86
CA THR F 123 17.54 0.08 29.15
C THR F 123 16.08 0.47 29.01
N GLU F 124 15.29 -0.47 28.49
CA GLU F 124 13.89 -0.23 28.20
C GLU F 124 13.12 -0.11 29.49
N THR F 125 13.50 -0.94 30.46
CA THR F 125 12.82 -0.91 31.75
C THR F 125 12.98 0.48 32.37
N ARG F 126 14.17 1.05 32.24
CA ARG F 126 14.44 2.39 32.77
C ARG F 126 13.66 3.44 31.99
N LEU F 127 13.72 3.35 30.66
CA LEU F 127 12.97 4.26 29.81
C LEU F 127 11.48 4.26 30.14
N LEU F 128 10.91 3.07 30.29
CA LEU F 128 9.48 2.92 30.56
C LEU F 128 9.11 3.67 31.82
N GLN F 129 10.00 3.57 32.81
CA GLN F 129 9.81 4.24 34.08
C GLN F 129 9.87 5.76 33.92
N SER F 130 10.92 6.24 33.27
CA SER F 130 11.05 7.67 32.98
C SER F 130 9.78 8.20 32.36
N ARG F 131 9.37 7.54 31.29
CA ARG F 131 8.14 7.87 30.58
C ARG F 131 6.94 8.01 31.50
N ILE F 132 6.79 7.07 32.44
CA ILE F 132 5.70 7.10 33.42
C ILE F 132 5.73 8.32 34.33
N SER F 133 6.90 8.66 34.87
CA SER F 133 7.01 9.80 35.77
C SER F 133 6.56 11.08 35.09
N ASP F 134 6.80 11.16 33.79
CA ASP F 134 6.51 12.36 33.02
C ASP F 134 5.03 12.47 32.64
N LEU F 135 4.36 11.34 32.48
CA LEU F 135 2.91 11.37 32.21
C LEU F 135 2.11 11.51 33.51
N GLN F 136 2.79 11.40 34.65
CA GLN F 136 2.14 11.36 35.96
C GLN F 136 1.74 12.74 36.49
N ARG F 137 2.34 13.78 35.91
CA ARG F 137 1.99 15.16 36.23
C ARG F 137 1.87 15.96 34.95
N LEU F 138 2.91 15.87 34.14
CA LEU F 138 3.04 16.65 32.91
C LEU F 138 2.17 16.06 31.79
N GLN G 24 -15.21 7.20 -10.89
CA GLN G 24 -15.41 7.44 -12.32
C GLN G 24 -16.75 8.15 -12.57
N HIS G 25 -16.72 9.23 -13.35
CA HIS G 25 -17.94 9.95 -13.76
C HIS G 25 -18.05 10.13 -15.27
N SER G 26 -19.27 10.35 -15.76
CA SER G 26 -19.54 10.49 -17.19
C SER G 26 -20.75 11.38 -17.48
N HIS G 27 -20.73 12.07 -18.63
CA HIS G 27 -21.85 12.94 -18.98
C HIS G 27 -23.15 12.16 -19.24
N LEU G 28 -23.05 10.85 -19.46
CA LEU G 28 -24.24 10.03 -19.63
C LEU G 28 -24.70 9.40 -18.31
N ASP G 29 -24.13 9.84 -17.19
CA ASP G 29 -24.51 9.36 -15.86
C ASP G 29 -25.94 9.75 -15.49
N SER G 30 -26.37 10.90 -15.99
CA SER G 30 -27.71 11.41 -15.74
C SER G 30 -28.10 12.48 -16.74
N LEU G 31 -29.39 12.79 -16.79
CA LEU G 31 -29.92 13.74 -17.76
C LEU G 31 -29.39 15.13 -17.47
N GLU G 32 -29.24 15.45 -16.20
CA GLU G 32 -28.73 16.76 -15.79
C GLU G 32 -27.27 16.87 -16.17
N ASP G 33 -26.51 15.80 -15.92
CA ASP G 33 -25.13 15.71 -16.38
C ASP G 33 -25.04 15.86 -17.88
N GLN G 34 -26.05 15.36 -18.58
CA GLN G 34 -26.01 15.28 -20.05
C GLN G 34 -26.23 16.65 -20.70
N VAL G 35 -27.20 17.39 -20.21
CA VAL G 35 -27.45 18.75 -20.66
C VAL G 35 -26.26 19.63 -20.34
N GLU G 36 -25.64 19.37 -19.19
CA GLU G 36 -24.49 20.17 -18.81
C GLU G 36 -23.36 20.01 -19.85
N ARG G 37 -23.06 18.78 -20.29
CA ARG G 37 -22.00 18.64 -21.30
C ARG G 37 -22.42 19.23 -22.66
N TYR G 38 -23.66 18.96 -23.07
CA TYR G 38 -24.14 19.46 -24.36
C TYR G 38 -24.11 20.99 -24.34
N LYS G 39 -24.64 21.58 -23.28
CA LYS G 39 -24.55 23.03 -23.08
C LYS G 39 -23.12 23.57 -23.21
N GLN G 40 -22.12 22.80 -22.77
CA GLN G 40 -20.72 23.25 -22.90
C GLN G 40 -20.33 23.14 -24.37
N VAL G 41 -20.77 22.08 -25.04
CA VAL G 41 -20.50 21.93 -26.47
C VAL G 41 -21.03 23.14 -27.26
N LEU G 42 -22.25 23.54 -26.97
CA LEU G 42 -22.82 24.70 -27.65
C LEU G 42 -22.01 25.94 -27.33
N ASP G 43 -21.54 26.02 -26.09
CA ASP G 43 -20.84 27.19 -25.62
C ASP G 43 -19.49 27.42 -26.31
N VAL G 44 -18.71 26.36 -26.52
CA VAL G 44 -17.39 26.56 -27.14
C VAL G 44 -17.31 26.24 -28.63
N MET G 45 -18.40 25.73 -29.20
CA MET G 45 -18.49 25.45 -30.64
C MET G 45 -18.00 26.53 -31.53
N PRO G 46 -17.14 26.19 -32.48
CA PRO G 46 -16.72 27.23 -33.42
C PRO G 46 -17.66 27.29 -34.61
N ALA G 47 -18.96 27.12 -34.38
CA ALA G 47 -20.00 27.42 -35.36
C ALA G 47 -21.25 27.89 -34.65
N GLY G 48 -21.93 28.85 -35.23
CA GLY G 48 -23.14 29.40 -34.65
C GLY G 48 -24.32 28.45 -34.58
N VAL G 49 -25.06 28.54 -33.49
CA VAL G 49 -26.29 27.79 -33.35
C VAL G 49 -27.42 28.75 -33.01
N ILE G 50 -28.43 28.75 -33.86
CA ILE G 50 -29.68 29.46 -33.61
C ILE G 50 -30.79 28.44 -33.35
N LEU G 51 -31.42 28.51 -32.19
CA LEU G 51 -32.51 27.59 -31.86
C LEU G 51 -33.83 28.35 -31.78
N LEU G 52 -34.73 28.07 -32.72
CA LEU G 52 -36.04 28.73 -32.77
C LEU G 52 -37.15 27.90 -32.11
N ASP G 53 -38.14 28.56 -31.51
CA ASP G 53 -39.33 27.86 -31.04
C ASP G 53 -40.32 27.73 -32.20
N THR G 54 -41.49 27.17 -31.96
CA THR G 54 -42.42 26.95 -33.06
C THR G 54 -43.06 28.24 -33.53
N GLN G 55 -42.85 29.33 -32.81
CA GLN G 55 -43.38 30.62 -33.25
C GLN G 55 -42.39 31.41 -34.10
N GLY G 56 -41.23 30.82 -34.40
CA GLY G 56 -40.20 31.52 -35.18
C GLY G 56 -39.38 32.53 -34.40
N ILE G 57 -39.30 32.33 -33.08
CA ILE G 57 -38.59 33.25 -32.20
C ILE G 57 -37.32 32.61 -31.62
N VAL G 58 -36.20 33.31 -31.73
CA VAL G 58 -34.92 32.83 -31.19
C VAL G 58 -34.99 32.61 -29.68
N ARG G 59 -34.89 31.36 -29.26
CA ARG G 59 -34.98 31.04 -27.85
C ARG G 59 -33.58 30.78 -27.31
N GLU G 60 -32.68 30.41 -28.21
CA GLU G 60 -31.28 30.26 -27.82
C GLU G 60 -30.36 30.52 -28.99
N ALA G 61 -29.28 31.24 -28.71
CA ALA G 61 -28.23 31.52 -29.69
C ALA G 61 -26.90 31.39 -28.95
N ASN G 62 -25.96 30.63 -29.52
CA ASN G 62 -24.75 30.30 -28.79
C ASN G 62 -23.73 31.42 -28.95
N PRO G 63 -22.56 31.30 -28.32
CA PRO G 63 -21.76 32.52 -28.46
C PRO G 63 -21.23 32.74 -29.88
N GLU G 64 -20.87 31.69 -30.60
CA GLU G 64 -20.37 31.89 -31.95
C GLU G 64 -21.41 32.59 -32.85
N ALA G 65 -22.68 32.26 -32.67
CA ALA G 65 -23.74 32.90 -33.45
C ALA G 65 -23.81 34.38 -33.17
N GLN G 66 -23.74 34.75 -31.90
CA GLN G 66 -23.75 36.16 -31.53
C GLN G 66 -22.56 36.92 -32.11
N ARG G 67 -21.40 36.27 -32.10
CA ARG G 67 -20.19 36.86 -32.66
C ARG G 67 -20.26 37.07 -34.18
N LEU G 68 -20.65 36.01 -34.90
CA LEU G 68 -20.75 36.10 -36.36
C LEU G 68 -21.81 37.10 -36.79
N LEU G 69 -22.99 37.04 -36.16
CA LEU G 69 -24.11 37.88 -36.60
C LEU G 69 -24.05 39.32 -36.07
N ASP G 70 -23.58 39.51 -34.83
CA ASP G 70 -23.43 40.86 -34.26
C ASP G 70 -24.72 41.68 -34.35
N VAL G 71 -25.82 41.09 -33.89
CA VAL G 71 -27.13 41.75 -33.73
C VAL G 71 -27.81 41.14 -32.52
N PRO G 72 -28.88 41.77 -32.02
CA PRO G 72 -29.67 41.09 -30.98
C PRO G 72 -30.40 39.86 -31.52
N LEU G 73 -30.41 38.79 -30.74
CA LEU G 73 -30.88 37.50 -31.23
C LEU G 73 -32.02 36.98 -30.38
N VAL G 74 -31.71 36.71 -29.12
CA VAL G 74 -32.63 36.00 -28.24
C VAL G 74 -33.84 36.83 -27.94
N GLY G 75 -34.99 36.33 -28.35
CA GLY G 75 -36.26 36.98 -28.05
C GLY G 75 -36.67 37.79 -29.25
N GLU G 76 -35.83 37.80 -30.27
CA GLU G 76 -36.21 38.40 -31.54
C GLU G 76 -36.91 37.35 -32.42
N LYS G 77 -37.80 37.82 -33.31
CA LYS G 77 -38.29 37.02 -34.43
C LYS G 77 -37.14 36.81 -35.41
N TRP G 78 -36.88 35.56 -35.80
CA TRP G 78 -35.80 35.25 -36.73
C TRP G 78 -35.92 36.03 -38.03
N TYR G 79 -37.14 36.14 -38.55
CA TYR G 79 -37.37 36.85 -39.79
C TYR G 79 -37.03 38.34 -39.67
N SER G 80 -37.16 38.90 -38.48
CA SER G 80 -36.66 40.27 -38.24
C SER G 80 -35.13 40.28 -38.24
N VAL G 81 -34.54 39.26 -37.63
CA VAL G 81 -33.07 39.11 -37.59
C VAL G 81 -32.51 39.00 -39.01
N ILE G 82 -33.21 38.21 -39.84
CA ILE G 82 -32.87 38.06 -41.26
C ILE G 82 -32.80 39.43 -41.95
N GLN G 83 -33.77 40.29 -41.66
CA GLN G 83 -33.79 41.62 -42.29
C GLN G 83 -32.66 42.56 -41.85
N ILE G 84 -32.22 42.43 -40.61
CA ILE G 84 -31.17 43.32 -40.07
C ILE G 84 -29.75 42.82 -40.32
N ALA G 85 -29.53 41.54 -40.05
CA ALA G 85 -28.20 40.94 -39.97
C ALA G 85 -27.67 40.43 -41.31
N PHE G 86 -28.59 40.13 -42.24
CA PHE G 86 -28.20 39.60 -43.53
C PHE G 86 -28.27 40.64 -44.64
N ALA G 87 -27.32 40.57 -45.57
CA ALA G 87 -27.27 41.48 -46.71
C ALA G 87 -26.98 40.71 -47.99
N PRO G 88 -28.01 40.00 -48.50
CA PRO G 88 -27.84 39.13 -49.67
C PRO G 88 -27.21 39.87 -50.84
N ARG G 89 -26.27 39.22 -51.51
CA ARG G 89 -25.64 39.74 -52.71
C ARG G 89 -25.92 38.74 -53.82
N ASP G 90 -25.75 39.15 -55.08
CA ASP G 90 -26.14 38.31 -56.21
C ASP G 90 -25.29 37.05 -56.35
N ASP G 91 -23.99 37.17 -56.13
CA ASP G 91 -23.08 36.05 -56.25
C ASP G 91 -22.85 35.30 -54.93
N ASP G 92 -23.79 35.40 -54.00
CA ASP G 92 -23.62 34.69 -52.73
C ASP G 92 -23.47 33.18 -52.91
N GLY G 93 -23.98 32.66 -54.02
CA GLY G 93 -23.92 31.24 -54.30
C GLY G 93 -24.52 30.45 -53.16
N HIS G 94 -23.75 29.51 -52.60
CA HIS G 94 -24.23 28.67 -51.51
C HIS G 94 -24.16 29.37 -50.15
N GLU G 95 -23.50 30.52 -50.10
CA GLU G 95 -23.42 31.31 -48.87
C GLU G 95 -24.44 32.42 -48.89
N ILE G 96 -24.47 33.20 -47.83
CA ILE G 96 -25.19 34.46 -47.82
C ILE G 96 -24.37 35.54 -47.10
N SER G 97 -24.31 36.74 -47.66
CA SER G 97 -23.52 37.82 -47.07
C SER G 97 -24.24 38.48 -45.89
N LEU G 98 -23.46 38.83 -44.88
CA LEU G 98 -23.93 39.54 -43.70
C LEU G 98 -23.78 41.04 -43.83
N ARG G 99 -24.57 41.78 -43.08
CA ARG G 99 -24.46 43.24 -42.97
C ARG G 99 -23.02 43.70 -42.73
N ASN G 100 -22.27 42.94 -41.92
CA ASN G 100 -20.93 43.35 -41.49
C ASN G 100 -19.81 42.91 -42.40
N GLY G 101 -20.13 42.25 -43.52
CA GLY G 101 -19.09 41.90 -44.49
C GLY G 101 -18.66 40.45 -44.47
N ARG G 102 -19.12 39.69 -43.50
CA ARG G 102 -18.90 38.24 -43.52
C ARG G 102 -19.69 37.54 -44.65
N LYS G 103 -19.27 36.33 -44.99
CA LYS G 103 -20.07 35.41 -45.81
C LYS G 103 -20.22 34.11 -45.02
N VAL G 104 -21.45 33.73 -44.70
CA VAL G 104 -21.68 32.55 -43.89
C VAL G 104 -22.50 31.50 -44.64
N ARG G 105 -22.32 30.23 -44.31
CA ARG G 105 -23.20 29.20 -44.82
C ARG G 105 -24.21 28.83 -43.73
N LEU G 106 -25.49 28.78 -44.11
CA LEU G 106 -26.56 28.37 -43.22
C LEU G 106 -26.95 26.94 -43.48
N ALA G 107 -27.18 26.18 -42.42
CA ALA G 107 -27.78 24.85 -42.59
C ALA G 107 -28.97 24.80 -41.67
N ILE G 108 -30.14 24.72 -42.30
CA ILE G 108 -31.42 24.79 -41.62
C ILE G 108 -32.04 23.40 -41.47
N SER G 109 -32.46 23.03 -40.27
CA SER G 109 -33.18 21.77 -40.11
C SER G 109 -34.36 21.91 -39.15
N ALA G 110 -35.47 21.28 -39.53
CA ALA G 110 -36.68 21.27 -38.74
C ALA G 110 -36.44 20.53 -37.43
N SER G 111 -37.15 20.93 -36.38
CA SER G 111 -37.01 20.27 -35.09
C SER G 111 -38.38 19.99 -34.49
N THR G 112 -38.39 19.11 -33.50
CA THR G 112 -39.64 18.72 -32.85
C THR G 112 -40.31 19.90 -32.16
N THR G 113 -39.50 20.84 -31.66
CA THR G 113 -40.02 21.98 -30.93
C THR G 113 -39.61 23.29 -31.58
N GLY G 114 -39.34 23.25 -32.87
CA GLY G 114 -38.98 24.46 -33.56
C GLY G 114 -38.14 24.20 -34.80
N GLN G 115 -37.07 24.97 -34.91
CA GLN G 115 -36.19 24.93 -36.04
C GLN G 115 -34.77 25.13 -35.53
N LEU G 116 -33.81 24.55 -36.24
CA LEU G 116 -32.41 24.68 -35.89
C LEU G 116 -31.69 25.29 -37.10
N ILE G 117 -30.90 26.32 -36.85
CA ILE G 117 -30.10 26.91 -37.90
C ILE G 117 -28.62 26.90 -37.50
N LEU G 118 -27.80 26.19 -38.27
CA LEU G 118 -26.37 26.21 -38.03
C LEU G 118 -25.69 27.19 -38.94
N ILE G 119 -24.68 27.87 -38.42
CA ILE G 119 -24.05 28.96 -39.12
C ILE G 119 -22.53 28.80 -39.17
N THR G 120 -22.01 28.62 -40.38
CA THR G 120 -20.58 28.48 -40.57
C THR G 120 -20.02 29.69 -41.29
N ASP G 121 -18.90 30.20 -40.78
CA ASP G 121 -18.20 31.33 -41.38
C ASP G 121 -17.37 30.89 -42.59
N LEU G 122 -17.78 31.31 -43.78
CA LEU G 122 -17.05 30.93 -44.99
C LEU G 122 -16.26 32.10 -45.55
N THR G 123 -16.16 33.18 -44.77
CA THR G 123 -15.56 34.40 -45.28
C THR G 123 -14.11 34.18 -45.74
N GLU G 124 -13.28 33.57 -44.90
CA GLU G 124 -11.88 33.35 -45.25
C GLU G 124 -11.77 32.42 -46.45
N THR G 125 -12.56 31.35 -46.46
CA THR G 125 -12.56 30.40 -47.56
C THR G 125 -12.91 31.06 -48.91
N ARG G 126 -14.01 31.80 -48.94
CA ARG G 126 -14.40 32.53 -50.15
C ARG G 126 -13.28 33.45 -50.61
N LEU G 127 -12.73 34.19 -49.66
CA LEU G 127 -11.76 35.22 -49.98
C LEU G 127 -10.51 34.61 -50.57
N LEU G 128 -10.12 33.45 -50.04
CA LEU G 128 -8.97 32.72 -50.56
C LEU G 128 -9.21 32.24 -51.98
N GLN G 129 -10.40 31.67 -52.23
CA GLN G 129 -10.74 31.21 -53.56
C GLN G 129 -10.67 32.37 -54.54
N SER G 130 -11.33 33.45 -54.19
CA SER G 130 -11.32 34.66 -54.98
C SER G 130 -9.88 35.17 -55.16
N ARG G 131 -9.05 34.99 -54.12
CA ARG G 131 -7.66 35.41 -54.16
C ARG G 131 -6.86 34.58 -55.16
N ILE G 132 -7.17 33.29 -55.23
CA ILE G 132 -6.54 32.38 -56.16
C ILE G 132 -6.90 32.72 -57.60
N SER G 133 -8.20 32.91 -57.86
CA SER G 133 -8.67 33.22 -59.21
C SER G 133 -8.07 34.53 -59.75
N ASP G 134 -7.78 35.47 -58.86
CA ASP G 134 -7.16 36.74 -59.25
C ASP G 134 -5.69 36.54 -59.64
N LEU G 135 -5.05 35.54 -59.03
CA LEU G 135 -3.64 35.29 -59.29
C LEU G 135 -3.44 34.38 -60.50
N GLN G 136 -4.53 33.97 -61.14
CA GLN G 136 -4.42 33.03 -62.26
C GLN G 136 -4.77 33.65 -63.62
N ARG G 137 -4.35 34.90 -63.83
CA ARG G 137 -4.49 35.59 -65.14
C ARG G 137 -3.73 36.93 -65.20
N LEU G 138 -2.40 36.87 -65.24
CA LEU G 138 -1.54 38.07 -65.19
C LEU G 138 -1.95 39.05 -64.07
N GLN H 24 3.28 -31.51 -22.49
CA GLN H 24 4.70 -31.51 -22.16
C GLN H 24 5.10 -30.48 -21.09
N HIS H 25 4.73 -30.76 -19.84
CA HIS H 25 5.04 -29.88 -18.69
C HIS H 25 5.60 -30.67 -17.51
N SER H 26 6.15 -29.97 -16.53
CA SER H 26 6.72 -30.56 -15.33
C SER H 26 6.57 -29.61 -14.15
N HIS H 27 6.66 -30.13 -12.93
CA HIS H 27 6.52 -29.29 -11.75
C HIS H 27 7.79 -28.50 -11.49
N LEU H 28 8.76 -28.63 -12.39
CA LEU H 28 10.01 -27.90 -12.25
C LEU H 28 10.17 -26.88 -13.36
N ASP H 29 9.12 -26.70 -14.15
CA ASP H 29 9.12 -25.70 -15.24
C ASP H 29 9.34 -24.29 -14.69
N SER H 30 8.53 -23.91 -13.71
CA SER H 30 8.63 -22.61 -13.06
C SER H 30 8.52 -22.74 -11.55
N LEU H 31 8.78 -21.65 -10.83
CA LEU H 31 8.71 -21.66 -9.37
C LEU H 31 7.26 -21.83 -8.92
N GLU H 32 6.35 -21.20 -9.65
CA GLU H 32 4.91 -21.29 -9.35
C GLU H 32 4.45 -22.72 -9.54
N ASP H 33 4.95 -23.35 -10.60
CA ASP H 33 4.66 -24.76 -10.87
C ASP H 33 5.23 -25.67 -9.78
N GLN H 34 6.31 -25.24 -9.12
CA GLN H 34 6.90 -26.07 -8.09
C GLN H 34 6.07 -26.02 -6.82
N VAL H 35 5.72 -24.80 -6.41
CA VAL H 35 4.87 -24.60 -5.25
C VAL H 35 3.50 -25.25 -5.41
N GLU H 36 2.91 -25.08 -6.59
CA GLU H 36 1.59 -25.62 -6.92
C GLU H 36 1.53 -27.12 -6.64
N ARG H 37 2.53 -27.86 -7.09
CA ARG H 37 2.55 -29.30 -6.83
C ARG H 37 2.80 -29.59 -5.36
N TYR H 38 3.65 -28.79 -4.73
CA TYR H 38 4.00 -29.03 -3.34
C TYR H 38 2.78 -28.73 -2.47
N LYS H 39 2.03 -27.72 -2.88
CA LYS H 39 0.81 -27.37 -2.17
C LYS H 39 -0.23 -28.50 -2.33
N GLN H 40 -0.11 -29.27 -3.41
CA GLN H 40 -1.00 -30.42 -3.62
C GLN H 40 -0.57 -31.62 -2.77
N VAL H 41 0.73 -31.88 -2.70
CA VAL H 41 1.26 -32.90 -1.79
C VAL H 41 0.76 -32.69 -0.36
N LEU H 42 0.93 -31.49 0.18
CA LEU H 42 0.45 -31.23 1.54
C LEU H 42 -1.05 -31.43 1.64
N ASP H 43 -1.75 -31.12 0.57
CA ASP H 43 -3.19 -31.14 0.60
C ASP H 43 -3.71 -32.58 0.70
N VAL H 44 -3.03 -33.51 0.07
CA VAL H 44 -3.53 -34.90 0.04
C VAL H 44 -2.74 -35.89 0.91
N MET H 45 -1.61 -35.44 1.45
CA MET H 45 -0.81 -36.21 2.43
C MET H 45 -1.63 -36.89 3.50
N PRO H 46 -1.38 -38.19 3.71
CA PRO H 46 -2.05 -38.90 4.80
C PRO H 46 -1.28 -38.76 6.12
N ALA H 47 -0.68 -37.59 6.33
CA ALA H 47 -0.07 -37.20 7.59
C ALA H 47 -0.25 -35.72 7.84
N GLY H 48 -0.56 -35.37 9.07
CA GLY H 48 -0.70 -33.97 9.43
C GLY H 48 0.54 -33.10 9.29
N VAL H 49 0.33 -31.88 8.83
CA VAL H 49 1.39 -30.89 8.73
C VAL H 49 0.95 -29.61 9.40
N ILE H 50 1.72 -29.19 10.41
CA ILE H 50 1.53 -27.91 11.04
C ILE H 50 2.76 -27.04 10.83
N LEU H 51 2.58 -25.85 10.25
CA LEU H 51 3.66 -24.87 10.15
C LEU H 51 3.38 -23.74 11.11
N LEU H 52 4.33 -23.49 12.02
CA LEU H 52 4.24 -22.36 12.96
C LEU H 52 5.14 -21.24 12.49
N ASP H 53 4.77 -20.00 12.81
CA ASP H 53 5.67 -18.89 12.54
C ASP H 53 6.54 -18.69 13.77
N THR H 54 7.43 -17.71 13.71
CA THR H 54 8.34 -17.48 14.82
C THR H 54 7.62 -17.09 16.12
N GLN H 55 6.35 -16.74 16.00
CA GLN H 55 5.54 -16.37 17.16
C GLN H 55 4.79 -17.55 17.75
N GLY H 56 5.04 -18.75 17.24
CA GLY H 56 4.33 -19.93 17.70
C GLY H 56 2.84 -19.98 17.33
N ILE H 57 2.47 -19.24 16.29
CA ILE H 57 1.11 -19.27 15.75
C ILE H 57 1.00 -20.18 14.52
N VAL H 58 -0.02 -21.03 14.49
CA VAL H 58 -0.29 -21.82 13.29
C VAL H 58 -0.56 -20.95 12.07
N ARG H 59 0.37 -20.89 11.13
CA ARG H 59 0.16 -20.14 9.90
C ARG H 59 -0.30 -21.07 8.78
N GLU H 60 -0.17 -22.37 9.00
CA GLU H 60 -0.58 -23.33 7.99
C GLU H 60 -0.82 -24.72 8.58
N ALA H 61 -1.97 -25.30 8.25
CA ALA H 61 -2.36 -26.63 8.71
C ALA H 61 -3.07 -27.36 7.56
N ASN H 62 -2.55 -28.54 7.20
CA ASN H 62 -3.04 -29.26 6.03
C ASN H 62 -4.30 -30.03 6.38
N PRO H 63 -4.91 -30.70 5.40
CA PRO H 63 -6.19 -31.32 5.77
C PRO H 63 -6.08 -32.54 6.71
N GLU H 64 -5.04 -33.34 6.57
CA GLU H 64 -4.86 -34.44 7.52
C GLU H 64 -4.74 -33.90 8.96
N ALA H 65 -3.97 -32.83 9.13
CA ALA H 65 -3.78 -32.23 10.45
C ALA H 65 -5.11 -31.85 11.08
N GLN H 66 -5.93 -31.11 10.32
CA GLN H 66 -7.29 -30.77 10.74
C GLN H 66 -8.10 -32.01 11.15
N ARG H 67 -8.07 -33.03 10.32
CA ARG H 67 -8.93 -34.21 10.53
C ARG H 67 -8.54 -34.96 11.80
N LEU H 68 -7.25 -35.07 12.03
CA LEU H 68 -6.75 -35.84 13.16
C LEU H 68 -7.00 -35.09 14.44
N LEU H 69 -6.78 -33.78 14.42
CA LEU H 69 -6.80 -32.98 15.66
C LEU H 69 -8.20 -32.52 16.07
N ASP H 70 -9.06 -32.20 15.09
CA ASP H 70 -10.47 -31.88 15.35
C ASP H 70 -10.63 -30.66 16.27
N VAL H 71 -9.82 -29.63 16.02
CA VAL H 71 -9.92 -28.35 16.72
C VAL H 71 -9.53 -27.24 15.75
N PRO H 72 -9.88 -25.99 16.07
CA PRO H 72 -9.39 -24.92 15.20
C PRO H 72 -7.88 -24.80 15.26
N LEU H 73 -7.28 -24.44 14.14
CA LEU H 73 -5.83 -24.51 14.04
C LEU H 73 -5.25 -23.17 13.59
N VAL H 74 -5.55 -22.78 12.36
CA VAL H 74 -4.89 -21.66 11.74
C VAL H 74 -5.22 -20.34 12.44
N GLY H 75 -4.18 -19.69 12.97
CA GLY H 75 -4.32 -18.42 13.65
C GLY H 75 -4.38 -18.63 15.15
N GLU H 76 -4.32 -19.89 15.56
CA GLU H 76 -4.27 -20.24 16.97
C GLU H 76 -2.82 -20.34 17.40
N LYS H 77 -2.55 -19.93 18.64
CA LYS H 77 -1.25 -20.21 19.28
C LYS H 77 -1.14 -21.71 19.54
N TRP H 78 -0.03 -22.30 19.12
CA TRP H 78 0.14 -23.73 19.19
C TRP H 78 0.02 -24.24 20.63
N TYR H 79 0.52 -23.46 21.58
CA TYR H 79 0.46 -23.86 23.00
C TYR H 79 -0.99 -23.90 23.49
N SER H 80 -1.84 -23.02 22.95
CA SER H 80 -3.28 -23.09 23.23
C SER H 80 -3.87 -24.37 22.65
N VAL H 81 -3.53 -24.67 21.40
CA VAL H 81 -3.98 -25.88 20.72
C VAL H 81 -3.68 -27.12 21.57
N ILE H 82 -2.45 -27.22 22.04
CA ILE H 82 -2.00 -28.28 22.94
C ILE H 82 -2.93 -28.46 24.16
N GLN H 83 -3.42 -27.36 24.71
CA GLN H 83 -4.33 -27.44 25.84
C GLN H 83 -5.70 -28.04 25.48
N ILE H 84 -6.13 -27.82 24.24
CA ILE H 84 -7.45 -28.26 23.80
C ILE H 84 -7.44 -29.65 23.18
N ALA H 85 -6.51 -29.85 22.24
CA ALA H 85 -6.49 -31.01 21.35
C ALA H 85 -5.88 -32.26 21.97
N PHE H 86 -4.99 -32.05 22.93
CA PHE H 86 -4.21 -33.13 23.48
C PHE H 86 -4.67 -33.46 24.88
N ALA H 87 -4.65 -34.76 25.18
CA ALA H 87 -5.04 -35.26 26.48
C ALA H 87 -4.05 -36.34 26.91
N PRO H 88 -2.81 -35.93 27.25
CA PRO H 88 -1.70 -36.87 27.48
C PRO H 88 -1.94 -37.88 28.59
N ARG H 89 -1.24 -39.01 28.51
CA ARG H 89 -1.27 -40.05 29.54
C ARG H 89 0.14 -40.43 29.97
N ASP H 90 0.21 -41.40 30.89
CA ASP H 90 1.48 -41.88 31.40
C ASP H 90 2.04 -42.97 30.50
N ASP H 91 1.15 -43.73 29.86
CA ASP H 91 1.55 -44.82 28.99
C ASP H 91 1.61 -44.40 27.51
N ASP H 92 1.49 -43.11 27.24
CA ASP H 92 1.54 -42.62 25.87
C ASP H 92 2.82 -43.06 25.16
N GLY H 93 3.87 -43.25 25.93
CA GLY H 93 5.15 -43.65 25.38
C GLY H 93 5.65 -42.66 24.35
N HIS H 94 6.05 -43.19 23.20
CA HIS H 94 6.61 -42.35 22.16
C HIS H 94 5.50 -41.59 21.42
N GLU H 95 4.25 -41.83 21.81
CA GLU H 95 3.09 -41.15 21.22
C GLU H 95 2.48 -40.17 22.22
N ILE H 96 1.38 -39.55 21.82
CA ILE H 96 0.60 -38.74 22.75
C ILE H 96 -0.88 -38.84 22.41
N SER H 97 -1.71 -39.01 23.44
CA SER H 97 -3.15 -39.17 23.24
C SER H 97 -3.85 -37.83 22.96
N LEU H 98 -4.75 -37.84 21.99
CA LEU H 98 -5.60 -36.69 21.72
C LEU H 98 -6.87 -36.68 22.58
N ARG H 99 -7.46 -35.51 22.76
CA ARG H 99 -8.75 -35.36 23.45
C ARG H 99 -9.80 -36.31 22.91
N ASN H 100 -9.72 -36.68 21.62
CA ASN H 100 -10.76 -37.49 21.03
C ASN H 100 -10.54 -39.00 21.04
N GLY H 101 -9.42 -39.45 21.60
CA GLY H 101 -9.19 -40.89 21.72
C GLY H 101 -8.10 -41.46 20.82
N ARG H 102 -7.68 -40.69 19.82
CA ARG H 102 -6.53 -41.07 18.99
C ARG H 102 -5.22 -41.11 19.79
N LYS H 103 -4.21 -41.79 19.25
CA LYS H 103 -2.83 -41.61 19.71
C LYS H 103 -2.01 -41.26 18.50
N VAL H 104 -1.34 -40.12 18.56
CA VAL H 104 -0.53 -39.69 17.45
C VAL H 104 0.95 -39.59 17.82
N ARG H 105 1.78 -39.63 16.80
CA ARG H 105 3.19 -39.35 16.94
C ARG H 105 3.47 -37.96 16.38
N LEU H 106 4.25 -37.18 17.12
CA LEU H 106 4.65 -35.86 16.69
C LEU H 106 6.15 -35.86 16.36
N ALA H 107 6.50 -35.48 15.14
CA ALA H 107 7.90 -35.21 14.84
C ALA H 107 8.02 -33.71 14.65
N ILE H 108 8.70 -33.09 15.61
CA ILE H 108 8.87 -31.66 15.63
C ILE H 108 10.27 -31.30 15.16
N SER H 109 10.35 -30.32 14.27
CA SER H 109 11.64 -29.80 13.87
C SER H 109 11.59 -28.29 13.69
N ALA H 110 12.76 -27.73 13.50
CA ALA H 110 12.89 -26.30 13.24
C ALA H 110 12.78 -26.05 11.73
N SER H 111 12.24 -24.90 11.39
CA SER H 111 12.07 -24.53 10.00
C SER H 111 12.63 -23.14 9.83
N THR H 112 12.93 -22.78 8.60
CA THR H 112 13.57 -21.49 8.31
C THR H 112 12.83 -20.32 8.95
N THR H 113 11.52 -20.40 8.99
CA THR H 113 10.73 -19.30 9.50
C THR H 113 9.79 -19.73 10.61
N GLY H 114 10.18 -20.76 11.37
CA GLY H 114 9.45 -21.14 12.55
C GLY H 114 9.69 -22.58 12.95
N GLN H 115 8.60 -23.33 13.04
CA GLN H 115 8.64 -24.73 13.38
C GLN H 115 7.81 -25.52 12.43
N LEU H 116 8.20 -26.77 12.25
CA LEU H 116 7.39 -27.71 11.50
C LEU H 116 7.01 -28.85 12.42
N ILE H 117 5.74 -29.21 12.40
CA ILE H 117 5.27 -30.37 13.13
C ILE H 117 4.55 -31.35 12.20
N LEU H 118 5.05 -32.59 12.19
CA LEU H 118 4.40 -33.67 11.46
C LEU H 118 3.65 -34.56 12.41
N ILE H 119 2.43 -34.88 12.02
CA ILE H 119 1.55 -35.69 12.85
C ILE H 119 1.17 -36.96 12.12
N THR H 120 1.51 -38.10 12.73
CA THR H 120 1.08 -39.38 12.19
C THR H 120 0.16 -40.11 13.18
N ASP H 121 -0.84 -40.81 12.65
CA ASP H 121 -1.80 -41.51 13.49
C ASP H 121 -1.31 -42.92 13.82
N LEU H 122 -1.12 -43.20 15.10
CA LEU H 122 -0.66 -44.51 15.55
C LEU H 122 -1.72 -45.27 16.32
N THR H 123 -2.92 -44.72 16.38
CA THR H 123 -4.04 -45.35 17.09
C THR H 123 -4.22 -46.83 16.73
N GLU H 124 -4.31 -47.12 15.43
CA GLU H 124 -4.53 -48.48 14.99
C GLU H 124 -3.35 -49.36 15.37
N THR H 125 -2.15 -48.84 15.20
CA THR H 125 -0.95 -49.62 15.46
C THR H 125 -0.91 -50.04 16.91
N ARG H 126 -1.07 -49.08 17.79
CA ARG H 126 -1.01 -49.33 19.21
C ARG H 126 -2.12 -50.30 19.60
N LEU H 127 -3.30 -50.11 19.01
CA LEU H 127 -4.44 -50.97 19.28
C LEU H 127 -4.14 -52.44 18.93
N LEU H 128 -3.59 -52.65 17.76
CA LEU H 128 -3.23 -53.99 17.32
C LEU H 128 -2.13 -54.57 18.19
N GLN H 129 -1.19 -53.72 18.63
CA GLN H 129 -0.12 -54.21 19.48
C GLN H 129 -0.71 -54.63 20.82
N SER H 130 -1.55 -53.77 21.37
CA SER H 130 -2.19 -54.02 22.65
C SER H 130 -3.08 -55.26 22.57
N ARG H 131 -3.71 -55.47 21.42
CA ARG H 131 -4.61 -56.59 21.25
C ARG H 131 -3.80 -57.90 21.21
N ILE H 132 -2.65 -57.86 20.56
CA ILE H 132 -1.76 -59.00 20.51
C ILE H 132 -1.28 -59.36 21.92
N SER H 133 -0.98 -58.34 22.73
CA SER H 133 -0.54 -58.56 24.10
C SER H 133 -1.59 -59.32 24.92
N ASP H 134 -2.85 -58.92 24.77
CA ASP H 134 -3.93 -59.58 25.46
C ASP H 134 -4.04 -61.05 25.03
N LEU H 135 -3.72 -61.32 23.77
CA LEU H 135 -3.83 -62.69 23.24
C LEU H 135 -2.63 -63.55 23.65
N GLN H 136 -1.58 -62.90 24.14
CA GLN H 136 -0.39 -63.58 24.59
C GLN H 136 -0.16 -63.40 26.08
N ARG H 137 -1.10 -63.86 26.88
CA ARG H 137 -0.99 -63.67 28.32
C ARG H 137 -1.44 -64.92 29.06
N LEU H 138 -2.76 -65.10 29.10
CA LEU H 138 -3.41 -66.30 29.64
C LEU H 138 -2.70 -66.93 30.85
N GLN I 24 -48.10 25.96 -29.31
CA GLN I 24 -46.71 26.43 -29.25
C GLN I 24 -45.79 25.58 -28.35
N HIS I 25 -44.61 25.24 -28.87
CA HIS I 25 -43.60 24.48 -28.12
C HIS I 25 -42.20 25.09 -28.29
N SER I 26 -41.27 24.70 -27.40
CA SER I 26 -39.89 25.19 -27.42
C SER I 26 -38.90 24.16 -26.85
N HIS I 27 -37.64 24.26 -27.25
CA HIS I 27 -36.62 23.35 -26.74
C HIS I 27 -36.31 23.62 -25.26
N LEU I 28 -36.77 24.77 -24.75
CA LEU I 28 -36.53 25.13 -23.35
C LEU I 28 -37.65 24.68 -22.43
N ASP I 29 -38.73 24.13 -23.01
CA ASP I 29 -39.92 23.79 -22.24
C ASP I 29 -39.65 22.72 -21.18
N SER I 30 -38.66 21.88 -21.46
CA SER I 30 -38.37 20.74 -20.60
C SER I 30 -36.91 20.31 -20.71
N LEU I 31 -36.38 19.77 -19.62
CA LEU I 31 -35.04 19.23 -19.60
C LEU I 31 -34.89 18.20 -20.68
N GLU I 32 -35.92 17.37 -20.83
CA GLU I 32 -35.95 16.33 -21.85
C GLU I 32 -35.98 16.91 -23.28
N ASP I 33 -36.80 17.94 -23.49
CA ASP I 33 -36.84 18.64 -24.78
C ASP I 33 -35.50 19.31 -25.08
N GLN I 34 -34.82 19.77 -24.03
CA GLN I 34 -33.55 20.43 -24.15
C GLN I 34 -32.47 19.49 -24.72
N VAL I 35 -32.34 18.32 -24.10
CA VAL I 35 -31.38 17.31 -24.56
C VAL I 35 -31.64 16.88 -26.00
N GLU I 36 -32.92 16.71 -26.33
CA GLU I 36 -33.33 16.30 -27.68
C GLU I 36 -32.85 17.31 -28.70
N ARG I 37 -33.06 18.59 -28.42
CA ARG I 37 -32.60 19.60 -29.36
C ARG I 37 -31.08 19.67 -29.38
N TYR I 38 -30.45 19.54 -28.22
CA TYR I 38 -28.98 19.64 -28.17
C TYR I 38 -28.34 18.47 -28.92
N LYS I 39 -28.89 17.27 -28.71
CA LYS I 39 -28.47 16.09 -29.47
C LYS I 39 -28.56 16.31 -30.97
N GLN I 40 -29.61 17.00 -31.40
CA GLN I 40 -29.77 17.28 -32.82
C GLN I 40 -28.65 18.20 -33.28
N VAL I 41 -28.33 19.21 -32.48
CA VAL I 41 -27.26 20.13 -32.80
C VAL I 41 -25.96 19.35 -33.05
N LEU I 42 -25.60 18.52 -32.07
CA LEU I 42 -24.50 17.58 -32.19
C LEU I 42 -24.55 16.73 -33.46
N ASP I 43 -25.74 16.22 -33.77
CA ASP I 43 -25.89 15.28 -34.89
C ASP I 43 -25.52 15.96 -36.19
N VAL I 44 -25.96 17.20 -36.36
CA VAL I 44 -25.83 17.84 -37.67
C VAL I 44 -24.69 18.84 -37.77
N MET I 45 -24.12 19.21 -36.63
CA MET I 45 -22.90 20.03 -36.56
C MET I 45 -21.82 19.73 -37.58
N PRO I 46 -21.37 20.77 -38.29
CA PRO I 46 -20.20 20.74 -39.19
C PRO I 46 -18.86 20.64 -38.49
N ALA I 47 -18.85 20.32 -37.20
CA ALA I 47 -17.60 20.04 -36.47
C ALA I 47 -17.72 18.78 -35.64
N GLY I 48 -16.63 18.06 -35.53
CA GLY I 48 -16.58 16.87 -34.70
C GLY I 48 -16.59 17.19 -33.21
N VAL I 49 -17.25 16.33 -32.45
CA VAL I 49 -17.34 16.47 -31.01
C VAL I 49 -16.97 15.12 -30.43
N ILE I 50 -16.06 15.14 -29.46
CA ILE I 50 -15.66 13.91 -28.80
C ILE I 50 -15.88 14.08 -27.30
N LEU I 51 -16.66 13.21 -26.68
CA LEU I 51 -16.92 13.35 -25.27
C LEU I 51 -16.33 12.17 -24.45
N LEU I 52 -15.33 12.48 -23.63
CA LEU I 52 -14.73 11.47 -22.75
C LEU I 52 -15.40 11.48 -21.40
N ASP I 53 -15.41 10.33 -20.74
CA ASP I 53 -15.71 10.27 -19.31
C ASP I 53 -14.41 10.56 -18.52
N THR I 54 -14.44 10.41 -17.19
CA THR I 54 -13.26 10.72 -16.37
C THR I 54 -12.13 9.69 -16.53
N GLN I 55 -12.44 8.56 -17.17
CA GLN I 55 -11.46 7.51 -17.44
C GLN I 55 -10.73 7.69 -18.76
N GLY I 56 -11.01 8.78 -19.47
CA GLY I 56 -10.46 8.94 -20.80
C GLY I 56 -11.04 8.00 -21.83
N ILE I 57 -12.23 7.48 -21.57
CA ILE I 57 -12.94 6.65 -22.54
C ILE I 57 -13.92 7.48 -23.35
N VAL I 58 -13.95 7.30 -24.67
CA VAL I 58 -14.87 8.01 -25.55
C VAL I 58 -16.29 7.49 -25.36
N ARG I 59 -17.15 8.33 -24.78
CA ARG I 59 -18.49 7.85 -24.44
C ARG I 59 -19.49 8.27 -25.48
N GLU I 60 -19.15 9.31 -26.23
CA GLU I 60 -20.01 9.78 -27.31
C GLU I 60 -19.17 10.51 -28.37
N ALA I 61 -19.50 10.28 -29.63
CA ALA I 61 -18.84 10.93 -30.76
C ALA I 61 -19.90 11.26 -31.84
N ASN I 62 -19.98 12.51 -32.25
CA ASN I 62 -21.01 12.92 -33.21
C ASN I 62 -20.65 12.44 -34.64
N PRO I 63 -21.56 12.62 -35.61
CA PRO I 63 -21.24 12.04 -36.92
C PRO I 63 -20.02 12.67 -37.60
N GLU I 64 -19.81 13.97 -37.47
CA GLU I 64 -18.66 14.59 -38.10
C GLU I 64 -17.33 14.05 -37.50
N ALA I 65 -17.30 13.84 -36.19
CA ALA I 65 -16.12 13.27 -35.56
C ALA I 65 -15.85 11.91 -36.19
N GLN I 66 -16.92 11.13 -36.33
CA GLN I 66 -16.83 9.79 -36.89
C GLN I 66 -16.29 9.84 -38.30
N ARG I 67 -16.67 10.87 -39.05
CA ARG I 67 -16.30 10.98 -40.45
C ARG I 67 -14.86 11.43 -40.65
N LEU I 68 -14.43 12.39 -39.83
CA LEU I 68 -13.08 12.94 -39.89
C LEU I 68 -12.05 11.92 -39.40
N LEU I 69 -12.33 11.30 -38.26
CA LEU I 69 -11.38 10.36 -37.65
C LEU I 69 -11.44 8.99 -38.35
N ASP I 70 -12.64 8.56 -38.70
CA ASP I 70 -12.84 7.40 -39.56
C ASP I 70 -12.24 6.12 -38.98
N VAL I 71 -12.26 6.03 -37.66
CA VAL I 71 -11.92 4.79 -36.97
C VAL I 71 -12.95 4.60 -35.88
N PRO I 72 -13.03 3.40 -35.29
CA PRO I 72 -13.97 3.24 -34.18
C PRO I 72 -13.60 4.20 -33.00
N LEU I 73 -14.62 4.78 -32.37
CA LEU I 73 -14.44 5.75 -31.30
C LEU I 73 -15.18 5.40 -30.00
N VAL I 74 -16.50 5.24 -30.07
CA VAL I 74 -17.30 5.07 -28.86
C VAL I 74 -16.88 3.83 -28.09
N GLY I 75 -16.57 4.00 -26.81
CA GLY I 75 -16.11 2.89 -26.00
C GLY I 75 -14.61 2.66 -26.06
N GLU I 76 -13.93 3.36 -26.96
CA GLU I 76 -12.47 3.31 -27.06
C GLU I 76 -11.81 4.29 -26.08
N LYS I 77 -10.66 3.91 -25.52
CA LYS I 77 -9.80 4.88 -24.85
C LYS I 77 -9.35 5.94 -25.87
N TRP I 78 -9.36 7.20 -25.46
CA TRP I 78 -8.97 8.28 -26.34
C TRP I 78 -7.49 8.17 -26.77
N TYR I 79 -6.62 7.83 -25.83
CA TYR I 79 -5.20 7.69 -26.17
C TYR I 79 -4.96 6.55 -27.19
N SER I 80 -5.81 5.52 -27.20
CA SER I 80 -5.70 4.47 -28.21
C SER I 80 -6.07 5.05 -29.58
N VAL I 81 -7.15 5.81 -29.59
CA VAL I 81 -7.64 6.46 -30.80
C VAL I 81 -6.58 7.38 -31.40
N ILE I 82 -5.88 8.09 -30.51
CA ILE I 82 -4.84 9.02 -30.89
C ILE I 82 -3.68 8.32 -31.62
N GLN I 83 -3.38 7.11 -31.21
CA GLN I 83 -2.35 6.35 -31.89
C GLN I 83 -2.74 5.96 -33.32
N ILE I 84 -3.99 5.54 -33.52
CA ILE I 84 -4.41 5.08 -34.84
C ILE I 84 -4.72 6.22 -35.80
N ALA I 85 -5.55 7.16 -35.38
CA ALA I 85 -6.16 8.14 -36.27
C ALA I 85 -5.31 9.39 -36.57
N PHE I 86 -4.30 9.67 -35.75
CA PHE I 86 -3.48 10.87 -35.98
C PHE I 86 -2.09 10.55 -36.54
N ALA I 87 -1.59 11.43 -37.38
CA ALA I 87 -0.22 11.29 -37.88
C ALA I 87 0.51 12.63 -37.88
N PRO I 88 0.93 13.08 -36.69
CA PRO I 88 1.63 14.37 -36.52
C PRO I 88 2.77 14.54 -37.52
N ARG I 89 2.77 15.69 -38.19
CA ARG I 89 3.82 16.03 -39.14
C ARG I 89 4.44 17.32 -38.66
N ASP I 90 5.73 17.49 -38.95
CA ASP I 90 6.48 18.59 -38.33
C ASP I 90 5.93 19.96 -38.68
N ASP I 91 5.25 20.08 -39.82
CA ASP I 91 4.71 21.38 -40.23
C ASP I 91 3.21 21.55 -39.92
N ASP I 92 2.72 20.86 -38.91
CA ASP I 92 1.29 20.93 -38.61
C ASP I 92 0.85 22.34 -38.13
N GLY I 93 1.64 22.98 -37.29
CA GLY I 93 1.29 24.31 -36.82
C GLY I 93 0.21 24.27 -35.76
N HIS I 94 -0.81 25.12 -35.90
CA HIS I 94 -1.92 25.14 -34.96
C HIS I 94 -2.91 23.99 -35.25
N GLU I 95 -2.65 23.24 -36.32
CA GLU I 95 -3.46 22.07 -36.64
C GLU I 95 -2.72 20.80 -36.30
N ILE I 96 -3.36 19.67 -36.55
CA ILE I 96 -2.72 18.36 -36.46
C ILE I 96 -3.20 17.45 -37.60
N SER I 97 -2.28 16.68 -38.16
CA SER I 97 -2.57 15.78 -39.28
C SER I 97 -3.22 14.47 -38.85
N LEU I 98 -4.19 14.03 -39.64
CA LEU I 98 -4.78 12.71 -39.43
C LEU I 98 -4.04 11.68 -40.28
N ARG I 99 -4.29 10.40 -40.01
CA ARG I 99 -3.69 9.33 -40.79
C ARG I 99 -4.08 9.43 -42.28
N ASN I 100 -5.30 9.89 -42.52
CA ASN I 100 -5.86 9.93 -43.87
C ASN I 100 -5.49 11.20 -44.64
N GLY I 101 -4.64 12.03 -44.04
CA GLY I 101 -4.13 13.21 -44.73
C GLY I 101 -4.83 14.51 -44.38
N ARG I 102 -5.95 14.45 -43.69
CA ARG I 102 -6.65 15.67 -43.30
C ARG I 102 -5.86 16.44 -42.25
N LYS I 103 -6.09 17.74 -42.18
CA LYS I 103 -5.50 18.60 -41.17
C LYS I 103 -6.62 19.24 -40.35
N VAL I 104 -6.62 18.97 -39.05
CA VAL I 104 -7.73 19.38 -38.21
C VAL I 104 -7.25 20.25 -37.07
N ARG I 105 -8.13 21.09 -36.57
CA ARG I 105 -7.85 21.84 -35.37
C ARG I 105 -8.60 21.23 -34.21
N LEU I 106 -7.87 20.87 -33.17
CA LEU I 106 -8.49 20.39 -31.94
C LEU I 106 -8.61 21.53 -30.94
N ALA I 107 -9.77 21.62 -30.33
CA ALA I 107 -9.97 22.47 -29.18
C ALA I 107 -10.42 21.58 -28.06
N ILE I 108 -9.60 21.55 -27.02
CA ILE I 108 -9.79 20.64 -25.89
C ILE I 108 -10.19 21.43 -24.68
N SER I 109 -11.25 21.01 -24.02
CA SER I 109 -11.65 21.72 -22.83
C SER I 109 -12.11 20.72 -21.79
N ALA I 110 -11.80 21.06 -20.54
CA ALA I 110 -12.08 20.21 -19.42
C ALA I 110 -13.54 20.26 -19.08
N SER I 111 -14.05 19.15 -18.60
CA SER I 111 -15.46 19.08 -18.27
C SER I 111 -15.57 18.58 -16.86
N THR I 112 -16.61 19.04 -16.20
CA THR I 112 -16.97 18.65 -14.85
C THR I 112 -17.04 17.13 -14.67
N THR I 113 -17.12 16.42 -15.78
CA THR I 113 -17.46 15.01 -15.74
C THR I 113 -16.72 14.25 -16.83
N GLY I 114 -15.64 14.84 -17.33
CA GLY I 114 -14.86 14.22 -18.40
C GLY I 114 -14.11 15.28 -19.16
N GLN I 115 -13.94 15.07 -20.46
CA GLN I 115 -13.25 16.02 -21.33
C GLN I 115 -14.04 16.24 -22.61
N LEU I 116 -13.89 17.43 -23.19
CA LEU I 116 -14.53 17.78 -24.44
C LEU I 116 -13.50 18.07 -25.53
N ILE I 117 -13.67 17.45 -26.70
CA ILE I 117 -12.79 17.79 -27.81
C ILE I 117 -13.57 18.16 -29.07
N LEU I 118 -13.37 19.40 -29.49
CA LEU I 118 -13.92 19.91 -30.71
C LEU I 118 -12.90 19.73 -31.81
N ILE I 119 -13.36 19.19 -32.94
CA ILE I 119 -12.52 18.93 -34.09
C ILE I 119 -13.01 19.66 -35.33
N THR I 120 -12.24 20.62 -35.81
CA THR I 120 -12.63 21.28 -37.03
C THR I 120 -11.67 20.95 -38.15
N ASP I 121 -12.23 20.65 -39.31
CA ASP I 121 -11.45 20.29 -40.49
C ASP I 121 -10.95 21.56 -41.15
N LEU I 122 -9.67 21.61 -41.45
CA LEU I 122 -9.07 22.80 -42.05
C LEU I 122 -8.26 22.40 -43.27
N THR I 123 -8.44 21.16 -43.70
CA THR I 123 -7.79 20.62 -44.87
C THR I 123 -7.89 21.55 -46.07
N GLU I 124 -9.13 21.89 -46.42
CA GLU I 124 -9.41 22.70 -47.60
C GLU I 124 -8.76 24.07 -47.45
N THR I 125 -8.93 24.68 -46.28
CA THR I 125 -8.36 25.98 -45.97
C THR I 125 -6.84 26.02 -46.16
N ARG I 126 -6.18 25.00 -45.66
CA ARG I 126 -4.74 24.91 -45.76
C ARG I 126 -4.30 24.70 -47.20
N LEU I 127 -5.02 23.86 -47.93
CA LEU I 127 -4.75 23.64 -49.35
C LEU I 127 -4.81 24.94 -50.15
N LEU I 128 -5.85 25.72 -49.90
CA LEU I 128 -5.97 27.02 -50.53
C LEU I 128 -4.76 27.89 -50.18
N GLN I 129 -4.33 27.82 -48.93
CA GLN I 129 -3.19 28.61 -48.49
C GLN I 129 -1.90 28.10 -49.11
N SER I 130 -1.77 26.79 -49.20
CA SER I 130 -0.68 26.18 -49.96
C SER I 130 -0.67 26.71 -51.39
N ARG I 131 -1.79 26.53 -52.07
CA ARG I 131 -1.91 26.92 -53.46
C ARG I 131 -1.51 28.38 -53.66
N ILE I 132 -1.92 29.25 -52.74
CA ILE I 132 -1.58 30.67 -52.86
C ILE I 132 -0.10 30.94 -52.64
N SER I 133 0.50 30.22 -51.69
CA SER I 133 1.90 30.44 -51.34
C SER I 133 2.84 30.12 -52.49
N ASP I 134 2.62 28.96 -53.10
CA ASP I 134 3.34 28.54 -54.28
C ASP I 134 3.16 29.55 -55.40
N LEU I 135 1.89 29.84 -55.69
CA LEU I 135 1.48 30.82 -56.69
C LEU I 135 2.14 32.19 -56.51
N GLN I 136 2.42 32.54 -55.25
CA GLN I 136 2.92 33.88 -54.92
C GLN I 136 4.37 34.11 -55.35
N ARG I 137 4.96 33.14 -56.03
CA ARG I 137 6.35 33.22 -56.47
C ARG I 137 6.47 33.62 -57.93
N ASP J 29 5.92 -15.22 3.72
CA ASP J 29 5.96 -13.84 3.24
C ASP J 29 6.41 -13.75 1.78
N SER J 30 6.83 -14.87 1.20
CA SER J 30 7.38 -14.89 -0.16
C SER J 30 7.28 -16.22 -0.87
N LEU J 31 7.45 -16.20 -2.20
CA LEU J 31 7.28 -17.41 -3.00
C LEU J 31 8.48 -18.35 -2.93
N GLU J 32 9.67 -17.77 -3.03
CA GLU J 32 10.91 -18.54 -2.95
C GLU J 32 11.02 -19.21 -1.59
N ASP J 33 10.74 -18.44 -0.54
CA ASP J 33 10.72 -18.94 0.83
C ASP J 33 9.73 -20.08 1.01
N GLN J 34 8.68 -20.08 0.18
CA GLN J 34 7.58 -21.01 0.28
C GLN J 34 7.96 -22.37 -0.28
N VAL J 35 8.73 -22.36 -1.36
CA VAL J 35 9.25 -23.62 -1.91
C VAL J 35 10.05 -24.32 -0.83
N GLU J 36 11.03 -23.58 -0.31
CA GLU J 36 11.91 -24.06 0.75
C GLU J 36 11.13 -24.71 1.87
N ARG J 37 10.13 -24.00 2.39
CA ARG J 37 9.32 -24.51 3.49
C ARG J 37 8.67 -25.85 3.10
N TYR J 38 8.13 -25.92 1.88
CA TYR J 38 7.47 -27.13 1.41
C TYR J 38 8.47 -28.23 1.07
N LYS J 39 9.62 -27.85 0.54
CA LYS J 39 10.69 -28.82 0.29
C LYS J 39 11.08 -29.53 1.58
N GLN J 40 11.08 -28.81 2.69
CA GLN J 40 11.46 -29.42 3.97
C GLN J 40 10.43 -30.43 4.45
N VAL J 41 9.16 -30.08 4.34
CA VAL J 41 8.08 -31.00 4.67
C VAL J 41 8.25 -32.30 3.87
N LEU J 42 8.49 -32.16 2.57
CA LEU J 42 8.76 -33.31 1.70
C LEU J 42 9.99 -34.07 2.14
N ASP J 43 11.02 -33.34 2.56
CA ASP J 43 12.27 -33.98 2.97
C ASP J 43 12.06 -34.88 4.18
N VAL J 44 11.24 -34.46 5.13
CA VAL J 44 11.12 -35.25 6.35
C VAL J 44 9.80 -35.97 6.58
N MET J 45 8.80 -35.76 5.73
CA MET J 45 7.53 -36.47 5.88
C MET J 45 7.70 -37.99 5.81
N PRO J 46 6.99 -38.70 6.69
CA PRO J 46 6.93 -40.17 6.79
C PRO J 46 6.03 -40.83 5.76
N ALA J 47 6.03 -40.33 4.53
CA ALA J 47 5.32 -40.98 3.44
C ALA J 47 6.09 -40.70 2.16
N GLY J 48 6.04 -41.64 1.21
CA GLY J 48 6.74 -41.45 -0.04
C GLY J 48 6.03 -40.45 -0.93
N VAL J 49 6.82 -39.64 -1.64
CA VAL J 49 6.26 -38.75 -2.63
C VAL J 49 6.98 -39.02 -3.95
N ILE J 50 6.20 -39.32 -4.99
CA ILE J 50 6.73 -39.46 -6.32
C ILE J 50 6.08 -38.43 -7.23
N LEU J 51 6.90 -37.63 -7.91
CA LEU J 51 6.35 -36.60 -8.80
C LEU J 51 6.74 -36.86 -10.26
N LEU J 52 5.73 -37.22 -11.06
CA LEU J 52 5.90 -37.43 -12.49
C LEU J 52 5.64 -36.16 -13.28
N ASP J 53 6.28 -36.04 -14.44
CA ASP J 53 5.85 -35.08 -15.45
C ASP J 53 4.85 -35.76 -16.36
N THR J 54 4.43 -35.04 -17.41
CA THR J 54 3.40 -35.54 -18.30
C THR J 54 3.89 -36.67 -19.22
N GLN J 55 5.18 -36.98 -19.17
CA GLN J 55 5.74 -38.08 -19.95
C GLN J 55 5.86 -39.36 -19.12
N GLY J 56 5.32 -39.35 -17.91
CA GLY J 56 5.44 -40.49 -17.01
C GLY J 56 6.85 -40.70 -16.48
N ILE J 57 7.62 -39.61 -16.47
CA ILE J 57 9.00 -39.65 -16.00
C ILE J 57 9.17 -39.04 -14.60
N VAL J 58 9.71 -39.82 -13.67
CA VAL J 58 9.96 -39.36 -12.30
C VAL J 58 10.89 -38.16 -12.26
N ARG J 59 10.36 -37.03 -11.84
CA ARG J 59 11.14 -35.79 -11.79
C ARG J 59 11.58 -35.46 -10.36
N GLU J 60 10.82 -35.91 -9.36
CA GLU J 60 11.24 -35.78 -7.97
C GLU J 60 10.71 -36.94 -7.11
N ALA J 61 11.55 -37.40 -6.19
CA ALA J 61 11.18 -38.46 -5.25
C ALA J 61 11.79 -38.19 -3.88
N ASN J 62 10.96 -38.02 -2.85
CA ASN J 62 11.48 -37.60 -1.54
C ASN J 62 12.27 -38.72 -0.86
N PRO J 63 12.93 -38.44 0.28
CA PRO J 63 13.75 -39.53 0.85
C PRO J 63 12.94 -40.75 1.29
N GLU J 64 11.72 -40.56 1.79
CA GLU J 64 10.93 -41.73 2.19
C GLU J 64 10.58 -42.63 0.99
N ALA J 65 10.31 -42.02 -0.15
CA ALA J 65 9.97 -42.83 -1.30
C ALA J 65 11.20 -43.60 -1.69
N GLN J 66 12.35 -42.97 -1.54
CA GLN J 66 13.60 -43.61 -1.91
C GLN J 66 13.91 -44.77 -0.99
N ARG J 67 13.54 -44.63 0.27
CA ARG J 67 13.85 -45.67 1.23
C ARG J 67 12.94 -46.86 1.02
N LEU J 68 11.65 -46.59 0.79
CA LEU J 68 10.66 -47.63 0.59
C LEU J 68 10.90 -48.46 -0.69
N LEU J 69 10.95 -47.79 -1.84
CA LEU J 69 11.08 -48.44 -3.15
C LEU J 69 12.47 -49.05 -3.34
N ASP J 70 13.49 -48.32 -2.91
CA ASP J 70 14.87 -48.81 -2.89
C ASP J 70 15.37 -49.14 -4.28
N VAL J 71 14.93 -48.34 -5.24
CA VAL J 71 15.47 -48.43 -6.60
C VAL J 71 15.69 -47.03 -7.15
N PRO J 72 16.54 -46.91 -8.18
CA PRO J 72 16.70 -45.59 -8.81
C PRO J 72 15.35 -45.05 -9.32
N LEU J 73 15.03 -43.83 -8.92
CA LEU J 73 13.73 -43.24 -9.20
C LEU J 73 13.83 -42.03 -10.13
N VAL J 74 14.57 -41.01 -9.71
CA VAL J 74 14.70 -39.77 -10.49
C VAL J 74 15.15 -39.96 -11.94
N GLY J 75 14.34 -39.46 -12.87
CA GLY J 75 14.66 -39.53 -14.30
C GLY J 75 14.19 -40.82 -14.95
N GLU J 76 13.68 -41.74 -14.14
CA GLU J 76 13.22 -43.03 -14.66
C GLU J 76 11.79 -42.95 -15.15
N LYS J 77 11.47 -43.71 -16.19
CA LYS J 77 10.07 -43.95 -16.54
C LYS J 77 9.39 -44.61 -15.34
N TRP J 78 8.26 -44.08 -14.90
CA TRP J 78 7.56 -44.66 -13.77
C TRP J 78 7.13 -46.12 -14.08
N TYR J 79 6.70 -46.35 -15.32
CA TYR J 79 6.27 -47.70 -15.69
C TYR J 79 7.47 -48.67 -15.63
N SER J 80 8.68 -48.14 -15.83
CA SER J 80 9.90 -48.93 -15.65
C SER J 80 10.08 -49.29 -14.19
N VAL J 81 10.11 -48.27 -13.34
CA VAL J 81 10.19 -48.45 -11.90
C VAL J 81 9.16 -49.47 -11.39
N ILE J 82 7.96 -49.45 -11.97
CA ILE J 82 6.89 -50.35 -11.54
C ILE J 82 7.29 -51.82 -11.74
N GLN J 83 8.01 -52.08 -12.82
CA GLN J 83 8.49 -53.43 -13.09
C GLN J 83 9.60 -53.89 -12.14
N ILE J 84 10.46 -52.98 -11.74
CA ILE J 84 11.58 -53.36 -10.89
C ILE J 84 11.22 -53.40 -9.40
N ALA J 85 10.45 -52.43 -8.92
CA ALA J 85 10.25 -52.27 -7.47
C ALA J 85 8.97 -52.90 -6.87
N PHE J 86 8.00 -53.24 -7.70
CA PHE J 86 6.76 -53.83 -7.17
C PHE J 86 6.67 -55.32 -7.47
N ALA J 87 5.90 -56.02 -6.66
CA ALA J 87 5.66 -57.45 -6.86
C ALA J 87 4.28 -57.83 -6.37
N PRO J 88 3.24 -57.50 -7.15
CA PRO J 88 1.83 -57.70 -6.77
C PRO J 88 1.57 -59.14 -6.34
N ARG J 89 0.76 -59.32 -5.30
CA ARG J 89 0.43 -60.66 -4.80
C ARG J 89 -1.06 -60.86 -4.78
N ASP J 90 -1.47 -62.14 -4.87
CA ASP J 90 -2.85 -62.57 -4.71
C ASP J 90 -3.63 -61.75 -3.70
N ASP J 91 -3.06 -61.65 -2.49
CA ASP J 91 -3.76 -61.13 -1.33
C ASP J 91 -3.35 -59.72 -0.94
N ASP J 92 -2.94 -58.90 -1.91
CA ASP J 92 -2.49 -57.54 -1.63
C ASP J 92 -3.61 -56.65 -1.06
N GLY J 93 -4.82 -56.84 -1.55
CA GLY J 93 -5.95 -56.02 -1.11
C GLY J 93 -5.78 -54.57 -1.55
N HIS J 94 -6.08 -53.64 -0.64
CA HIS J 94 -5.93 -52.20 -0.90
C HIS J 94 -4.46 -51.83 -1.07
N GLU J 95 -3.57 -52.69 -0.57
CA GLU J 95 -2.15 -52.43 -0.64
C GLU J 95 -1.53 -53.12 -1.83
N ILE J 96 -0.22 -52.99 -1.96
CA ILE J 96 0.52 -53.65 -3.04
C ILE J 96 1.93 -53.98 -2.58
N SER J 97 2.42 -55.16 -2.93
CA SER J 97 3.73 -55.58 -2.42
C SER J 97 4.88 -55.02 -3.25
N LEU J 98 5.97 -54.65 -2.57
CA LEU J 98 7.21 -54.32 -3.26
C LEU J 98 8.05 -55.57 -3.42
N ARG J 99 9.05 -55.51 -4.29
CA ARG J 99 9.96 -56.63 -4.50
C ARG J 99 10.73 -57.00 -3.22
N ASN J 100 10.84 -56.06 -2.29
CA ASN J 100 11.57 -56.30 -1.04
C ASN J 100 10.72 -56.84 0.09
N GLY J 101 9.44 -57.07 -0.18
CA GLY J 101 8.57 -57.69 0.81
C GLY J 101 7.60 -56.72 1.44
N ARG J 102 7.98 -55.44 1.45
CA ARG J 102 7.11 -54.41 2.01
C ARG J 102 5.76 -54.39 1.35
N LYS J 103 4.74 -53.99 2.12
CA LYS J 103 3.42 -53.76 1.57
C LYS J 103 3.08 -52.28 1.73
N VAL J 104 2.75 -51.62 0.62
CA VAL J 104 2.54 -50.18 0.68
C VAL J 104 1.17 -49.81 0.12
N ARG J 105 0.63 -48.69 0.60
CA ARG J 105 -0.60 -48.15 0.03
C ARG J 105 -0.29 -47.01 -0.93
N LEU J 106 -0.64 -47.17 -2.20
CA LEU J 106 -0.47 -46.09 -3.17
C LEU J 106 -1.72 -45.20 -3.31
N ALA J 107 -1.51 -43.89 -3.26
CA ALA J 107 -2.56 -42.91 -3.57
C ALA J 107 -2.13 -42.11 -4.78
N ILE J 108 -2.87 -42.22 -5.87
CA ILE J 108 -2.45 -41.57 -7.11
C ILE J 108 -3.34 -40.38 -7.46
N SER J 109 -2.73 -39.24 -7.72
CA SER J 109 -3.46 -38.02 -8.07
C SER J 109 -2.95 -37.43 -9.37
N ALA J 110 -3.86 -36.87 -10.14
CA ALA J 110 -3.49 -36.15 -11.35
C ALA J 110 -3.09 -34.74 -10.99
N SER J 111 -2.37 -34.08 -11.88
CA SER J 111 -1.99 -32.68 -11.67
C SER J 111 -1.79 -31.96 -12.99
N THR J 112 -1.97 -30.65 -12.94
CA THR J 112 -1.68 -29.72 -14.03
C THR J 112 -0.45 -30.11 -14.83
N THR J 113 0.60 -30.52 -14.13
CA THR J 113 1.90 -30.73 -14.76
C THR J 113 2.49 -32.12 -14.54
N GLY J 114 1.65 -33.11 -14.26
CA GLY J 114 2.11 -34.49 -14.16
C GLY J 114 1.20 -35.37 -13.33
N GLN J 115 1.83 -36.27 -12.58
CA GLN J 115 1.12 -37.11 -11.62
C GLN J 115 1.74 -36.99 -10.24
N LEU J 116 0.93 -37.20 -9.22
CA LEU J 116 1.42 -37.36 -7.87
C LEU J 116 1.11 -38.76 -7.34
N ILE J 117 2.10 -39.38 -6.71
CA ILE J 117 1.89 -40.68 -6.08
C ILE J 117 2.36 -40.64 -4.63
N LEU J 118 1.40 -40.83 -3.73
CA LEU J 118 1.72 -40.96 -2.34
C LEU J 118 1.88 -42.43 -2.03
N ILE J 119 2.89 -42.74 -1.22
CA ILE J 119 3.24 -44.10 -0.85
C ILE J 119 3.35 -44.18 0.66
N THR J 120 2.50 -44.99 1.28
CA THR J 120 2.66 -45.20 2.71
C THR J 120 2.95 -46.66 3.00
N ASP J 121 3.92 -46.86 3.89
CA ASP J 121 4.29 -48.19 4.37
C ASP J 121 3.19 -48.71 5.27
N LEU J 122 2.76 -49.94 5.02
CA LEU J 122 1.77 -50.59 5.87
C LEU J 122 2.26 -51.98 6.26
N THR J 123 3.53 -52.24 6.00
CA THR J 123 4.14 -53.53 6.31
C THR J 123 3.88 -53.99 7.74
N GLU J 124 4.13 -53.13 8.72
CA GLU J 124 3.93 -53.48 10.13
C GLU J 124 2.47 -53.75 10.49
N THR J 125 1.61 -52.82 10.11
CA THR J 125 0.18 -52.94 10.36
C THR J 125 -0.35 -54.27 9.84
N ARG J 126 0.11 -54.66 8.66
CA ARG J 126 -0.40 -55.86 8.02
C ARG J 126 0.08 -57.10 8.73
N LEU J 127 1.33 -57.07 9.18
CA LEU J 127 1.89 -58.17 9.97
C LEU J 127 1.14 -58.34 11.28
N LEU J 128 0.86 -57.22 11.93
CA LEU J 128 0.13 -57.27 13.18
C LEU J 128 -1.25 -57.87 12.95
N GLN J 129 -1.91 -57.46 11.87
CA GLN J 129 -3.21 -58.01 11.51
C GLN J 129 -3.08 -59.47 11.13
N SER J 130 -1.94 -59.80 10.53
CA SER J 130 -1.60 -61.16 10.16
C SER J 130 -1.34 -62.04 11.38
N ARG J 131 -0.73 -61.48 12.43
CA ARG J 131 -0.45 -62.26 13.63
C ARG J 131 -1.71 -62.53 14.45
N ILE J 132 -2.61 -61.56 14.51
CA ILE J 132 -3.86 -61.69 15.26
C ILE J 132 -4.77 -62.74 14.65
N SER J 133 -4.79 -62.79 13.32
CA SER J 133 -5.60 -63.79 12.61
C SER J 133 -5.28 -65.20 13.07
N ASP J 134 -3.98 -65.54 13.02
CA ASP J 134 -3.49 -66.82 13.51
C ASP J 134 -3.81 -67.01 14.98
N LEU J 135 -3.58 -65.96 15.75
CA LEU J 135 -3.72 -66.05 17.20
C LEU J 135 -5.12 -66.44 17.68
N GLN J 136 -6.13 -66.28 16.82
CA GLN J 136 -7.48 -66.70 17.19
C GLN J 136 -8.07 -67.74 16.23
N ARG J 137 -7.72 -69.01 16.45
CA ARG J 137 -8.31 -70.12 15.70
C ARG J 137 -9.25 -70.92 16.61
N GLU K 23 -3.54 33.83 -28.00
CA GLU K 23 -3.14 32.55 -28.59
C GLU K 23 -2.48 31.65 -27.55
N GLN K 24 -1.14 31.68 -27.51
CA GLN K 24 -0.41 30.82 -26.58
C GLN K 24 -0.42 31.36 -25.16
N HIS K 25 -0.38 30.45 -24.19
CA HIS K 25 -0.12 30.78 -22.79
C HIS K 25 0.60 29.60 -22.14
N SER K 26 1.47 29.90 -21.17
CA SER K 26 2.28 28.89 -20.52
C SER K 26 2.48 29.22 -19.04
N HIS K 27 2.82 28.22 -18.25
CA HIS K 27 3.06 28.40 -16.81
C HIS K 27 4.44 29.05 -16.59
N LEU K 28 5.23 29.09 -17.66
CA LEU K 28 6.55 29.69 -17.60
C LEU K 28 6.57 31.19 -17.98
N ASP K 29 5.42 31.73 -18.39
CA ASP K 29 5.34 33.12 -18.85
C ASP K 29 5.83 34.12 -17.80
N SER K 30 5.60 33.79 -16.54
CA SER K 30 5.90 34.68 -15.43
C SER K 30 6.03 33.89 -14.15
N LEU K 31 6.62 34.53 -13.14
CA LEU K 31 6.78 33.93 -11.83
C LEU K 31 5.43 33.58 -11.23
N GLU K 32 4.46 34.48 -11.34
CA GLU K 32 3.13 34.21 -10.81
C GLU K 32 2.43 33.02 -11.49
N ASP K 33 2.61 32.87 -12.81
CA ASP K 33 2.05 31.71 -13.49
C ASP K 33 2.76 30.43 -13.04
N GLN K 34 4.06 30.55 -12.76
CA GLN K 34 4.82 29.44 -12.22
C GLN K 34 4.24 28.92 -10.91
N VAL K 35 3.99 29.81 -9.97
CA VAL K 35 3.46 29.41 -8.66
C VAL K 35 2.08 28.81 -8.77
N GLU K 36 1.25 29.45 -9.59
CA GLU K 36 -0.10 29.00 -9.84
C GLU K 36 -0.08 27.53 -10.27
N ARG K 37 0.76 27.22 -11.25
CA ARG K 37 0.76 25.87 -11.81
C ARG K 37 1.36 24.90 -10.81
N TYR K 38 2.37 25.37 -10.07
CA TYR K 38 3.04 24.51 -9.11
C TYR K 38 2.16 24.25 -7.89
N LYS K 39 1.41 25.26 -7.45
CA LYS K 39 0.43 25.06 -6.37
C LYS K 39 -0.59 23.97 -6.75
N GLN K 40 -1.04 23.96 -7.99
CA GLN K 40 -1.99 22.93 -8.46
C GLN K 40 -1.35 21.55 -8.33
N VAL K 41 -0.10 21.44 -8.75
CA VAL K 41 0.65 20.21 -8.60
C VAL K 41 0.65 19.69 -7.14
N LEU K 42 1.00 20.55 -6.19
CA LEU K 42 0.96 20.19 -4.76
C LEU K 42 -0.44 19.80 -4.30
N ASP K 43 -1.43 20.52 -4.81
CA ASP K 43 -2.81 20.23 -4.46
C ASP K 43 -3.22 18.80 -4.86
N VAL K 44 -2.90 18.38 -6.08
CA VAL K 44 -3.47 17.13 -6.60
C VAL K 44 -2.55 15.90 -6.50
N MET K 45 -1.26 16.12 -6.24
CA MET K 45 -0.31 14.99 -6.23
C MET K 45 -0.65 14.00 -5.13
N PRO K 46 -0.56 12.69 -5.47
CA PRO K 46 -0.86 11.56 -4.57
C PRO K 46 0.35 11.19 -3.71
N ALA K 47 1.09 12.19 -3.25
CA ALA K 47 2.11 12.02 -2.20
C ALA K 47 2.05 13.23 -1.26
N GLY K 48 2.26 12.99 0.03
CA GLY K 48 2.25 14.08 0.99
C GLY K 48 3.46 15.01 0.86
N VAL K 49 3.22 16.31 1.07
CA VAL K 49 4.30 17.29 1.09
C VAL K 49 4.24 18.16 2.34
N ILE K 50 5.32 18.17 3.09
CA ILE K 50 5.46 18.98 4.30
C ILE K 50 6.60 19.96 4.06
N LEU K 51 6.31 21.25 4.07
CA LEU K 51 7.36 22.25 3.92
C LEU K 51 7.67 22.87 5.27
N LEU K 52 8.90 22.70 5.77
CA LEU K 52 9.32 23.33 7.00
C LEU K 52 10.05 24.62 6.71
N ASP K 53 10.03 25.53 7.68
CA ASP K 53 10.91 26.68 7.63
C ASP K 53 12.21 26.32 8.35
N THR K 54 13.07 27.31 8.57
CA THR K 54 14.36 27.01 9.21
C THR K 54 14.30 26.83 10.72
N GLN K 55 13.15 27.10 11.32
CA GLN K 55 12.89 26.78 12.72
C GLN K 55 12.33 25.38 12.90
N GLY K 56 12.14 24.66 11.79
CA GLY K 56 11.57 23.33 11.83
C GLY K 56 10.07 23.34 12.13
N ILE K 57 9.42 24.46 11.84
CA ILE K 57 7.98 24.55 11.95
C ILE K 57 7.31 24.30 10.60
N VAL K 58 6.32 23.40 10.57
CA VAL K 58 5.52 23.18 9.36
C VAL K 58 4.85 24.47 8.93
N ARG K 59 5.13 24.92 7.72
CA ARG K 59 4.53 26.15 7.21
C ARG K 59 3.52 25.87 6.10
N GLU K 60 3.65 24.72 5.44
CA GLU K 60 2.67 24.29 4.44
C GLU K 60 2.62 22.76 4.34
N ALA K 61 1.40 22.22 4.32
CA ALA K 61 1.20 20.79 4.05
C ALA K 61 0.08 20.61 3.03
N ASN K 62 0.31 19.79 2.01
CA ASN K 62 -0.65 19.60 0.93
C ASN K 62 -1.74 18.66 1.40
N PRO K 63 -2.85 18.58 0.66
CA PRO K 63 -3.96 17.78 1.18
C PRO K 63 -3.58 16.32 1.47
N GLU K 64 -2.77 15.72 0.60
CA GLU K 64 -2.37 14.33 0.81
C GLU K 64 -1.60 14.14 2.13
N ALA K 65 -0.78 15.12 2.52
CA ALA K 65 -0.05 15.00 3.78
C ALA K 65 -1.04 15.08 4.92
N GLN K 66 -1.92 16.06 4.82
CA GLN K 66 -2.93 16.26 5.82
C GLN K 66 -3.76 14.98 6.03
N ARG K 67 -4.25 14.39 4.94
CA ARG K 67 -5.01 13.13 5.02
C ARG K 67 -4.21 11.96 5.59
N LEU K 68 -2.96 11.82 5.16
CA LEU K 68 -2.13 10.69 5.59
C LEU K 68 -1.78 10.74 7.07
N LEU K 69 -1.38 11.93 7.55
CA LEU K 69 -0.95 12.05 8.95
C LEU K 69 -2.12 12.25 9.91
N ASP K 70 -3.17 12.90 9.41
CA ASP K 70 -4.42 13.11 10.15
C ASP K 70 -4.19 13.71 11.53
N VAL K 71 -3.30 14.70 11.61
CA VAL K 71 -3.12 15.47 12.82
C VAL K 71 -2.92 16.93 12.46
N PRO K 72 -3.15 17.83 13.44
CA PRO K 72 -2.77 19.24 13.24
C PRO K 72 -1.34 19.38 12.72
N LEU K 73 -1.17 20.07 11.60
CA LEU K 73 0.14 20.17 10.96
C LEU K 73 0.71 21.60 10.83
N VAL K 74 0.04 22.45 10.06
CA VAL K 74 0.57 23.79 9.82
C VAL K 74 0.68 24.60 11.11
N GLY K 75 1.82 25.23 11.31
CA GLY K 75 2.03 26.04 12.50
C GLY K 75 2.68 25.26 13.62
N GLU K 76 2.80 23.95 13.43
CA GLU K 76 3.37 23.06 14.44
C GLU K 76 4.85 22.81 14.24
N LYS K 77 5.56 22.56 15.34
CA LYS K 77 6.92 22.06 15.28
C LYS K 77 6.91 20.65 14.70
N TRP K 78 7.77 20.39 13.73
CA TRP K 78 7.79 19.09 13.08
C TRP K 78 8.15 17.95 14.04
N TYR K 79 8.94 18.24 15.07
CA TYR K 79 9.32 17.17 15.97
C TYR K 79 8.15 16.79 16.87
N SER K 80 7.33 17.77 17.26
CA SER K 80 6.06 17.51 17.92
C SER K 80 5.18 16.58 17.09
N VAL K 81 5.06 16.89 15.80
CA VAL K 81 4.20 16.11 14.93
C VAL K 81 4.69 14.67 14.87
N ILE K 82 6.01 14.53 14.85
CA ILE K 82 6.64 13.21 14.85
C ILE K 82 6.24 12.39 16.08
N GLN K 83 6.16 13.03 17.22
CA GLN K 83 5.80 12.32 18.44
C GLN K 83 4.32 11.98 18.43
N ILE K 84 3.52 12.84 17.81
CA ILE K 84 2.08 12.63 17.72
C ILE K 84 1.69 11.64 16.62
N ALA K 85 2.16 11.91 15.41
CA ALA K 85 1.66 11.24 14.21
C ALA K 85 2.30 9.87 13.94
N PHE K 86 3.49 9.65 14.47
CA PHE K 86 4.22 8.42 14.17
C PHE K 86 4.26 7.46 15.34
N ALA K 87 4.39 6.19 15.03
CA ALA K 87 4.47 5.15 16.01
C ALA K 87 5.23 4.01 15.36
N PRO K 88 6.57 4.11 15.36
CA PRO K 88 7.45 3.14 14.71
C PRO K 88 7.35 1.77 15.34
N ARG K 89 7.29 0.73 14.52
CA ARG K 89 7.31 -0.64 15.02
C ARG K 89 8.55 -1.35 14.50
N ASP K 90 8.97 -2.39 15.23
CA ASP K 90 10.23 -3.07 14.99
C ASP K 90 10.36 -3.64 13.60
N ASP K 91 9.24 -3.88 12.94
CA ASP K 91 9.26 -4.50 11.61
C ASP K 91 8.78 -3.55 10.52
N ASP K 92 9.02 -2.25 10.70
CA ASP K 92 8.70 -1.27 9.67
C ASP K 92 9.63 -1.42 8.48
N GLY K 93 10.84 -1.91 8.74
CA GLY K 93 11.87 -1.94 7.73
C GLY K 93 12.18 -0.55 7.21
N HIS K 94 11.95 -0.36 5.91
CA HIS K 94 12.36 0.87 5.25
C HIS K 94 11.20 1.86 5.21
N GLU K 95 10.06 1.49 5.79
CA GLU K 95 8.97 2.44 6.03
C GLU K 95 8.99 2.91 7.47
N ILE K 96 7.92 3.60 7.85
CA ILE K 96 7.70 3.99 9.22
C ILE K 96 6.21 3.96 9.48
N SER K 97 5.80 3.36 10.60
CA SER K 97 4.38 3.19 10.83
C SER K 97 3.79 4.48 11.37
N LEU K 98 2.56 4.78 10.97
CA LEU K 98 1.84 5.87 11.59
C LEU K 98 1.02 5.35 12.77
N ARG K 99 0.63 6.28 13.64
CA ARG K 99 -0.22 5.97 14.77
C ARG K 99 -1.55 5.40 14.28
N ASN K 100 -2.04 5.90 13.15
CA ASN K 100 -3.34 5.51 12.61
C ASN K 100 -3.34 4.17 11.88
N GLY K 101 -2.15 3.60 11.73
CA GLY K 101 -2.02 2.28 11.14
C GLY K 101 -1.27 2.32 9.83
N ARG K 102 -1.34 3.46 9.14
CA ARG K 102 -0.69 3.59 7.84
C ARG K 102 0.82 3.34 7.91
N LYS K 103 1.35 2.76 6.85
CA LYS K 103 2.78 2.59 6.67
C LYS K 103 3.20 3.44 5.49
N VAL K 104 4.14 4.32 5.75
CA VAL K 104 4.57 5.33 4.79
C VAL K 104 6.09 5.35 4.69
N ARG K 105 6.58 5.84 3.56
CA ARG K 105 8.00 6.04 3.36
C ARG K 105 8.30 7.53 3.26
N LEU K 106 9.36 7.98 3.93
CA LEU K 106 9.71 9.39 3.93
C LEU K 106 10.92 9.69 3.07
N ALA K 107 10.84 10.78 2.33
CA ALA K 107 12.00 11.30 1.61
C ALA K 107 12.19 12.75 2.07
N ILE K 108 13.30 12.95 2.76
CA ILE K 108 13.62 14.21 3.42
C ILE K 108 14.74 14.92 2.67
N SER K 109 14.56 16.20 2.35
CA SER K 109 15.63 16.91 1.68
C SER K 109 15.75 18.33 2.21
N ALA K 110 16.96 18.88 2.11
CA ALA K 110 17.26 20.20 2.65
C ALA K 110 16.89 21.29 1.66
N SER K 111 16.52 22.45 2.18
CA SER K 111 16.20 23.57 1.33
C SER K 111 16.92 24.83 1.78
N THR K 112 17.21 25.69 0.80
CA THR K 112 17.74 27.02 1.04
C THR K 112 17.00 27.75 2.14
N THR K 113 15.75 27.35 2.37
CA THR K 113 14.86 28.15 3.19
C THR K 113 14.11 27.29 4.18
N GLY K 114 14.67 26.12 4.48
CA GLY K 114 14.03 25.20 5.38
C GLY K 114 14.25 23.75 4.96
N GLN K 115 13.17 22.99 4.93
CA GLN K 115 13.26 21.54 4.84
C GLN K 115 12.02 20.98 4.18
N LEU K 116 12.23 19.98 3.33
CA LEU K 116 11.15 19.37 2.57
C LEU K 116 11.00 17.90 2.96
N ILE K 117 9.77 17.49 3.31
CA ILE K 117 9.48 16.08 3.55
C ILE K 117 8.44 15.53 2.58
N LEU K 118 8.79 14.47 1.86
CA LEU K 118 7.86 13.83 0.93
C LEU K 118 7.37 12.54 1.53
N ILE K 119 6.06 12.32 1.50
CA ILE K 119 5.49 11.14 2.14
C ILE K 119 4.79 10.24 1.11
N THR K 120 5.29 9.02 1.00
CA THR K 120 4.65 8.02 0.15
C THR K 120 3.89 6.98 0.96
N ASP K 121 2.59 6.85 0.71
CA ASP K 121 1.78 5.86 1.40
C ASP K 121 2.06 4.47 0.85
N LEU K 122 2.28 3.52 1.75
CA LEU K 122 2.60 2.15 1.33
C LEU K 122 1.60 1.15 1.90
N THR K 123 0.54 1.68 2.50
CA THR K 123 -0.37 0.84 3.23
C THR K 123 -0.98 -0.17 2.29
N GLU K 124 -1.50 0.29 1.15
CA GLU K 124 -2.19 -0.60 0.23
C GLU K 124 -1.25 -1.61 -0.37
N THR K 125 -0.04 -1.19 -0.67
CA THR K 125 0.95 -2.11 -1.16
C THR K 125 1.21 -3.23 -0.13
N ARG K 126 1.34 -2.84 1.14
CA ARG K 126 1.64 -3.80 2.20
C ARG K 126 0.50 -4.75 2.47
N LEU K 127 -0.73 -4.26 2.35
CA LEU K 127 -1.93 -5.08 2.56
C LEU K 127 -2.11 -6.10 1.45
N LEU K 128 -1.85 -5.67 0.21
CA LEU K 128 -1.91 -6.55 -0.93
C LEU K 128 -0.89 -7.67 -0.78
N GLN K 129 0.28 -7.35 -0.21
CA GLN K 129 1.31 -8.34 0.00
C GLN K 129 0.95 -9.30 1.13
N SER K 130 0.41 -8.76 2.22
CA SER K 130 -0.12 -9.61 3.28
C SER K 130 -1.22 -10.51 2.76
N ARG K 131 -2.05 -9.96 1.87
CA ARG K 131 -3.19 -10.71 1.37
C ARG K 131 -2.66 -11.88 0.54
N ILE K 132 -1.65 -11.61 -0.27
CA ILE K 132 -1.02 -12.64 -1.09
C ILE K 132 -0.43 -13.78 -0.25
N SER K 133 0.37 -13.43 0.76
CA SER K 133 1.05 -14.45 1.56
C SER K 133 0.02 -15.33 2.27
N ASP K 134 -1.10 -14.74 2.68
CA ASP K 134 -2.16 -15.49 3.35
C ASP K 134 -2.83 -16.49 2.41
N LEU K 135 -3.06 -16.06 1.17
CA LEU K 135 -3.80 -16.89 0.22
C LEU K 135 -3.00 -18.11 -0.20
N GLN K 136 -1.68 -17.96 -0.23
CA GLN K 136 -0.82 -19.06 -0.65
C GLN K 136 -0.73 -20.17 0.38
N ARG K 137 -1.09 -19.86 1.62
CA ARG K 137 -1.03 -20.84 2.70
C ARG K 137 -2.36 -21.57 2.81
N LEU K 138 -3.27 -21.25 1.89
CA LEU K 138 -4.59 -21.87 1.85
C LEU K 138 -4.59 -23.12 1.01
N GLN L 22 -38.90 -11.96 20.78
CA GLN L 22 -38.83 -11.09 19.61
C GLN L 22 -40.08 -11.16 18.73
N GLU L 23 -40.54 -10.00 18.27
CA GLU L 23 -41.66 -9.92 17.34
C GLU L 23 -41.17 -9.54 15.96
N GLN L 24 -41.40 -10.43 15.01
CA GLN L 24 -40.96 -10.23 13.64
C GLN L 24 -42.11 -9.74 12.77
N HIS L 25 -41.77 -9.19 11.61
CA HIS L 25 -42.75 -8.82 10.61
C HIS L 25 -42.32 -9.32 9.24
N SER L 26 -43.29 -9.47 8.34
CA SER L 26 -43.07 -10.00 7.01
C SER L 26 -43.95 -9.26 6.02
N HIS L 27 -43.52 -9.14 4.78
CA HIS L 27 -44.40 -8.54 3.78
C HIS L 27 -45.61 -9.43 3.53
N LEU L 28 -45.48 -10.72 3.86
CA LEU L 28 -46.58 -11.65 3.67
C LEU L 28 -47.61 -11.64 4.79
N ASP L 29 -47.43 -10.80 5.82
CA ASP L 29 -48.34 -10.87 6.96
C ASP L 29 -49.77 -10.44 6.63
N SER L 30 -49.95 -9.71 5.54
CA SER L 30 -51.28 -9.27 5.18
C SER L 30 -51.26 -8.75 3.76
N LEU L 31 -52.45 -8.59 3.21
CA LEU L 31 -52.62 -8.13 1.85
C LEU L 31 -52.04 -6.73 1.73
N GLU L 32 -52.34 -5.89 2.71
CA GLU L 32 -51.83 -4.52 2.75
C GLU L 32 -50.31 -4.51 2.82
N ASP L 33 -49.73 -5.43 3.57
CA ASP L 33 -48.27 -5.49 3.70
C ASP L 33 -47.63 -5.91 2.38
N GLN L 34 -48.27 -6.85 1.70
CA GLN L 34 -47.79 -7.32 0.41
C GLN L 34 -47.72 -6.18 -0.61
N VAL L 35 -48.77 -5.36 -0.68
CA VAL L 35 -48.79 -4.29 -1.66
C VAL L 35 -47.69 -3.29 -1.37
N GLU L 36 -47.55 -2.93 -0.10
CA GLU L 36 -46.51 -2.03 0.35
C GLU L 36 -45.15 -2.49 -0.18
N ARG L 37 -44.82 -3.74 0.08
CA ARG L 37 -43.56 -4.31 -0.38
C ARG L 37 -43.50 -4.37 -1.91
N TYR L 38 -44.56 -4.87 -2.56
CA TYR L 38 -44.53 -5.00 -4.02
C TYR L 38 -44.46 -3.64 -4.72
N LYS L 39 -45.17 -2.65 -4.18
CA LYS L 39 -45.09 -1.28 -4.67
C LYS L 39 -43.62 -0.81 -4.70
N GLN L 40 -42.87 -1.16 -3.65
CA GLN L 40 -41.48 -0.71 -3.51
C GLN L 40 -40.66 -1.38 -4.60
N VAL L 41 -40.97 -2.63 -4.91
CA VAL L 41 -40.25 -3.34 -5.98
C VAL L 41 -40.47 -2.62 -7.30
N LEU L 42 -41.73 -2.26 -7.57
CA LEU L 42 -42.07 -1.51 -8.76
C LEU L 42 -41.33 -0.19 -8.80
N ASP L 43 -41.16 0.43 -7.64
CA ASP L 43 -40.55 1.74 -7.58
C ASP L 43 -39.08 1.70 -8.00
N VAL L 44 -38.35 0.71 -7.50
CA VAL L 44 -36.88 0.77 -7.58
C VAL L 44 -36.32 -0.10 -8.69
N MET L 45 -37.13 -1.06 -9.16
CA MET L 45 -36.66 -1.99 -10.18
C MET L 45 -36.20 -1.29 -11.46
N PRO L 46 -35.15 -1.84 -12.08
CA PRO L 46 -34.50 -1.25 -13.26
C PRO L 46 -35.17 -1.71 -14.55
N ALA L 47 -36.48 -1.87 -14.52
CA ALA L 47 -37.24 -2.14 -15.73
C ALA L 47 -38.54 -1.35 -15.70
N GLY L 48 -38.99 -0.91 -16.88
CA GLY L 48 -40.25 -0.21 -16.98
C GLY L 48 -41.41 -1.16 -16.76
N VAL L 49 -42.47 -0.66 -16.13
CA VAL L 49 -43.69 -1.43 -15.96
C VAL L 49 -44.91 -0.63 -16.40
N ILE L 50 -45.65 -1.15 -17.37
CA ILE L 50 -46.90 -0.51 -17.81
C ILE L 50 -48.08 -1.42 -17.48
N LEU L 51 -48.99 -0.91 -16.65
CA LEU L 51 -50.18 -1.69 -16.28
C LEU L 51 -51.43 -1.13 -16.93
N LEU L 52 -52.08 -1.94 -17.76
CA LEU L 52 -53.27 -1.51 -18.48
C LEU L 52 -54.53 -2.07 -17.88
N ASP L 53 -55.62 -1.30 -17.95
CA ASP L 53 -56.92 -1.84 -17.62
C ASP L 53 -57.46 -2.59 -18.86
N THR L 54 -58.68 -3.11 -18.76
CA THR L 54 -59.23 -3.93 -19.84
C THR L 54 -59.63 -3.12 -21.05
N GLN L 55 -59.66 -1.79 -20.91
CA GLN L 55 -59.99 -0.92 -22.04
C GLN L 55 -58.74 -0.41 -22.73
N GLY L 56 -57.59 -0.95 -22.35
CA GLY L 56 -56.33 -0.52 -22.93
C GLY L 56 -55.91 0.87 -22.51
N ILE L 57 -56.35 1.29 -21.33
CA ILE L 57 -55.88 2.54 -20.76
C ILE L 57 -54.81 2.30 -19.67
N VAL L 58 -53.74 3.10 -19.71
CA VAL L 58 -52.68 3.02 -18.71
C VAL L 58 -53.18 3.53 -17.36
N ARG L 59 -53.31 2.61 -16.40
CA ARG L 59 -53.69 2.98 -15.03
C ARG L 59 -52.45 3.15 -14.13
N GLU L 60 -51.36 2.47 -14.44
CA GLU L 60 -50.12 2.68 -13.68
C GLU L 60 -48.86 2.49 -14.53
N ALA L 61 -47.88 3.37 -14.29
CA ALA L 61 -46.55 3.26 -14.86
C ALA L 61 -45.51 3.65 -13.80
N ASN L 62 -44.50 2.79 -13.60
CA ASN L 62 -43.47 2.99 -12.54
C ASN L 62 -42.35 3.94 -13.00
N PRO L 63 -41.48 4.39 -12.08
CA PRO L 63 -40.55 5.42 -12.53
C PRO L 63 -39.71 5.02 -13.74
N GLU L 64 -39.25 3.78 -13.80
CA GLU L 64 -38.41 3.38 -14.92
C GLU L 64 -39.12 3.52 -16.28
N ALA L 65 -40.43 3.28 -16.31
CA ALA L 65 -41.16 3.38 -17.57
C ALA L 65 -41.41 4.84 -17.90
N GLN L 66 -41.69 5.63 -16.88
CA GLN L 66 -41.89 7.07 -17.03
C GLN L 66 -40.65 7.72 -17.61
N ARG L 67 -39.50 7.23 -17.17
CA ARG L 67 -38.20 7.70 -17.64
C ARG L 67 -37.94 7.29 -19.08
N LEU L 68 -38.14 6.00 -19.36
CA LEU L 68 -37.80 5.47 -20.66
C LEU L 68 -38.70 6.05 -21.76
N LEU L 69 -40.01 6.04 -21.54
CA LEU L 69 -40.98 6.49 -22.54
C LEU L 69 -41.06 8.02 -22.70
N ASP L 70 -41.00 8.74 -21.58
CA ASP L 70 -40.94 10.20 -21.57
C ASP L 70 -42.20 10.92 -22.14
N VAL L 71 -43.37 10.31 -22.01
CA VAL L 71 -44.62 10.96 -22.39
C VAL L 71 -45.67 10.77 -21.32
N PRO L 72 -46.71 11.63 -21.33
CA PRO L 72 -47.89 11.36 -20.49
C PRO L 72 -48.35 9.90 -20.60
N LEU L 73 -48.39 9.19 -19.47
CA LEU L 73 -48.73 7.78 -19.49
C LEU L 73 -50.03 7.45 -18.77
N VAL L 74 -50.11 7.79 -17.49
CA VAL L 74 -51.27 7.36 -16.71
C VAL L 74 -52.53 8.11 -17.11
N GLY L 75 -53.51 7.36 -17.58
CA GLY L 75 -54.76 7.94 -18.05
C GLY L 75 -54.77 8.09 -19.56
N GLU L 76 -53.78 7.51 -20.23
CA GLU L 76 -53.68 7.58 -21.68
C GLU L 76 -53.91 6.22 -22.33
N LYS L 77 -54.64 6.23 -23.45
CA LYS L 77 -54.80 5.03 -24.26
C LYS L 77 -53.41 4.57 -24.69
N TRP L 78 -53.08 3.33 -24.37
CA TRP L 78 -51.77 2.77 -24.68
C TRP L 78 -51.46 2.89 -26.16
N TYR L 79 -52.46 2.63 -26.99
CA TYR L 79 -52.28 2.69 -28.43
C TYR L 79 -51.90 4.10 -28.89
N SER L 80 -52.39 5.11 -28.16
CA SER L 80 -51.99 6.50 -28.41
C SER L 80 -50.52 6.69 -28.06
N VAL L 81 -50.18 6.26 -26.85
CA VAL L 81 -48.81 6.32 -26.32
C VAL L 81 -47.84 5.67 -27.28
N ILE L 82 -48.26 4.55 -27.86
CA ILE L 82 -47.43 3.84 -28.83
C ILE L 82 -47.09 4.74 -30.00
N GLN L 83 -48.04 5.61 -30.36
CA GLN L 83 -47.83 6.49 -31.49
C GLN L 83 -46.84 7.59 -31.17
N ILE L 84 -46.97 8.20 -30.00
CA ILE L 84 -46.14 9.35 -29.66
C ILE L 84 -44.80 8.97 -28.99
N ALA L 85 -44.66 7.74 -28.52
CA ALA L 85 -43.46 7.33 -27.76
C ALA L 85 -42.47 6.44 -28.54
N PHE L 86 -42.99 5.65 -29.48
CA PHE L 86 -42.14 4.72 -30.22
C PHE L 86 -41.81 5.24 -31.61
N ALA L 87 -40.62 4.88 -32.10
CA ALA L 87 -40.20 5.22 -33.45
C ALA L 87 -39.44 4.05 -34.03
N PRO L 88 -40.16 3.01 -34.43
CA PRO L 88 -39.57 1.79 -34.96
C PRO L 88 -38.62 2.10 -36.09
N ARG L 89 -37.43 1.50 -36.02
CA ARG L 89 -36.47 1.58 -37.10
C ARG L 89 -36.27 0.17 -37.67
N ASP L 90 -35.88 0.08 -38.93
CA ASP L 90 -35.85 -1.20 -39.63
C ASP L 90 -34.91 -2.22 -38.99
N ASP L 91 -33.86 -1.72 -38.35
CA ASP L 91 -32.84 -2.58 -37.75
C ASP L 91 -33.10 -2.88 -36.27
N ASP L 92 -34.35 -2.78 -35.85
CA ASP L 92 -34.69 -2.99 -34.44
C ASP L 92 -34.51 -4.44 -33.98
N GLY L 93 -34.72 -5.38 -34.90
CA GLY L 93 -34.68 -6.80 -34.56
C GLY L 93 -35.74 -7.18 -33.52
N HIS L 94 -35.31 -7.78 -32.42
CA HIS L 94 -36.21 -8.17 -31.33
C HIS L 94 -36.57 -6.98 -30.43
N GLU L 95 -36.02 -5.80 -30.75
CA GLU L 95 -36.28 -4.63 -29.92
C GLU L 95 -37.17 -3.65 -30.67
N ILE L 96 -37.45 -2.51 -30.05
CA ILE L 96 -38.19 -1.45 -30.70
C ILE L 96 -37.62 -0.10 -30.26
N SER L 97 -37.29 0.73 -31.24
CA SER L 97 -36.67 2.02 -30.97
C SER L 97 -37.66 3.00 -30.36
N LEU L 98 -37.19 3.78 -29.40
CA LEU L 98 -37.97 4.86 -28.82
C LEU L 98 -37.66 6.17 -29.51
N ARG L 99 -38.48 7.18 -29.24
CA ARG L 99 -38.34 8.50 -29.82
C ARG L 99 -36.97 9.12 -29.49
N ASN L 100 -36.38 8.67 -28.39
CA ASN L 100 -35.09 9.18 -27.92
C ASN L 100 -33.92 8.32 -28.40
N GLY L 101 -34.18 7.41 -29.33
CA GLY L 101 -33.14 6.60 -29.91
C GLY L 101 -32.84 5.30 -29.19
N ARG L 102 -33.20 5.21 -27.91
CA ARG L 102 -33.05 3.98 -27.15
C ARG L 102 -33.69 2.79 -27.83
N LYS L 103 -33.08 1.63 -27.68
CA LYS L 103 -33.70 0.40 -28.13
C LYS L 103 -34.06 -0.45 -26.92
N VAL L 104 -35.32 -0.89 -26.87
CA VAL L 104 -35.87 -1.54 -25.70
C VAL L 104 -36.57 -2.87 -26.04
N ARG L 105 -36.57 -3.80 -25.08
CA ARG L 105 -37.34 -5.02 -25.22
C ARG L 105 -38.66 -4.90 -24.50
N LEU L 106 -39.74 -5.25 -25.22
CA LEU L 106 -41.07 -5.28 -24.64
C LEU L 106 -41.49 -6.71 -24.36
N ALA L 107 -41.93 -6.96 -23.14
CA ALA L 107 -42.48 -8.27 -22.81
C ALA L 107 -43.92 -8.03 -22.38
N ILE L 108 -44.84 -8.53 -23.18
CA ILE L 108 -46.25 -8.27 -22.98
C ILE L 108 -46.93 -9.53 -22.47
N SER L 109 -47.73 -9.37 -21.42
CA SER L 109 -48.46 -10.48 -20.86
C SER L 109 -49.87 -10.01 -20.54
N ALA L 110 -50.82 -10.94 -20.64
CA ALA L 110 -52.20 -10.63 -20.35
C ALA L 110 -52.42 -10.83 -18.87
N SER L 111 -53.45 -10.18 -18.34
CA SER L 111 -53.82 -10.40 -16.96
C SER L 111 -55.34 -10.36 -16.83
N THR L 112 -55.82 -10.82 -15.68
CA THR L 112 -57.26 -10.93 -15.45
C THR L 112 -57.97 -9.59 -15.57
N THR L 113 -57.29 -8.54 -15.13
CA THR L 113 -57.89 -7.21 -15.08
C THR L 113 -57.23 -6.26 -16.05
N GLY L 114 -56.58 -6.82 -17.07
CA GLY L 114 -56.01 -6.01 -18.13
C GLY L 114 -54.78 -6.60 -18.81
N GLN L 115 -53.73 -5.79 -18.88
CA GLN L 115 -52.49 -6.15 -19.55
C GLN L 115 -51.28 -5.61 -18.82
N LEU L 116 -50.16 -6.29 -19.00
CA LEU L 116 -48.89 -5.89 -18.39
C LEU L 116 -47.80 -5.81 -19.46
N ILE L 117 -47.09 -4.69 -19.51
CA ILE L 117 -45.97 -4.55 -20.46
C ILE L 117 -44.67 -4.26 -19.72
N LEU L 118 -43.69 -5.15 -19.88
CA LEU L 118 -42.39 -4.95 -19.24
C LEU L 118 -41.37 -4.38 -20.24
N ILE L 119 -40.65 -3.36 -19.80
CA ILE L 119 -39.73 -2.66 -20.67
C ILE L 119 -38.30 -2.76 -20.18
N THR L 120 -37.43 -3.36 -20.98
CA THR L 120 -36.01 -3.39 -20.67
C THR L 120 -35.18 -2.54 -21.63
N ASP L 121 -34.40 -1.62 -21.08
CA ASP L 121 -33.46 -0.86 -21.90
C ASP L 121 -32.37 -1.77 -22.41
N LEU L 122 -32.26 -1.87 -23.74
CA LEU L 122 -31.23 -2.71 -24.35
C LEU L 122 -30.22 -1.90 -25.13
N THR L 123 -30.25 -0.58 -24.95
CA THR L 123 -29.38 0.28 -25.71
C THR L 123 -27.92 -0.11 -25.52
N GLU L 124 -27.52 -0.25 -24.27
CA GLU L 124 -26.12 -0.56 -23.96
C GLU L 124 -25.70 -1.89 -24.56
N THR L 125 -26.53 -2.91 -24.32
CA THR L 125 -26.27 -4.24 -24.85
C THR L 125 -26.15 -4.19 -26.38
N ARG L 126 -27.10 -3.53 -27.02
CA ARG L 126 -27.07 -3.40 -28.47
C ARG L 126 -25.85 -2.62 -28.94
N LEU L 127 -25.41 -1.64 -28.15
CA LEU L 127 -24.20 -0.90 -28.49
C LEU L 127 -23.03 -1.85 -28.61
N LEU L 128 -22.80 -2.65 -27.57
CA LEU L 128 -21.74 -3.64 -27.58
C LEU L 128 -21.80 -4.55 -28.81
N GLN L 129 -23.00 -5.05 -29.11
CA GLN L 129 -23.20 -5.97 -30.24
C GLN L 129 -22.83 -5.31 -31.58
N SER L 130 -23.05 -4.00 -31.66
CA SER L 130 -22.62 -3.22 -32.82
C SER L 130 -21.11 -3.04 -32.80
N ARG L 131 -20.54 -2.86 -31.62
CA ARG L 131 -19.11 -2.66 -31.47
C ARG L 131 -18.31 -3.86 -31.98
N ILE L 132 -18.87 -5.05 -31.84
CA ILE L 132 -18.26 -6.26 -32.37
C ILE L 132 -18.28 -6.26 -33.90
N SER L 133 -19.40 -5.81 -34.47
CA SER L 133 -19.55 -5.77 -35.93
C SER L 133 -18.62 -4.73 -36.58
N ASP L 134 -18.27 -3.69 -35.82
CA ASP L 134 -17.33 -2.69 -36.30
C ASP L 134 -15.93 -3.28 -36.50
N LEU L 135 -15.70 -4.42 -35.85
CA LEU L 135 -14.37 -5.00 -35.76
C LEU L 135 -14.02 -5.94 -36.92
N GLN L 136 -14.78 -5.86 -38.02
CA GLN L 136 -14.56 -6.76 -39.15
C GLN L 136 -14.65 -6.05 -40.50
N ARG L 137 -15.43 -4.98 -40.57
CA ARG L 137 -15.68 -4.27 -41.83
C ARG L 137 -15.03 -2.87 -41.83
#